data_8CJG
#
_entry.id   8CJG
#
_cell.length_a   122.326
_cell.length_b   122.326
_cell.length_c   87.163
_cell.angle_alpha   90.000
_cell.angle_beta   90.000
_cell.angle_gamma   90.000
#
_symmetry.space_group_name_H-M   'P 43'
#
loop_
_entity.id
_entity.type
_entity.pdbx_description
1 polymer AetF
2 non-polymer 'FLAVIN-ADENINE DINUCLEOTIDE'
3 non-polymer 7-bromo-L-tryptophan
4 non-polymer 1,2-ETHANEDIOL
5 non-polymer 'TRIETHYLENE GLYCOL'
6 non-polymer DI(HYDROXYETHYL)ETHER
7 water water
#
_entity_poly.entity_id   1
_entity_poly.type   'polypeptide(L)'
_entity_poly.pdbx_seq_one_letter_code
;GASGSGSGMLEVCIIGFGFSAIPLVRELARTQTEFQIISAESGSVWDRLSESGRLDFSLVSSFQTSFYSFDLVRDYEKDY
YPTAKQFYEMHERWRSVYEEKIIRDFVTKIENFKDYSLISTRSGKTYEAKHVVLATGFDRLMNTFLSNFDNHVSNKTFVF
DTMGDSANLLIAKLIPNNNKIILRTNGFTALDQEVQVLGKPFTLDQLESPNFRYVSSELYDRLMMSPVYPRTVNPAVSYN
QFPLIRRDFSWVDSKSSPPNGLIAIKYWPIDQYYYHFNDDLENYISKGYLLNDIAMWLHTGKVILVPSDTPINFDKKTIT
YAGIERSFHQYVKGDAEQPRLPTILINGETPFEYLYRDTFMGVIPQRLNNIYFLGYTRPFTGGLANITEMQSLFIHKLIT
QPQFHQKIHQNLSKRITAYNQHYYGAAKPRKHDHTVPFGFYTEDIARLIGIHYQPNECRSVRDLLFYYAFPNNAFKYRLK
GEYAVDGVDELIQKVNDKHDHYAQVFVQALSIRNMNSDEAAEWDHSARRFSFNDMRHKEGYRAFLDTYLKAYRQVENISV
DDTVVDEEWNFMVKEACQVRDKVAPNIEEKTHYSKDEDVNKGIRLILSILDSDISSLPDSNGSRGSGNLKEGDRLCKFEA
QSIEFIRRLLQPKNYELLFIRES
;
_entity_poly.pdbx_strand_id   A,B
#
loop_
_chem_comp.id
_chem_comp.type
_chem_comp.name
_chem_comp.formula
EDO non-polymer 1,2-ETHANEDIOL 'C2 H6 O2'
FAD non-polymer 'FLAVIN-ADENINE DINUCLEOTIDE' 'C27 H33 N9 O15 P2'
PEG non-polymer DI(HYDROXYETHYL)ETHER 'C4 H10 O3'
PGE non-polymer 'TRIETHYLENE GLYCOL' 'C6 H14 O4'
UV3 non-polymer 7-bromo-L-tryptophan 'C11 H11 Br N2 O2'
#
# COMPACT_ATOMS: atom_id res chain seq x y z
N MET A 9 -5.55 -35.14 -41.52
CA MET A 9 -6.05 -34.69 -40.22
C MET A 9 -6.49 -33.23 -40.27
N LEU A 10 -7.58 -32.93 -39.57
CA LEU A 10 -8.08 -31.57 -39.46
C LEU A 10 -7.02 -30.64 -38.88
N GLU A 11 -6.84 -29.47 -39.50
CA GLU A 11 -5.92 -28.49 -38.97
C GLU A 11 -6.51 -27.78 -37.75
N VAL A 12 -7.76 -27.35 -37.84
CA VAL A 12 -8.41 -26.58 -36.78
C VAL A 12 -9.81 -27.15 -36.55
N CYS A 13 -10.16 -27.38 -35.29
CA CYS A 13 -11.53 -27.66 -34.91
C CYS A 13 -11.96 -26.60 -33.91
N ILE A 14 -13.07 -25.93 -34.21
CA ILE A 14 -13.67 -24.95 -33.32
C ILE A 14 -14.90 -25.59 -32.70
N ILE A 15 -14.91 -25.72 -31.38
CA ILE A 15 -16.02 -26.30 -30.66
C ILE A 15 -16.84 -25.15 -30.07
N GLY A 16 -18.04 -24.96 -30.61
CA GLY A 16 -18.88 -23.86 -30.18
C GLY A 16 -18.89 -22.72 -31.17
N PHE A 17 -20.06 -22.40 -31.71
CA PHE A 17 -20.22 -21.26 -32.60
C PHE A 17 -21.44 -20.47 -32.15
N GLY A 18 -21.22 -19.28 -31.62
CA GLY A 18 -22.30 -18.38 -31.27
C GLY A 18 -21.96 -16.94 -31.64
N PHE A 19 -21.09 -16.34 -30.85
CA PHE A 19 -20.65 -14.97 -31.10
C PHE A 19 -19.15 -14.83 -31.05
N SER A 20 -18.48 -15.49 -30.11
CA SER A 20 -17.04 -15.30 -29.93
C SER A 20 -16.23 -15.84 -31.10
N ALA A 21 -16.69 -16.93 -31.73
CA ALA A 21 -15.93 -17.59 -32.78
C ALA A 21 -16.00 -16.88 -34.13
N ILE A 22 -16.94 -15.94 -34.30
CA ILE A 22 -17.13 -15.28 -35.60
C ILE A 22 -15.84 -14.67 -36.15
N PRO A 23 -15.10 -13.83 -35.41
CA PRO A 23 -13.92 -13.21 -36.02
C PRO A 23 -12.79 -14.19 -36.30
N LEU A 24 -12.71 -15.30 -35.56
CA LEU A 24 -11.68 -16.30 -35.84
C LEU A 24 -11.99 -17.06 -37.13
N VAL A 25 -13.26 -17.46 -37.31
CA VAL A 25 -13.66 -18.14 -38.53
C VAL A 25 -13.42 -17.26 -39.75
N ARG A 26 -13.58 -15.95 -39.60
N ARG A 26 -13.59 -15.94 -39.60
CA ARG A 26 -13.35 -15.03 -40.71
CA ARG A 26 -13.34 -15.03 -40.71
C ARG A 26 -11.89 -15.03 -41.12
C ARG A 26 -11.89 -15.04 -41.12
N GLU A 27 -10.97 -15.02 -40.15
CA GLU A 27 -9.55 -14.98 -40.48
C GLU A 27 -9.07 -16.32 -41.02
N LEU A 28 -9.61 -17.43 -40.51
CA LEU A 28 -9.22 -18.74 -41.03
C LEU A 28 -9.68 -18.94 -42.46
N ALA A 29 -10.86 -18.44 -42.80
CA ALA A 29 -11.33 -18.54 -44.18
C ALA A 29 -10.52 -17.63 -45.10
N ARG A 30 -10.04 -16.49 -44.60
CA ARG A 30 -9.26 -15.59 -45.42
C ARG A 30 -7.91 -16.19 -45.80
N THR A 31 -7.24 -16.83 -44.85
CA THR A 31 -6.01 -17.55 -45.13
C THR A 31 -6.26 -18.95 -45.68
N GLN A 32 -7.53 -19.29 -45.95
CA GLN A 32 -7.91 -20.60 -46.49
C GLN A 32 -7.35 -21.73 -45.63
N THR A 33 -7.38 -21.54 -44.32
CA THR A 33 -6.97 -22.57 -43.38
C THR A 33 -8.08 -23.60 -43.22
N GLU A 34 -7.70 -24.88 -43.22
CA GLU A 34 -8.66 -25.96 -43.06
C GLU A 34 -9.19 -25.95 -41.63
N PHE A 35 -10.50 -25.75 -41.48
CA PHE A 35 -11.12 -25.74 -40.17
C PHE A 35 -12.49 -26.40 -40.25
N GLN A 36 -12.96 -26.87 -39.09
CA GLN A 36 -14.29 -27.43 -38.95
C GLN A 36 -14.87 -26.95 -37.62
N ILE A 37 -16.14 -26.60 -37.63
CA ILE A 37 -16.86 -26.16 -36.44
C ILE A 37 -17.80 -27.26 -35.99
N ILE A 38 -17.84 -27.50 -34.68
CA ILE A 38 -18.83 -28.37 -34.07
C ILE A 38 -19.57 -27.55 -33.02
N SER A 39 -20.85 -27.30 -33.24
CA SER A 39 -21.67 -26.59 -32.27
C SER A 39 -23.00 -27.31 -32.12
N ALA A 40 -23.53 -27.30 -30.90
CA ALA A 40 -24.73 -28.09 -30.59
C ALA A 40 -25.97 -27.50 -31.24
N GLU A 41 -26.97 -28.36 -31.43
CA GLU A 41 -28.23 -27.91 -32.01
C GLU A 41 -29.03 -27.04 -31.04
N SER A 42 -28.83 -27.25 -29.73
CA SER A 42 -29.60 -26.50 -28.74
C SER A 42 -29.43 -24.99 -28.91
N GLY A 43 -28.20 -24.55 -29.20
CA GLY A 43 -27.95 -23.13 -29.36
C GLY A 43 -27.48 -22.48 -28.06
N SER A 44 -27.69 -21.17 -28.00
CA SER A 44 -27.22 -20.35 -26.89
C SER A 44 -28.42 -19.78 -26.13
N VAL A 45 -28.11 -18.94 -25.14
CA VAL A 45 -29.16 -18.32 -24.35
C VAL A 45 -29.99 -17.37 -25.22
N TRP A 46 -29.36 -16.75 -26.22
CA TRP A 46 -30.09 -15.87 -27.11
C TRP A 46 -31.10 -16.64 -27.95
N ASP A 47 -30.79 -17.90 -28.27
CA ASP A 47 -31.75 -18.75 -28.98
C ASP A 47 -32.95 -19.08 -28.09
N ARG A 48 -32.69 -19.45 -26.84
CA ARG A 48 -33.79 -19.74 -25.91
C ARG A 48 -34.63 -18.48 -25.66
N LEU A 49 -33.99 -17.34 -25.51
CA LEU A 49 -34.73 -16.09 -25.27
C LEU A 49 -35.52 -15.68 -26.50
N SER A 50 -35.04 -16.02 -27.70
CA SER A 50 -35.78 -15.71 -28.91
C SER A 50 -37.04 -16.55 -29.04
N GLU A 51 -36.95 -17.86 -28.74
CA GLU A 51 -38.11 -18.73 -28.89
C GLU A 51 -39.20 -18.41 -27.90
N SER A 52 -38.85 -17.88 -26.73
CA SER A 52 -39.82 -17.47 -25.73
C SER A 52 -40.22 -16.00 -25.84
N GLY A 53 -39.73 -15.30 -26.85
CA GLY A 53 -40.06 -13.88 -27.01
C GLY A 53 -39.54 -13.01 -25.89
N ARG A 54 -38.36 -13.34 -25.35
CA ARG A 54 -37.79 -12.63 -24.20
C ARG A 54 -36.50 -11.91 -24.56
N LEU A 55 -36.36 -11.49 -25.83
CA LEU A 55 -35.28 -10.61 -26.25
C LEU A 55 -35.70 -9.15 -26.17
N ASP A 56 -36.47 -8.79 -25.14
CA ASP A 56 -37.06 -7.47 -24.99
C ASP A 56 -36.23 -6.55 -24.10
N PHE A 57 -34.90 -6.67 -24.16
CA PHE A 57 -34.00 -5.81 -23.41
C PHE A 57 -32.90 -5.31 -24.34
N SER A 58 -32.07 -4.42 -23.81
N SER A 58 -32.07 -4.41 -23.81
CA SER A 58 -30.97 -3.82 -24.56
CA SER A 58 -30.98 -3.82 -24.58
C SER A 58 -29.64 -4.27 -23.98
C SER A 58 -29.64 -4.17 -23.94
N LEU A 59 -28.57 -3.93 -24.70
CA LEU A 59 -27.23 -4.25 -24.23
C LEU A 59 -26.73 -3.20 -23.25
N VAL A 60 -25.83 -3.62 -22.37
CA VAL A 60 -25.22 -2.73 -21.40
C VAL A 60 -23.95 -2.16 -22.00
N SER A 61 -23.71 -2.45 -23.27
CA SER A 61 -22.47 -2.14 -23.95
C SER A 61 -22.75 -1.42 -25.27
N SER A 62 -21.89 -0.47 -25.60
CA SER A 62 -22.11 0.38 -26.76
C SER A 62 -21.89 -0.38 -28.07
N PHE A 63 -22.54 0.11 -29.13
CA PHE A 63 -22.45 -0.51 -30.44
C PHE A 63 -21.00 -0.60 -30.92
N GLN A 64 -20.23 0.47 -30.73
CA GLN A 64 -18.86 0.52 -31.24
C GLN A 64 -17.93 -0.48 -30.55
N THR A 65 -18.30 -0.95 -29.35
CA THR A 65 -17.53 -1.98 -28.65
C THR A 65 -18.23 -3.33 -28.63
N SER A 66 -19.44 -3.44 -29.19
CA SER A 66 -20.20 -4.67 -29.13
C SER A 66 -20.36 -5.37 -30.46
N PHE A 67 -20.10 -4.70 -31.58
CA PHE A 67 -20.10 -5.31 -32.90
C PHE A 67 -18.69 -5.29 -33.46
N TYR A 68 -18.41 -6.24 -34.36
CA TYR A 68 -17.06 -6.43 -34.85
C TYR A 68 -16.71 -5.38 -35.91
N SER A 69 -15.40 -5.16 -36.08
CA SER A 69 -14.90 -4.13 -36.97
C SER A 69 -15.45 -4.29 -38.39
N PHE A 70 -15.47 -5.51 -38.90
CA PHE A 70 -15.94 -5.73 -40.27
C PHE A 70 -17.44 -5.45 -40.42
N ASP A 71 -18.19 -5.42 -39.33
CA ASP A 71 -19.57 -4.94 -39.37
C ASP A 71 -19.64 -3.42 -39.19
N LEU A 72 -18.78 -2.86 -38.33
CA LEU A 72 -18.83 -1.43 -38.05
C LEU A 72 -18.43 -0.59 -39.25
N VAL A 73 -17.52 -1.09 -40.10
CA VAL A 73 -17.08 -0.33 -41.25
C VAL A 73 -18.21 -0.12 -42.27
N ARG A 74 -19.26 -0.93 -42.22
N ARG A 74 -19.27 -0.92 -42.19
CA ARG A 74 -20.42 -0.77 -43.09
CA ARG A 74 -20.41 -0.78 -43.10
C ARG A 74 -21.57 -0.06 -42.42
C ARG A 74 -21.62 -0.14 -42.45
N ASP A 75 -21.83 -0.35 -41.14
CA ASP A 75 -23.06 0.06 -40.48
C ASP A 75 -22.91 1.19 -39.47
N TYR A 76 -21.69 1.54 -39.05
CA TYR A 76 -21.55 2.58 -38.04
C TYR A 76 -21.90 3.95 -38.62
N GLU A 77 -22.80 4.65 -37.94
CA GLU A 77 -23.10 6.05 -38.23
C GLU A 77 -23.19 6.91 -36.98
N LYS A 78 -23.31 6.32 -35.80
CA LYS A 78 -23.41 7.06 -34.55
C LYS A 78 -23.23 6.09 -33.39
N ASP A 79 -22.91 6.64 -32.22
CA ASP A 79 -22.88 5.87 -30.99
C ASP A 79 -24.29 5.61 -30.49
N TYR A 80 -24.55 4.38 -30.08
CA TYR A 80 -25.81 4.03 -29.46
C TYR A 80 -25.65 2.67 -28.78
N TYR A 81 -26.67 2.29 -28.02
CA TYR A 81 -26.68 1.00 -27.35
C TYR A 81 -27.63 0.06 -28.08
N PRO A 82 -27.12 -1.00 -28.69
CA PRO A 82 -28.01 -1.90 -29.45
C PRO A 82 -28.94 -2.68 -28.53
N THR A 83 -30.01 -3.19 -29.15
CA THR A 83 -30.96 -4.05 -28.46
C THR A 83 -30.47 -5.49 -28.49
N ALA A 84 -31.06 -6.32 -27.63
CA ALA A 84 -30.77 -7.75 -27.68
C ALA A 84 -31.20 -8.35 -29.01
N LYS A 85 -32.29 -7.84 -29.59
CA LYS A 85 -32.76 -8.34 -30.87
C LYS A 85 -31.76 -8.07 -31.98
N GLN A 86 -31.19 -6.85 -32.01
CA GLN A 86 -30.15 -6.53 -32.99
C GLN A 86 -28.91 -7.39 -32.77
N PHE A 87 -28.54 -7.60 -31.51
CA PHE A 87 -27.38 -8.42 -31.19
C PHE A 87 -27.57 -9.86 -31.68
N TYR A 88 -28.73 -10.45 -31.39
CA TYR A 88 -28.99 -11.83 -31.80
C TYR A 88 -29.11 -11.96 -33.31
N GLU A 89 -29.74 -10.98 -33.97
CA GLU A 89 -29.86 -11.03 -35.42
C GLU A 89 -28.50 -10.98 -36.10
N MET A 90 -27.53 -10.28 -35.51
CA MET A 90 -26.17 -10.30 -36.02
C MET A 90 -25.54 -11.67 -35.81
N HIS A 91 -25.84 -12.31 -34.67
CA HIS A 91 -25.41 -13.70 -34.46
C HIS A 91 -25.97 -14.62 -35.54
N GLU A 92 -27.25 -14.47 -35.86
CA GLU A 92 -27.89 -15.34 -36.84
C GLU A 92 -27.39 -15.08 -38.25
N ARG A 93 -27.14 -13.81 -38.58
CA ARG A 93 -26.66 -13.47 -39.92
C ARG A 93 -25.30 -14.10 -40.19
N TRP A 94 -24.43 -14.15 -39.18
CA TRP A 94 -23.12 -14.76 -39.35
C TRP A 94 -23.19 -16.28 -39.29
N ARG A 95 -24.10 -16.84 -38.48
CA ARG A 95 -24.29 -18.28 -38.49
C ARG A 95 -24.76 -18.77 -39.85
N SER A 96 -25.59 -17.96 -40.54
CA SER A 96 -26.03 -18.32 -41.88
C SER A 96 -24.87 -18.33 -42.87
N VAL A 97 -23.88 -17.47 -42.66
CA VAL A 97 -22.71 -17.45 -43.54
C VAL A 97 -21.88 -18.72 -43.37
N TYR A 98 -21.79 -19.22 -42.14
CA TYR A 98 -20.88 -20.31 -41.82
C TYR A 98 -21.59 -21.61 -41.46
N GLU A 99 -22.89 -21.72 -41.74
CA GLU A 99 -23.62 -22.94 -41.38
C GLU A 99 -23.07 -24.16 -42.12
N GLU A 100 -22.59 -23.96 -43.35
CA GLU A 100 -22.00 -25.06 -44.12
C GLU A 100 -20.77 -25.63 -43.45
N LYS A 101 -20.11 -24.87 -42.58
CA LYS A 101 -18.89 -25.31 -41.91
C LYS A 101 -19.14 -25.80 -40.49
N ILE A 102 -20.41 -25.95 -40.09
CA ILE A 102 -20.78 -26.32 -38.72
C ILE A 102 -21.39 -27.71 -38.75
N ILE A 103 -20.80 -28.61 -37.96
CA ILE A 103 -21.41 -29.91 -37.67
C ILE A 103 -22.25 -29.75 -36.40
N ARG A 104 -23.53 -30.08 -36.50
CA ARG A 104 -24.45 -29.93 -35.36
C ARG A 104 -24.33 -31.16 -34.46
N ASP A 105 -23.50 -31.04 -33.43
CA ASP A 105 -23.24 -32.12 -32.49
C ASP A 105 -22.70 -31.51 -31.20
N PHE A 106 -22.67 -32.32 -30.15
CA PHE A 106 -22.24 -31.87 -28.82
C PHE A 106 -20.96 -32.60 -28.43
N VAL A 107 -19.89 -31.83 -28.18
CA VAL A 107 -18.61 -32.39 -27.79
C VAL A 107 -18.64 -32.76 -26.31
N THR A 108 -18.28 -34.01 -26.01
CA THR A 108 -18.35 -34.56 -24.65
C THR A 108 -16.99 -34.76 -23.99
N LYS A 109 -15.93 -34.98 -24.78
CA LYS A 109 -14.61 -35.21 -24.22
C LYS A 109 -13.57 -34.78 -25.24
N ILE A 110 -12.46 -34.23 -24.75
CA ILE A 110 -11.29 -33.91 -25.55
C ILE A 110 -10.08 -34.55 -24.89
N GLU A 111 -9.40 -35.43 -25.62
CA GLU A 111 -8.16 -36.03 -25.16
C GLU A 111 -7.01 -35.31 -25.88
N ASN A 112 -6.22 -34.57 -25.12
CA ASN A 112 -5.17 -33.74 -25.67
C ASN A 112 -3.85 -34.48 -25.62
N PHE A 113 -3.13 -34.47 -26.74
CA PHE A 113 -1.81 -35.07 -26.81
C PHE A 113 -0.79 -34.00 -27.20
N LYS A 114 0.42 -34.45 -27.54
CA LYS A 114 1.51 -33.51 -27.75
C LYS A 114 1.32 -32.65 -29.00
N ASP A 115 0.59 -33.15 -29.98
CA ASP A 115 0.45 -32.41 -31.24
C ASP A 115 -0.98 -32.32 -31.73
N TYR A 116 -1.82 -33.31 -31.42
CA TYR A 116 -3.21 -33.30 -31.85
C TYR A 116 -4.12 -33.50 -30.64
N SER A 117 -5.42 -33.47 -30.88
CA SER A 117 -6.42 -33.70 -29.85
C SER A 117 -7.53 -34.59 -30.42
N LEU A 118 -7.97 -35.55 -29.61
CA LEU A 118 -9.06 -36.46 -29.99
C LEU A 118 -10.36 -35.95 -29.40
N ILE A 119 -11.33 -35.66 -30.26
CA ILE A 119 -12.58 -35.02 -29.86
C ILE A 119 -13.71 -36.05 -29.97
N SER A 120 -14.42 -36.25 -28.86
CA SER A 120 -15.55 -37.17 -28.81
C SER A 120 -16.84 -36.36 -28.75
N THR A 121 -17.91 -36.94 -29.29
CA THR A 121 -19.18 -36.25 -29.40
C THR A 121 -20.30 -37.11 -28.82
N ARG A 122 -21.45 -36.46 -28.62
CA ARG A 122 -22.62 -37.15 -28.09
C ARG A 122 -23.14 -38.21 -29.04
N SER A 123 -23.03 -37.97 -30.36
CA SER A 123 -23.47 -38.93 -31.36
C SER A 123 -22.54 -40.13 -31.48
N GLY A 124 -21.35 -40.08 -30.88
CA GLY A 124 -20.38 -41.14 -31.01
C GLY A 124 -19.32 -40.90 -32.06
N LYS A 125 -19.47 -39.86 -32.88
CA LYS A 125 -18.49 -39.57 -33.92
C LYS A 125 -17.25 -38.94 -33.31
N THR A 126 -16.08 -39.34 -33.82
CA THR A 126 -14.79 -38.91 -33.30
C THR A 126 -14.09 -38.03 -34.31
N TYR A 127 -13.41 -37.00 -33.82
CA TYR A 127 -12.69 -36.05 -34.67
C TYR A 127 -11.29 -35.83 -34.12
N GLU A 128 -10.32 -35.79 -35.03
CA GLU A 128 -8.95 -35.45 -34.70
C GLU A 128 -8.59 -34.10 -35.31
N ALA A 129 -7.87 -33.29 -34.54
CA ALA A 129 -7.48 -31.96 -35.00
C ALA A 129 -6.13 -31.60 -34.38
N LYS A 130 -5.32 -30.87 -35.14
CA LYS A 130 -4.05 -30.41 -34.59
C LYS A 130 -4.27 -29.24 -33.63
N HIS A 131 -5.12 -28.28 -34.01
CA HIS A 131 -5.44 -27.12 -33.18
C HIS A 131 -6.92 -27.18 -32.83
N VAL A 132 -7.23 -27.00 -31.55
CA VAL A 132 -8.60 -27.02 -31.07
C VAL A 132 -8.89 -25.69 -30.38
N VAL A 133 -10.02 -25.06 -30.75
CA VAL A 133 -10.46 -23.80 -30.15
C VAL A 133 -11.79 -24.05 -29.46
N LEU A 134 -11.88 -23.66 -28.20
CA LEU A 134 -13.13 -23.73 -27.44
C LEU A 134 -13.73 -22.33 -27.36
N ALA A 135 -14.95 -22.20 -27.87
CA ALA A 135 -15.72 -20.95 -27.82
C ALA A 135 -17.15 -21.28 -27.40
N THR A 136 -17.27 -21.95 -26.25
CA THR A 136 -18.53 -22.52 -25.79
C THR A 136 -19.30 -21.62 -24.84
N GLY A 137 -18.70 -20.53 -24.37
CA GLY A 137 -19.42 -19.61 -23.51
C GLY A 137 -19.50 -20.11 -22.08
N PHE A 138 -20.51 -19.59 -21.36
CA PHE A 138 -20.65 -19.80 -19.93
C PHE A 138 -22.04 -20.33 -19.61
N ASP A 139 -22.13 -21.04 -18.49
CA ASP A 139 -23.40 -21.42 -17.88
C ASP A 139 -23.71 -20.44 -16.76
N ARG A 140 -24.93 -19.93 -16.74
CA ARG A 140 -25.39 -19.04 -15.69
C ARG A 140 -26.78 -19.44 -15.27
N LEU A 141 -26.98 -19.60 -13.95
CA LEU A 141 -28.30 -19.95 -13.44
C LEU A 141 -29.28 -18.79 -13.61
N MET A 142 -28.78 -17.55 -13.52
CA MET A 142 -29.64 -16.39 -13.71
C MET A 142 -30.26 -16.37 -15.12
N ASN A 143 -29.62 -17.00 -16.09
CA ASN A 143 -30.19 -17.07 -17.44
C ASN A 143 -31.54 -17.78 -17.43
N THR A 144 -31.65 -18.89 -16.69
CA THR A 144 -32.92 -19.60 -16.63
C THR A 144 -33.96 -18.82 -15.83
N PHE A 145 -33.52 -18.09 -14.80
CA PHE A 145 -34.43 -17.24 -14.05
C PHE A 145 -35.03 -16.16 -14.96
N LEU A 146 -34.19 -15.52 -15.78
CA LEU A 146 -34.69 -14.57 -16.77
C LEU A 146 -35.63 -15.23 -17.78
N SER A 147 -35.35 -16.48 -18.15
CA SER A 147 -36.12 -17.16 -19.18
C SER A 147 -37.49 -17.63 -18.70
N ASN A 148 -37.71 -17.69 -17.39
CA ASN A 148 -38.98 -18.17 -16.84
C ASN A 148 -39.64 -17.10 -15.98
N PHE A 149 -39.22 -15.85 -16.11
CA PHE A 149 -39.72 -14.76 -15.27
C PHE A 149 -41.07 -14.27 -15.76
N ASP A 150 -42.02 -14.12 -14.83
CA ASP A 150 -43.34 -13.59 -15.14
C ASP A 150 -43.33 -12.08 -14.89
N ASN A 151 -43.39 -11.31 -15.97
CA ASN A 151 -43.29 -9.85 -15.88
C ASN A 151 -44.55 -9.20 -15.31
N HIS A 152 -45.57 -9.97 -14.97
CA HIS A 152 -46.84 -9.43 -14.50
C HIS A 152 -46.97 -9.43 -12.98
N VAL A 153 -45.95 -9.89 -12.25
CA VAL A 153 -46.02 -9.86 -10.80
C VAL A 153 -46.05 -8.41 -10.33
N SER A 154 -46.94 -8.11 -9.38
CA SER A 154 -47.20 -6.74 -8.99
C SER A 154 -47.43 -6.66 -7.48
N ASN A 155 -47.01 -5.53 -6.91
CA ASN A 155 -47.28 -5.20 -5.50
C ASN A 155 -46.72 -6.26 -4.56
N LYS A 156 -45.51 -6.73 -4.85
CA LYS A 156 -44.85 -7.75 -4.05
C LYS A 156 -43.47 -7.24 -3.62
N THR A 157 -42.84 -7.97 -2.72
CA THR A 157 -41.52 -7.64 -2.21
C THR A 157 -40.53 -8.70 -2.64
N PHE A 158 -39.40 -8.27 -3.16
CA PHE A 158 -38.35 -9.16 -3.64
C PHE A 158 -37.07 -8.90 -2.87
N VAL A 159 -36.37 -9.97 -2.51
CA VAL A 159 -35.11 -9.89 -1.78
C VAL A 159 -34.02 -10.42 -2.70
N PHE A 160 -33.03 -9.58 -2.99
CA PHE A 160 -31.87 -9.96 -3.77
C PHE A 160 -30.66 -10.03 -2.85
N ASP A 161 -29.92 -11.14 -2.92
CA ASP A 161 -28.66 -11.26 -2.19
C ASP A 161 -27.46 -10.93 -3.05
N THR A 162 -27.65 -10.80 -4.36
CA THR A 162 -26.58 -10.43 -5.30
C THR A 162 -27.06 -9.27 -6.15
N MET A 163 -26.11 -8.43 -6.56
CA MET A 163 -26.36 -7.37 -7.52
C MET A 163 -25.45 -7.54 -8.72
N GLY A 164 -26.00 -7.32 -9.91
CA GLY A 164 -25.27 -7.52 -11.14
C GLY A 164 -26.10 -7.02 -12.29
N ASP A 165 -25.57 -7.22 -13.51
CA ASP A 165 -26.29 -6.76 -14.68
C ASP A 165 -27.61 -7.51 -14.87
N SER A 166 -27.65 -8.80 -14.52
CA SER A 166 -28.89 -9.55 -14.65
C SER A 166 -29.87 -9.22 -13.54
N ALA A 167 -29.39 -9.04 -12.31
CA ALA A 167 -30.27 -8.60 -11.25
C ALA A 167 -30.82 -7.21 -11.52
N ASN A 168 -29.98 -6.31 -12.06
CA ASN A 168 -30.44 -4.97 -12.40
C ASN A 168 -31.50 -5.01 -13.49
N LEU A 169 -31.38 -5.95 -14.43
CA LEU A 169 -32.41 -6.11 -15.46
C LEU A 169 -33.73 -6.61 -14.87
N LEU A 170 -33.65 -7.54 -13.91
CA LEU A 170 -34.85 -8.02 -13.25
C LEU A 170 -35.51 -6.92 -12.44
N ILE A 171 -34.71 -6.08 -11.78
CA ILE A 171 -35.24 -4.96 -11.01
C ILE A 171 -35.89 -3.94 -11.93
N ALA A 172 -35.30 -3.71 -13.10
CA ALA A 172 -35.90 -2.80 -14.07
C ALA A 172 -37.27 -3.27 -14.51
N LYS A 173 -37.49 -4.57 -14.55
CA LYS A 173 -38.80 -5.13 -14.91
C LYS A 173 -39.76 -5.19 -13.73
N LEU A 174 -39.24 -5.16 -12.49
CA LEU A 174 -40.07 -5.25 -11.31
C LEU A 174 -40.54 -3.88 -10.81
N ILE A 175 -39.67 -2.87 -10.94
CA ILE A 175 -40.01 -1.53 -10.46
C ILE A 175 -41.33 -1.01 -11.00
N PRO A 176 -41.63 -1.07 -12.31
CA PRO A 176 -42.85 -0.43 -12.81
C PRO A 176 -44.15 -1.07 -12.33
N ASN A 177 -44.12 -2.29 -11.80
CA ASN A 177 -45.33 -2.94 -11.32
C ASN A 177 -45.51 -2.79 -9.80
N ASN A 178 -44.92 -1.73 -9.22
CA ASN A 178 -45.08 -1.41 -7.80
C ASN A 178 -44.44 -2.46 -6.90
N ASN A 179 -43.44 -3.18 -7.41
CA ASN A 179 -42.72 -4.15 -6.62
C ASN A 179 -41.60 -3.47 -5.83
N LYS A 180 -41.46 -3.85 -4.57
CA LYS A 180 -40.44 -3.29 -3.68
C LYS A 180 -39.23 -4.23 -3.65
N ILE A 181 -38.04 -3.64 -3.76
CA ILE A 181 -36.81 -4.41 -3.91
C ILE A 181 -35.95 -4.19 -2.68
N ILE A 182 -35.55 -5.27 -2.02
CA ILE A 182 -34.62 -5.23 -0.91
C ILE A 182 -33.31 -5.88 -1.37
N LEU A 183 -32.21 -5.15 -1.25
CA LEU A 183 -30.89 -5.65 -1.60
C LEU A 183 -30.13 -5.88 -0.30
N ARG A 184 -29.99 -7.14 0.10
CA ARG A 184 -29.09 -7.54 1.17
C ARG A 184 -27.70 -7.63 0.57
N THR A 185 -26.91 -6.58 0.74
CA THR A 185 -25.72 -6.38 -0.08
C THR A 185 -24.49 -6.13 0.77
N ASN A 186 -23.33 -6.48 0.20
CA ASN A 186 -22.03 -6.06 0.70
C ASN A 186 -21.39 -5.05 -0.25
N GLY A 187 -22.21 -4.33 -1.02
CA GLY A 187 -21.75 -3.31 -1.92
C GLY A 187 -21.76 -3.77 -3.37
N PHE A 188 -21.77 -2.78 -4.28
CA PHE A 188 -21.65 -3.05 -5.70
C PHE A 188 -21.21 -1.78 -6.42
N THR A 189 -20.55 -1.97 -7.56
CA THR A 189 -20.05 -0.88 -8.37
C THR A 189 -21.01 -0.66 -9.55
N ALA A 190 -21.66 0.50 -9.57
CA ALA A 190 -22.60 0.86 -10.62
C ALA A 190 -22.10 2.12 -11.33
N LEU A 191 -22.16 2.11 -12.66
CA LEU A 191 -21.65 3.19 -13.48
C LEU A 191 -22.67 3.57 -14.54
N ASP A 192 -22.91 4.87 -14.71
CA ASP A 192 -23.71 5.36 -15.81
C ASP A 192 -23.12 4.88 -17.13
N GLN A 193 -23.92 4.19 -17.94
CA GLN A 193 -23.43 3.70 -19.21
C GLN A 193 -23.30 4.82 -20.24
N GLU A 194 -23.91 5.97 -19.99
CA GLU A 194 -23.72 7.15 -20.80
C GLU A 194 -23.67 8.37 -19.90
N VAL A 195 -22.73 9.27 -20.17
CA VAL A 195 -22.50 10.44 -19.34
C VAL A 195 -22.50 11.68 -20.25
N GLN A 196 -22.45 12.85 -19.62
CA GLN A 196 -22.33 14.11 -20.33
C GLN A 196 -20.93 14.70 -20.12
N VAL A 197 -20.35 15.18 -21.22
CA VAL A 197 -19.11 15.94 -21.19
C VAL A 197 -19.43 17.30 -21.80
N LEU A 198 -19.50 18.32 -20.95
CA LEU A 198 -19.94 19.66 -21.36
C LEU A 198 -21.29 19.60 -22.07
N GLY A 199 -22.20 18.78 -21.52
CA GLY A 199 -23.53 18.62 -22.07
C GLY A 199 -23.66 17.58 -23.15
N LYS A 200 -22.58 17.24 -23.86
CA LYS A 200 -22.67 16.29 -24.97
C LYS A 200 -22.65 14.86 -24.43
N PRO A 201 -23.46 13.97 -25.00
CA PRO A 201 -23.53 12.60 -24.48
C PRO A 201 -22.32 11.77 -24.91
N PHE A 202 -21.77 11.02 -23.94
CA PHE A 202 -20.65 10.12 -24.17
C PHE A 202 -20.93 8.80 -23.47
N THR A 203 -20.88 7.70 -24.22
CA THR A 203 -20.89 6.39 -23.58
C THR A 203 -19.59 6.20 -22.82
N LEU A 204 -19.66 5.53 -21.67
CA LEU A 204 -18.54 5.52 -20.73
C LEU A 204 -17.29 4.91 -21.34
N ASP A 205 -17.44 3.98 -22.29
CA ASP A 205 -16.27 3.37 -22.93
C ASP A 205 -15.46 4.37 -23.75
N GLN A 206 -16.03 5.54 -24.04
CA GLN A 206 -15.36 6.57 -24.84
C GLN A 206 -14.37 7.40 -24.04
N LEU A 207 -14.42 7.34 -22.71
CA LEU A 207 -13.68 8.26 -21.86
C LEU A 207 -12.68 7.55 -20.97
N GLU A 208 -12.16 6.42 -21.43
CA GLU A 208 -11.26 5.61 -20.61
C GLU A 208 -9.79 5.81 -20.95
N SER A 209 -9.46 6.33 -22.14
CA SER A 209 -8.13 6.69 -22.62
C SER A 209 -7.05 5.79 -22.02
N PRO A 210 -7.13 4.48 -22.24
CA PRO A 210 -6.30 3.55 -21.43
C PRO A 210 -4.80 3.74 -21.57
N ASN A 211 -4.32 4.18 -22.74
CA ASN A 211 -2.88 4.25 -22.96
C ASN A 211 -2.18 5.29 -22.08
N PHE A 212 -2.92 6.12 -21.35
CA PHE A 212 -2.30 6.99 -20.36
C PHE A 212 -1.71 6.22 -19.18
N ARG A 213 -1.96 4.91 -19.09
CA ARG A 213 -1.26 4.09 -18.11
C ARG A 213 0.24 4.03 -18.40
N TYR A 214 0.64 4.28 -19.65
CA TYR A 214 2.05 4.28 -20.00
C TYR A 214 2.78 5.50 -19.46
N VAL A 215 2.05 6.58 -19.18
CA VAL A 215 2.67 7.74 -18.53
C VAL A 215 3.04 7.40 -17.10
N SER A 216 2.05 6.97 -16.31
CA SER A 216 2.26 6.47 -14.97
C SER A 216 0.98 5.78 -14.52
N SER A 217 1.13 4.69 -13.76
CA SER A 217 -0.05 4.03 -13.21
C SER A 217 -0.79 4.91 -12.21
N GLU A 218 -0.11 5.90 -11.61
CA GLU A 218 -0.75 6.79 -10.65
C GLU A 218 -1.63 7.82 -11.35
N LEU A 219 -1.15 8.40 -12.45
CA LEU A 219 -1.98 9.32 -13.22
C LEU A 219 -3.24 8.64 -13.73
N TYR A 220 -3.09 7.42 -14.27
CA TYR A 220 -4.25 6.71 -14.78
C TYR A 220 -5.16 6.25 -13.64
N ASP A 221 -4.59 6.00 -12.46
CA ASP A 221 -5.42 5.69 -11.30
C ASP A 221 -6.28 6.88 -10.91
N ARG A 222 -5.70 8.08 -10.88
CA ARG A 222 -6.46 9.28 -10.61
C ARG A 222 -7.44 9.61 -11.73
N LEU A 223 -7.22 9.04 -12.92
CA LEU A 223 -8.09 9.27 -14.06
C LEU A 223 -9.40 8.48 -13.99
N MET A 224 -9.43 7.40 -13.22
CA MET A 224 -10.49 6.41 -13.37
C MET A 224 -11.16 5.99 -12.06
N MET A 225 -10.44 6.03 -10.94
CA MET A 225 -10.84 5.25 -9.77
C MET A 225 -11.64 6.02 -8.74
N SER A 226 -11.78 7.34 -8.86
CA SER A 226 -12.61 8.07 -7.91
C SER A 226 -14.09 7.65 -7.92
N PRO A 227 -14.71 7.26 -9.03
CA PRO A 227 -16.09 6.76 -8.96
C PRO A 227 -16.22 5.35 -8.41
N VAL A 228 -15.13 4.63 -8.21
CA VAL A 228 -15.17 3.25 -7.72
C VAL A 228 -14.82 3.18 -6.24
N TYR A 229 -13.72 3.82 -5.85
CA TYR A 229 -13.24 3.89 -4.47
C TYR A 229 -13.80 5.12 -3.79
N PRO A 230 -14.11 5.05 -2.49
CA PRO A 230 -14.75 6.18 -1.79
C PRO A 230 -13.76 7.30 -1.50
N ARG A 231 -13.40 8.05 -2.54
CA ARG A 231 -12.32 9.03 -2.45
C ARG A 231 -12.82 10.46 -2.29
N THR A 232 -14.04 10.78 -2.72
CA THR A 232 -14.57 12.13 -2.58
C THR A 232 -15.52 12.21 -1.39
N VAL A 233 -15.52 13.36 -0.73
CA VAL A 233 -16.43 13.63 0.37
C VAL A 233 -17.64 14.40 -0.15
N ASN A 234 -17.75 14.52 -1.47
CA ASN A 234 -18.85 15.25 -2.08
C ASN A 234 -20.17 14.56 -1.73
N PRO A 235 -21.11 15.26 -1.10
CA PRO A 235 -22.36 14.60 -0.66
C PRO A 235 -23.30 14.23 -1.79
N ALA A 236 -22.97 14.57 -3.04
CA ALA A 236 -23.84 14.30 -4.19
C ALA A 236 -23.59 12.93 -4.83
N VAL A 237 -22.52 12.23 -4.45
CA VAL A 237 -22.20 10.93 -5.04
C VAL A 237 -22.93 9.85 -4.25
N SER A 238 -23.35 8.80 -4.97
CA SER A 238 -24.20 7.78 -4.37
C SER A 238 -23.50 7.03 -3.24
N TYR A 239 -22.18 6.82 -3.32
CA TYR A 239 -21.54 6.05 -2.25
C TYR A 239 -21.33 6.87 -0.98
N ASN A 240 -21.63 8.17 -1.00
CA ASN A 240 -21.70 8.95 0.23
C ASN A 240 -23.13 9.03 0.77
N GLN A 241 -24.13 9.00 -0.11
CA GLN A 241 -25.53 8.99 0.35
C GLN A 241 -25.98 7.60 0.78
N PHE A 242 -25.40 6.55 0.22
CA PHE A 242 -25.76 5.16 0.53
C PHE A 242 -24.48 4.38 0.75
N PRO A 243 -23.90 4.47 1.96
CA PRO A 243 -22.59 3.82 2.20
C PRO A 243 -22.63 2.30 2.12
N LEU A 244 -23.81 1.68 2.15
CA LEU A 244 -23.87 0.22 2.01
C LEU A 244 -23.59 -0.23 0.60
N ILE A 245 -23.48 0.70 -0.35
CA ILE A 245 -23.06 0.39 -1.71
C ILE A 245 -21.56 0.20 -1.83
N ARG A 246 -20.82 0.54 -0.77
CA ARG A 246 -19.36 0.40 -0.78
C ARG A 246 -18.95 -1.06 -0.65
N ARG A 247 -18.02 -1.48 -1.50
CA ARG A 247 -17.46 -2.82 -1.44
C ARG A 247 -16.14 -2.82 -0.68
N ASP A 248 -15.75 -4.01 -0.21
CA ASP A 248 -14.45 -4.23 0.40
C ASP A 248 -13.45 -4.56 -0.72
N PHE A 249 -12.54 -3.64 -1.00
CA PHE A 249 -11.55 -3.82 -2.05
C PHE A 249 -10.16 -4.12 -1.49
N SER A 250 -10.09 -4.66 -0.28
CA SER A 250 -8.79 -5.01 0.30
C SER A 250 -8.10 -6.14 -0.46
N TRP A 251 -8.80 -6.81 -1.36
CA TRP A 251 -8.18 -7.86 -2.17
C TRP A 251 -7.25 -7.30 -3.24
N VAL A 252 -7.43 -6.04 -3.63
CA VAL A 252 -6.62 -5.45 -4.69
C VAL A 252 -5.17 -5.35 -4.21
N ASP A 253 -4.25 -5.93 -4.99
CA ASP A 253 -2.82 -5.89 -4.67
C ASP A 253 -1.99 -5.49 -5.89
N SER A 254 -2.61 -5.01 -6.95
CA SER A 254 -1.89 -4.60 -8.15
C SER A 254 -1.86 -3.09 -8.25
N LYS A 255 -0.84 -2.57 -8.92
CA LYS A 255 -0.74 -1.14 -9.20
C LYS A 255 -1.37 -0.75 -10.52
N SER A 256 -1.87 -1.72 -11.29
CA SER A 256 -2.62 -1.45 -12.51
C SER A 256 -4.09 -1.25 -12.15
N SER A 257 -4.61 -0.06 -12.45
N SER A 257 -4.61 -0.06 -12.45
CA SER A 257 -5.99 0.30 -12.14
CA SER A 257 -6.00 0.25 -12.14
C SER A 257 -6.71 0.78 -13.39
C SER A 257 -6.70 0.78 -13.37
N PRO A 258 -8.00 0.47 -13.55
CA PRO A 258 -8.84 -0.39 -12.68
C PRO A 258 -8.38 -1.84 -12.69
N PRO A 259 -8.40 -2.48 -11.54
CA PRO A 259 -7.75 -3.80 -11.41
C PRO A 259 -8.50 -4.88 -12.16
N ASN A 260 -7.74 -5.85 -12.66
CA ASN A 260 -8.34 -7.10 -13.14
C ASN A 260 -9.15 -7.75 -12.03
N GLY A 261 -10.35 -8.20 -12.36
CA GLY A 261 -11.25 -8.77 -11.38
C GLY A 261 -12.32 -7.83 -10.88
N LEU A 262 -12.21 -6.54 -11.19
CA LEU A 262 -13.24 -5.58 -10.83
C LEU A 262 -14.41 -5.69 -11.79
N ILE A 263 -15.62 -5.79 -11.25
CA ILE A 263 -16.83 -5.85 -12.06
C ILE A 263 -17.68 -4.63 -11.75
N ALA A 264 -18.43 -4.18 -12.75
CA ALA A 264 -19.34 -3.06 -12.61
C ALA A 264 -20.61 -3.33 -13.40
N ILE A 265 -21.72 -2.79 -12.92
CA ILE A 265 -22.96 -2.81 -13.69
C ILE A 265 -23.08 -1.49 -14.44
N LYS A 266 -23.52 -1.57 -15.69
CA LYS A 266 -23.75 -0.41 -16.53
C LYS A 266 -25.24 -0.19 -16.66
N TYR A 267 -25.70 1.03 -16.37
CA TYR A 267 -27.13 1.30 -16.33
C TYR A 267 -27.42 2.64 -17.00
N TRP A 268 -28.67 2.80 -17.40
CA TRP A 268 -29.14 4.09 -17.91
C TRP A 268 -29.35 5.05 -16.76
N PRO A 269 -28.64 6.17 -16.70
CA PRO A 269 -29.05 7.26 -15.81
C PRO A 269 -30.32 7.88 -16.34
N ILE A 270 -31.21 8.28 -15.43
CA ILE A 270 -32.55 8.68 -15.84
C ILE A 270 -32.51 9.95 -16.68
N ASP A 271 -31.49 10.80 -16.48
CA ASP A 271 -31.41 12.03 -17.28
C ASP A 271 -31.01 11.71 -18.72
N GLN A 272 -30.11 10.75 -18.92
CA GLN A 272 -29.74 10.35 -20.29
C GLN A 272 -30.78 9.46 -20.92
N TYR A 273 -31.47 8.61 -20.14
CA TYR A 273 -32.60 7.86 -20.68
C TYR A 273 -33.68 8.80 -21.17
N TYR A 274 -33.98 9.85 -20.39
CA TYR A 274 -34.98 10.83 -20.80
C TYR A 274 -34.58 11.52 -22.09
N TYR A 275 -33.31 11.89 -22.22
CA TYR A 275 -32.82 12.58 -23.41
C TYR A 275 -33.07 11.77 -24.67
N HIS A 276 -32.89 10.45 -24.60
CA HIS A 276 -32.98 9.61 -25.79
C HIS A 276 -34.39 9.15 -26.09
N PHE A 277 -35.19 8.80 -25.08
CA PHE A 277 -36.38 8.00 -25.28
C PHE A 277 -37.69 8.66 -24.86
N ASN A 278 -37.67 9.92 -24.38
CA ASN A 278 -38.89 10.50 -23.85
C ASN A 278 -39.95 10.73 -24.92
N ASP A 279 -39.55 10.97 -26.16
CA ASP A 279 -40.50 11.34 -27.20
C ASP A 279 -41.17 10.14 -27.86
N ASP A 280 -40.80 8.92 -27.48
CA ASP A 280 -41.41 7.72 -28.01
C ASP A 280 -41.24 6.58 -27.02
N LEU A 281 -41.67 6.80 -25.77
CA LEU A 281 -41.38 5.89 -24.68
C LEU A 281 -41.86 4.48 -24.96
N GLU A 282 -43.14 4.33 -25.33
CA GLU A 282 -43.71 2.99 -25.51
C GLU A 282 -42.97 2.21 -26.58
N ASN A 283 -42.66 2.85 -27.70
CA ASN A 283 -41.91 2.16 -28.75
C ASN A 283 -40.51 1.80 -28.30
N TYR A 284 -39.83 2.72 -27.59
CA TYR A 284 -38.48 2.43 -27.11
C TYR A 284 -38.49 1.34 -26.05
N ILE A 285 -39.51 1.32 -25.19
CA ILE A 285 -39.63 0.27 -24.18
C ILE A 285 -39.87 -1.07 -24.85
N SER A 286 -40.76 -1.12 -25.84
CA SER A 286 -41.01 -2.36 -26.56
C SER A 286 -39.78 -2.82 -27.33
N LYS A 287 -38.94 -1.89 -27.77
CA LYS A 287 -37.70 -2.24 -28.45
C LYS A 287 -36.68 -2.85 -27.50
N GLY A 288 -36.81 -2.61 -26.19
CA GLY A 288 -35.92 -3.21 -25.23
C GLY A 288 -35.15 -2.19 -24.39
N TYR A 289 -35.47 -0.91 -24.56
CA TYR A 289 -34.79 0.15 -23.84
C TYR A 289 -35.53 0.39 -22.53
N LEU A 290 -35.02 -0.20 -21.45
CA LEU A 290 -35.67 -0.17 -20.15
C LEU A 290 -34.87 0.72 -19.20
N LEU A 291 -35.58 1.56 -18.46
CA LEU A 291 -34.93 2.40 -17.47
C LEU A 291 -34.49 1.54 -16.28
N ASN A 292 -33.19 1.53 -16.01
CA ASN A 292 -32.61 0.69 -14.98
C ASN A 292 -31.69 1.51 -14.08
N ASP A 293 -32.10 2.73 -13.76
CA ASP A 293 -31.28 3.64 -12.96
C ASP A 293 -31.34 3.19 -11.50
N ILE A 294 -30.36 2.36 -11.11
CA ILE A 294 -30.28 1.89 -9.74
C ILE A 294 -30.06 3.05 -8.78
N ALA A 295 -29.39 4.11 -9.23
CA ALA A 295 -29.24 5.29 -8.39
C ALA A 295 -30.56 6.00 -8.17
N MET A 296 -31.45 5.98 -9.18
CA MET A 296 -32.78 6.53 -9.03
C MET A 296 -33.65 5.67 -8.13
N TRP A 297 -33.46 4.34 -8.16
CA TRP A 297 -34.25 3.46 -7.31
C TRP A 297 -33.89 3.67 -5.84
N LEU A 298 -32.61 3.90 -5.55
CA LEU A 298 -32.19 4.21 -4.19
C LEU A 298 -32.67 5.59 -3.77
N HIS A 299 -32.66 6.55 -4.70
CA HIS A 299 -33.11 7.90 -4.40
C HIS A 299 -34.58 7.93 -3.99
N THR A 300 -35.42 7.20 -4.73
CA THR A 300 -36.86 7.18 -4.47
C THR A 300 -37.25 6.13 -3.44
N GLY A 301 -36.35 5.24 -3.06
CA GLY A 301 -36.67 4.21 -2.10
C GLY A 301 -37.32 2.98 -2.69
N LYS A 302 -37.43 2.89 -4.03
CA LYS A 302 -37.98 1.69 -4.63
C LYS A 302 -37.04 0.50 -4.46
N VAL A 303 -35.74 0.77 -4.33
CA VAL A 303 -34.76 -0.21 -3.88
C VAL A 303 -34.14 0.31 -2.60
N ILE A 304 -34.05 -0.53 -1.57
CA ILE A 304 -33.34 -0.19 -0.36
C ILE A 304 -32.19 -1.17 -0.17
N LEU A 305 -31.10 -0.68 0.41
CA LEU A 305 -29.95 -1.51 0.77
C LEU A 305 -30.01 -1.81 2.26
N VAL A 306 -29.86 -3.07 2.62
CA VAL A 306 -29.84 -3.47 4.02
C VAL A 306 -28.52 -4.19 4.29
N PRO A 307 -28.01 -4.18 5.51
CA PRO A 307 -26.78 -4.92 5.81
C PRO A 307 -26.94 -6.40 5.49
N SER A 308 -25.82 -7.03 5.11
CA SER A 308 -25.87 -8.41 4.66
C SER A 308 -26.33 -9.37 5.75
N ASP A 309 -26.14 -9.03 7.01
CA ASP A 309 -26.54 -9.90 8.11
C ASP A 309 -28.02 -9.79 8.46
N THR A 310 -28.80 -9.05 7.66
CA THR A 310 -30.22 -8.88 7.94
C THR A 310 -30.92 -10.24 7.94
N PRO A 311 -31.63 -10.59 9.02
CA PRO A 311 -32.13 -11.97 9.16
C PRO A 311 -33.30 -12.24 8.21
N ILE A 312 -33.24 -13.38 7.54
CA ILE A 312 -34.30 -13.85 6.65
C ILE A 312 -34.82 -15.17 7.20
N ASN A 313 -36.15 -15.28 7.31
CA ASN A 313 -36.81 -16.54 7.64
C ASN A 313 -37.33 -17.12 6.34
N PHE A 314 -36.61 -18.11 5.80
CA PHE A 314 -36.99 -18.70 4.53
C PHE A 314 -38.19 -19.63 4.67
N ASP A 315 -38.51 -20.06 5.89
CA ASP A 315 -39.71 -20.87 6.10
C ASP A 315 -40.97 -20.01 6.00
N LYS A 316 -40.98 -18.87 6.68
CA LYS A 316 -42.11 -17.95 6.64
C LYS A 316 -42.03 -16.96 5.49
N LYS A 317 -40.92 -16.93 4.76
CA LYS A 317 -40.68 -15.97 3.69
C LYS A 317 -40.86 -14.54 4.20
N THR A 318 -40.12 -14.22 5.27
CA THR A 318 -40.09 -12.89 5.84
C THR A 318 -38.64 -12.45 5.98
N ILE A 319 -38.45 -11.13 5.97
CA ILE A 319 -37.15 -10.52 6.26
C ILE A 319 -37.38 -9.43 7.30
N THR A 320 -36.57 -9.43 8.36
CA THR A 320 -36.78 -8.55 9.49
C THR A 320 -35.80 -7.37 9.41
N TYR A 321 -36.35 -6.17 9.19
CA TYR A 321 -35.55 -4.97 9.09
C TYR A 321 -36.38 -3.79 9.60
N ALA A 322 -35.71 -2.87 10.32
CA ALA A 322 -36.35 -1.71 10.91
C ALA A 322 -37.46 -2.10 11.88
N GLY A 323 -37.24 -3.18 12.63
CA GLY A 323 -38.25 -3.67 13.54
C GLY A 323 -39.49 -4.21 12.87
N ILE A 324 -39.42 -4.47 11.57
CA ILE A 324 -40.56 -4.93 10.78
C ILE A 324 -40.25 -6.31 10.22
N GLU A 325 -41.19 -7.24 10.38
CA GLU A 325 -41.10 -8.56 9.76
C GLU A 325 -41.77 -8.46 8.39
N ARG A 326 -40.98 -8.10 7.39
CA ARG A 326 -41.50 -7.87 6.04
C ARG A 326 -41.61 -9.19 5.28
N SER A 327 -42.82 -9.55 4.89
CA SER A 327 -43.02 -10.72 4.04
C SER A 327 -42.56 -10.41 2.62
N PHE A 328 -41.92 -11.39 1.98
CA PHE A 328 -41.47 -11.23 0.60
C PHE A 328 -42.03 -12.35 -0.26
N HIS A 329 -42.18 -12.05 -1.55
CA HIS A 329 -42.75 -12.97 -2.52
C HIS A 329 -41.71 -13.91 -3.11
N GLN A 330 -40.49 -13.44 -3.35
CA GLN A 330 -39.48 -14.24 -3.99
C GLN A 330 -38.09 -13.79 -3.54
N TYR A 331 -37.20 -14.76 -3.34
CA TYR A 331 -35.82 -14.53 -3.01
C TYR A 331 -34.96 -14.85 -4.23
N VAL A 332 -34.03 -13.95 -4.56
CA VAL A 332 -33.22 -14.06 -5.78
C VAL A 332 -31.75 -14.07 -5.38
N LYS A 333 -31.07 -15.17 -5.66
CA LYS A 333 -29.63 -15.31 -5.42
C LYS A 333 -28.96 -15.62 -6.74
N GLY A 334 -28.09 -14.73 -7.20
CA GLY A 334 -27.34 -14.97 -8.41
C GLY A 334 -26.27 -16.02 -8.23
N ASP A 335 -25.82 -16.57 -9.34
CA ASP A 335 -24.83 -17.63 -9.34
C ASP A 335 -23.52 -17.13 -9.93
N ALA A 336 -22.51 -18.00 -9.91
CA ALA A 336 -21.22 -17.73 -10.52
C ALA A 336 -21.17 -18.42 -11.88
N GLU A 337 -20.88 -17.63 -12.91
CA GLU A 337 -20.73 -18.19 -14.25
C GLU A 337 -19.52 -19.11 -14.32
N GLN A 338 -19.70 -20.26 -14.97
CA GLN A 338 -18.61 -21.18 -15.23
C GLN A 338 -18.54 -21.52 -16.71
N PRO A 339 -17.34 -21.63 -17.27
CA PRO A 339 -17.22 -21.93 -18.71
C PRO A 339 -17.81 -23.29 -19.03
N ARG A 340 -18.49 -23.37 -20.18
CA ARG A 340 -19.08 -24.62 -20.66
C ARG A 340 -17.96 -25.51 -21.21
N LEU A 341 -17.14 -26.01 -20.29
CA LEU A 341 -16.05 -26.78 -20.86
C LEU A 341 -16.35 -28.26 -20.81
N PRO A 342 -16.08 -28.98 -21.88
CA PRO A 342 -16.18 -30.44 -21.84
C PRO A 342 -15.02 -31.02 -21.03
N THR A 343 -15.10 -32.31 -20.77
CA THR A 343 -14.00 -33.00 -20.10
C THR A 343 -12.77 -32.97 -21.01
N ILE A 344 -11.66 -32.47 -20.47
CA ILE A 344 -10.39 -32.42 -21.19
C ILE A 344 -9.35 -33.18 -20.38
N LEU A 345 -8.70 -34.13 -21.03
CA LEU A 345 -7.74 -35.02 -20.37
C LEU A 345 -6.34 -34.68 -20.86
N ILE A 346 -5.47 -34.26 -19.94
CA ILE A 346 -4.08 -33.97 -20.28
C ILE A 346 -3.35 -35.27 -20.60
N ASN A 347 -2.71 -35.31 -21.76
CA ASN A 347 -2.05 -36.52 -22.27
C ASN A 347 -3.02 -37.70 -22.33
N GLY A 348 -4.32 -37.41 -22.46
CA GLY A 348 -5.33 -38.45 -22.43
C GLY A 348 -5.50 -39.15 -21.10
N GLU A 349 -4.94 -38.60 -20.03
CA GLU A 349 -4.94 -39.27 -18.74
C GLU A 349 -5.49 -38.40 -17.62
N THR A 350 -4.88 -37.24 -17.42
CA THR A 350 -5.13 -36.42 -16.23
C THR A 350 -6.22 -35.40 -16.52
N PRO A 351 -7.30 -35.38 -15.76
CA PRO A 351 -8.35 -34.38 -15.99
C PRO A 351 -7.83 -32.96 -15.86
N PHE A 352 -8.07 -32.15 -16.88
CA PHE A 352 -7.66 -30.76 -16.85
C PHE A 352 -8.62 -29.94 -16.00
N GLU A 353 -8.06 -29.06 -15.17
CA GLU A 353 -8.84 -28.21 -14.29
C GLU A 353 -8.63 -26.76 -14.72
N TYR A 354 -9.72 -26.09 -15.07
CA TYR A 354 -9.62 -24.73 -15.62
C TYR A 354 -9.28 -23.73 -14.52
N LEU A 355 -8.39 -22.80 -14.86
CA LEU A 355 -8.04 -21.69 -13.98
C LEU A 355 -7.59 -20.54 -14.86
N TYR A 356 -8.31 -19.41 -14.78
CA TYR A 356 -8.04 -18.30 -15.70
C TYR A 356 -6.59 -17.85 -15.62
N ARG A 357 -6.05 -17.71 -14.41
CA ARG A 357 -4.69 -17.22 -14.24
C ARG A 357 -3.64 -18.24 -14.64
N ASP A 358 -4.03 -19.48 -14.92
CA ASP A 358 -3.11 -20.48 -15.44
C ASP A 358 -3.11 -20.54 -16.96
N THR A 359 -3.85 -19.65 -17.61
CA THR A 359 -3.81 -19.46 -19.04
C THR A 359 -3.12 -18.13 -19.35
N PHE A 360 -2.61 -18.01 -20.57
CA PHE A 360 -1.98 -16.78 -21.03
C PHE A 360 -3.01 -15.95 -21.78
N MET A 361 -3.29 -14.75 -21.27
CA MET A 361 -4.25 -13.81 -21.85
C MET A 361 -5.66 -14.42 -21.93
N GLY A 362 -5.96 -15.39 -21.08
CA GLY A 362 -7.23 -16.07 -21.13
C GLY A 362 -7.42 -16.99 -22.31
N VAL A 363 -6.35 -17.25 -23.07
CA VAL A 363 -6.42 -17.96 -24.34
C VAL A 363 -5.67 -19.29 -24.28
N ILE A 364 -4.43 -19.27 -23.79
CA ILE A 364 -3.55 -20.42 -23.89
C ILE A 364 -3.41 -21.12 -22.54
N PRO A 365 -4.13 -22.23 -22.30
CA PRO A 365 -3.86 -23.02 -21.09
C PRO A 365 -2.51 -23.71 -21.21
N GLN A 366 -1.65 -23.49 -20.22
CA GLN A 366 -0.30 -24.00 -20.30
C GLN A 366 -0.19 -25.47 -19.94
N ARG A 367 -1.28 -26.08 -19.44
CA ARG A 367 -1.29 -27.51 -19.20
C ARG A 367 -1.62 -28.32 -20.44
N LEU A 368 -2.15 -27.69 -21.48
CA LEU A 368 -2.59 -28.36 -22.70
C LEU A 368 -1.69 -27.97 -23.86
N ASN A 369 -1.86 -28.68 -24.98
CA ASN A 369 -1.08 -28.43 -26.20
C ASN A 369 -2.04 -28.13 -27.35
N ASN A 370 -1.85 -26.96 -27.97
CA ASN A 370 -2.62 -26.56 -29.15
C ASN A 370 -4.12 -26.50 -28.87
N ILE A 371 -4.48 -26.11 -27.66
CA ILE A 371 -5.87 -25.84 -27.27
C ILE A 371 -5.97 -24.38 -26.89
N TYR A 372 -6.95 -23.69 -27.44
CA TYR A 372 -7.10 -22.25 -27.23
C TYR A 372 -8.51 -21.95 -26.73
N PHE A 373 -8.60 -21.00 -25.81
CA PHE A 373 -9.88 -20.57 -25.25
C PHE A 373 -10.25 -19.22 -25.83
N LEU A 374 -11.47 -19.14 -26.36
CA LEU A 374 -11.96 -17.93 -27.02
C LEU A 374 -13.30 -17.55 -26.40
N GLY A 375 -13.36 -16.38 -25.77
CA GLY A 375 -14.59 -15.88 -25.20
C GLY A 375 -14.74 -16.00 -23.70
N TYR A 376 -13.68 -16.35 -22.98
CA TYR A 376 -13.75 -16.52 -21.53
C TYR A 376 -13.15 -15.35 -20.77
N THR A 377 -12.60 -14.36 -21.46
CA THR A 377 -12.18 -13.11 -20.86
C THR A 377 -13.33 -12.12 -20.94
N ARG A 378 -13.67 -11.49 -19.81
N ARG A 378 -13.69 -11.51 -19.80
CA ARG A 378 -14.83 -10.60 -19.76
CA ARG A 378 -14.80 -10.59 -19.71
C ARG A 378 -14.37 -9.16 -19.71
C ARG A 378 -14.33 -9.15 -19.75
N PRO A 379 -14.97 -8.28 -20.52
CA PRO A 379 -14.60 -6.87 -20.49
C PRO A 379 -15.18 -6.16 -19.28
N PHE A 380 -14.35 -5.35 -18.62
CA PHE A 380 -14.82 -4.54 -17.51
C PHE A 380 -15.88 -3.55 -17.96
N THR A 381 -15.65 -2.88 -19.09
CA THR A 381 -16.65 -2.04 -19.72
C THR A 381 -16.69 -2.35 -21.21
N GLY A 382 -17.78 -1.96 -21.86
CA GLY A 382 -17.92 -2.21 -23.29
C GLY A 382 -18.34 -3.63 -23.59
N GLY A 383 -18.40 -3.94 -24.88
CA GLY A 383 -18.88 -5.22 -25.33
C GLY A 383 -17.80 -6.29 -25.39
N LEU A 384 -18.25 -7.54 -25.45
CA LEU A 384 -17.32 -8.67 -25.58
C LEU A 384 -16.58 -8.63 -26.91
N ALA A 385 -17.16 -8.01 -27.93
CA ALA A 385 -16.57 -8.00 -29.27
C ALA A 385 -15.12 -7.51 -29.25
N ASN A 386 -14.83 -6.46 -28.49
CA ASN A 386 -13.46 -5.96 -28.42
C ASN A 386 -12.49 -7.03 -27.95
N ILE A 387 -12.92 -7.84 -26.98
CA ILE A 387 -12.05 -8.89 -26.43
C ILE A 387 -11.92 -10.04 -27.42
N THR A 388 -13.06 -10.57 -27.89
CA THR A 388 -13.02 -11.75 -28.74
C THR A 388 -12.46 -11.46 -30.12
N GLU A 389 -12.57 -10.23 -30.61
CA GLU A 389 -11.94 -9.89 -31.88
C GLU A 389 -10.42 -9.90 -31.75
N MET A 390 -9.89 -9.35 -30.66
CA MET A 390 -8.44 -9.38 -30.45
C MET A 390 -7.97 -10.79 -30.11
N GLN A 391 -8.76 -11.54 -29.36
CA GLN A 391 -8.43 -12.94 -29.09
C GLN A 391 -8.39 -13.75 -30.38
N SER A 392 -9.31 -13.47 -31.30
CA SER A 392 -9.37 -14.23 -32.55
C SER A 392 -8.17 -13.97 -33.44
N LEU A 393 -7.64 -12.74 -33.45
CA LEU A 393 -6.42 -12.48 -34.18
C LEU A 393 -5.22 -13.14 -33.51
N PHE A 394 -5.20 -13.13 -32.18
CA PHE A 394 -4.15 -13.80 -31.43
C PHE A 394 -4.17 -15.31 -31.70
N ILE A 395 -5.36 -15.91 -31.65
CA ILE A 395 -5.48 -17.35 -31.90
C ILE A 395 -5.15 -17.67 -33.35
N HIS A 396 -5.64 -16.86 -34.28
CA HIS A 396 -5.36 -17.09 -35.70
C HIS A 396 -3.87 -17.03 -36.00
N LYS A 397 -3.16 -16.06 -35.41
CA LYS A 397 -1.73 -15.95 -35.62
C LYS A 397 -0.99 -17.13 -35.01
N LEU A 398 -1.43 -17.59 -33.84
CA LEU A 398 -0.85 -18.78 -33.23
C LEU A 398 -1.03 -20.01 -34.09
N ILE A 399 -2.17 -20.11 -34.78
CA ILE A 399 -2.50 -21.32 -35.53
C ILE A 399 -1.79 -21.33 -36.88
N THR A 400 -1.73 -20.18 -37.55
CA THR A 400 -1.27 -20.11 -38.93
C THR A 400 0.21 -19.78 -39.08
N GLN A 401 0.86 -19.28 -38.04
CA GLN A 401 2.26 -18.87 -38.12
C GLN A 401 3.06 -19.59 -37.04
N PRO A 402 3.83 -20.61 -37.42
CA PRO A 402 4.55 -21.40 -36.40
C PRO A 402 5.61 -20.61 -35.65
N GLN A 403 6.20 -19.59 -36.28
N GLN A 403 6.22 -19.60 -36.28
CA GLN A 403 7.23 -18.80 -35.60
CA GLN A 403 7.23 -18.81 -35.58
C GLN A 403 6.64 -17.95 -34.49
C GLN A 403 6.61 -18.01 -34.45
N PHE A 404 5.35 -17.58 -34.61
CA PHE A 404 4.68 -16.85 -33.55
C PHE A 404 4.19 -17.79 -32.46
N HIS A 405 3.65 -18.95 -32.86
CA HIS A 405 3.32 -19.99 -31.90
C HIS A 405 4.54 -20.34 -31.05
N GLN A 406 5.69 -20.53 -31.68
CA GLN A 406 6.92 -20.83 -30.95
C GLN A 406 7.33 -19.68 -30.04
N LYS A 407 7.24 -18.44 -30.55
CA LYS A 407 7.71 -17.29 -29.77
C LYS A 407 6.87 -17.10 -28.50
N ILE A 408 5.60 -17.46 -28.54
CA ILE A 408 4.74 -17.31 -27.37
C ILE A 408 4.94 -18.46 -26.38
N HIS A 409 5.08 -19.69 -26.90
CA HIS A 409 5.10 -20.85 -26.02
C HIS A 409 6.47 -21.16 -25.43
N GLN A 410 7.55 -20.64 -26.03
CA GLN A 410 8.89 -20.97 -25.57
C GLN A 410 9.11 -20.56 -24.12
N ASN A 411 8.47 -19.47 -23.68
CA ASN A 411 8.56 -18.98 -22.31
C ASN A 411 7.16 -18.72 -21.77
N LEU A 412 6.20 -19.58 -22.14
CA LEU A 412 4.81 -19.38 -21.77
C LEU A 412 4.63 -19.22 -20.27
N SER A 413 5.27 -20.09 -19.49
CA SER A 413 5.13 -20.03 -18.04
C SER A 413 5.65 -18.71 -17.48
N LYS A 414 6.74 -18.17 -18.05
CA LYS A 414 7.25 -16.89 -17.58
C LYS A 414 6.34 -15.74 -17.98
N ARG A 415 5.70 -15.84 -19.15
CA ARG A 415 4.75 -14.81 -19.57
C ARG A 415 3.55 -14.79 -18.64
N ILE A 416 3.08 -15.96 -18.21
CA ILE A 416 1.93 -16.04 -17.32
C ILE A 416 2.30 -15.50 -15.93
N THR A 417 3.49 -15.84 -15.44
CA THR A 417 3.94 -15.33 -14.16
C THR A 417 4.11 -13.81 -14.19
N ALA A 418 4.71 -13.28 -15.26
CA ALA A 418 4.89 -11.83 -15.37
C ALA A 418 3.55 -11.12 -15.52
N TYR A 419 2.61 -11.73 -16.24
CA TYR A 419 1.28 -11.15 -16.37
C TYR A 419 0.56 -11.11 -15.02
N ASN A 420 0.61 -12.22 -14.28
CA ASN A 420 -0.13 -12.32 -13.02
C ASN A 420 0.42 -11.36 -11.97
N GLN A 421 1.73 -11.20 -11.91
CA GLN A 421 2.32 -10.26 -10.97
C GLN A 421 1.94 -8.82 -11.32
N HIS A 422 1.79 -8.52 -12.61
CA HIS A 422 1.47 -7.16 -13.02
C HIS A 422 0.01 -6.82 -12.74
N TYR A 423 -0.90 -7.76 -12.99
CA TYR A 423 -2.33 -7.46 -12.90
C TYR A 423 -3.00 -7.96 -11.64
N TYR A 424 -2.39 -8.93 -10.94
CA TYR A 424 -2.96 -9.45 -9.70
C TYR A 424 -2.06 -9.30 -8.49
N GLY A 425 -0.76 -9.09 -8.68
CA GLY A 425 0.14 -9.00 -7.55
C GLY A 425 0.19 -10.31 -6.79
N ALA A 426 0.20 -10.20 -5.47
CA ALA A 426 0.23 -11.36 -4.59
C ALA A 426 -1.16 -11.84 -4.21
N ALA A 427 -2.21 -11.25 -4.79
CA ALA A 427 -3.57 -11.68 -4.53
C ALA A 427 -3.80 -13.10 -5.01
N LYS A 428 -4.51 -13.89 -4.21
CA LYS A 428 -4.85 -15.25 -4.60
C LYS A 428 -5.91 -15.23 -5.69
N PRO A 429 -5.99 -16.29 -6.50
CA PRO A 429 -6.98 -16.30 -7.59
C PRO A 429 -8.40 -16.14 -7.07
N ARG A 430 -9.18 -15.35 -7.79
CA ARG A 430 -10.56 -15.04 -7.45
C ARG A 430 -11.48 -15.51 -8.58
N LYS A 431 -12.77 -15.64 -8.26
CA LYS A 431 -13.71 -16.11 -9.26
C LYS A 431 -13.94 -15.09 -10.38
N HIS A 432 -13.61 -13.82 -10.14
CA HIS A 432 -13.78 -12.77 -11.14
C HIS A 432 -12.48 -12.42 -11.85
N ASP A 433 -11.43 -13.24 -11.73
CA ASP A 433 -10.14 -12.92 -12.32
C ASP A 433 -10.23 -12.65 -13.82
N HIS A 434 -11.20 -13.25 -14.50
CA HIS A 434 -11.32 -13.15 -15.95
C HIS A 434 -11.85 -11.80 -16.42
N THR A 435 -12.12 -10.86 -15.54
CA THR A 435 -12.62 -9.54 -15.94
C THR A 435 -11.43 -8.59 -16.08
N VAL A 436 -11.29 -8.00 -17.26
CA VAL A 436 -10.15 -7.11 -17.54
C VAL A 436 -10.66 -5.81 -18.13
N PRO A 437 -10.00 -4.68 -17.88
CA PRO A 437 -10.30 -3.46 -18.63
C PRO A 437 -10.03 -3.67 -20.12
N PHE A 438 -11.02 -3.35 -20.95
CA PHE A 438 -10.93 -3.71 -22.35
C PHE A 438 -9.80 -2.98 -23.07
N GLY A 439 -9.52 -1.72 -22.69
CA GLY A 439 -8.43 -0.99 -23.30
C GLY A 439 -7.06 -1.50 -22.92
N PHE A 440 -6.94 -2.19 -21.78
CA PHE A 440 -5.69 -2.85 -21.45
C PHE A 440 -5.53 -4.14 -22.24
N TYR A 441 -6.59 -4.94 -22.34
CA TYR A 441 -6.49 -6.25 -22.99
C TYR A 441 -6.23 -6.13 -24.48
N THR A 442 -6.99 -5.27 -25.17
CA THR A 442 -6.80 -5.10 -26.60
C THR A 442 -5.39 -4.59 -26.92
N GLU A 443 -4.87 -3.69 -26.08
CA GLU A 443 -3.52 -3.18 -26.28
C GLU A 443 -2.47 -4.25 -26.00
N ASP A 444 -2.68 -5.06 -24.97
CA ASP A 444 -1.75 -6.15 -24.68
C ASP A 444 -1.67 -7.12 -25.85
N ILE A 445 -2.83 -7.51 -26.40
CA ILE A 445 -2.85 -8.42 -27.54
C ILE A 445 -2.23 -7.76 -28.76
N ALA A 446 -2.48 -6.46 -28.95
CA ALA A 446 -1.90 -5.75 -30.09
C ALA A 446 -0.38 -5.77 -30.02
N ARG A 447 0.18 -5.56 -28.83
CA ARG A 447 1.63 -5.59 -28.68
C ARG A 447 2.18 -7.00 -28.82
N LEU A 448 1.42 -8.02 -28.42
CA LEU A 448 1.86 -9.40 -28.62
C LEU A 448 1.86 -9.76 -30.09
N ILE A 449 0.86 -9.29 -30.84
CA ILE A 449 0.75 -9.61 -32.26
C ILE A 449 1.69 -8.74 -33.09
N GLY A 450 1.88 -7.49 -32.69
CA GLY A 450 2.67 -6.56 -33.47
C GLY A 450 1.86 -5.58 -34.29
N ILE A 451 0.56 -5.46 -34.03
CA ILE A 451 -0.30 -4.50 -34.71
C ILE A 451 -0.53 -3.25 -33.85
N HIS A 452 0.29 -3.08 -32.81
CA HIS A 452 0.20 -1.93 -31.93
C HIS A 452 0.81 -0.69 -32.59
N TYR A 453 0.61 0.45 -31.96
CA TYR A 453 1.20 1.72 -32.36
C TYR A 453 2.32 2.10 -31.39
N GLN A 454 3.18 3.00 -31.85
CA GLN A 454 4.29 3.46 -31.03
C GLN A 454 4.08 4.91 -30.63
N PRO A 455 4.17 5.23 -29.32
CA PRO A 455 3.97 6.63 -28.92
C PRO A 455 5.08 7.55 -29.39
N ASN A 456 6.31 7.02 -29.55
CA ASN A 456 7.42 7.83 -30.03
C ASN A 456 7.32 8.17 -31.51
N GLU A 457 6.33 7.63 -32.22
CA GLU A 457 6.14 7.91 -33.63
C GLU A 457 5.05 8.93 -33.89
N CYS A 458 4.45 9.50 -32.86
CA CYS A 458 3.52 10.60 -33.05
C CYS A 458 4.29 11.86 -33.39
N ARG A 459 3.83 12.59 -34.41
CA ARG A 459 4.48 13.84 -34.80
C ARG A 459 3.65 15.07 -34.51
N SER A 460 2.33 14.98 -34.66
CA SER A 460 1.44 16.10 -34.37
C SER A 460 0.66 15.83 -33.10
N VAL A 461 -0.03 16.87 -32.62
CA VAL A 461 -0.93 16.71 -31.49
C VAL A 461 -2.08 15.78 -31.86
N ARG A 462 -2.51 15.82 -33.13
CA ARG A 462 -3.54 14.90 -33.60
C ARG A 462 -3.08 13.45 -33.50
N ASP A 463 -1.79 13.21 -33.72
CA ASP A 463 -1.25 11.85 -33.58
C ASP A 463 -1.30 11.40 -32.13
N LEU A 464 -0.96 12.29 -31.19
CA LEU A 464 -1.01 11.95 -29.77
C LEU A 464 -2.43 11.77 -29.28
N LEU A 465 -3.40 12.49 -29.87
CA LEU A 465 -4.80 12.25 -29.54
C LEU A 465 -5.22 10.85 -29.95
N PHE A 466 -4.85 10.43 -31.16
CA PHE A 466 -5.23 9.10 -31.62
C PHE A 466 -4.57 8.01 -30.78
N TYR A 467 -3.29 8.18 -30.43
CA TYR A 467 -2.62 7.16 -29.65
C TYR A 467 -3.23 7.05 -28.26
N TYR A 468 -3.29 8.16 -27.53
CA TYR A 468 -3.64 8.13 -26.13
C TYR A 468 -5.15 8.20 -25.87
N ALA A 469 -5.87 9.02 -26.63
CA ALA A 469 -7.26 9.33 -26.29
C ALA A 469 -8.28 8.53 -27.08
N PHE A 470 -7.98 8.16 -28.32
CA PHE A 470 -8.89 7.32 -29.09
C PHE A 470 -9.04 5.97 -28.40
N PRO A 471 -10.27 5.49 -28.18
CA PRO A 471 -10.46 4.25 -27.41
C PRO A 471 -9.79 3.06 -28.08
N ASN A 472 -9.21 2.19 -27.25
CA ASN A 472 -8.51 1.02 -27.74
C ASN A 472 -9.47 -0.08 -28.16
N ASN A 473 -10.43 0.25 -29.03
CA ASN A 473 -11.28 -0.76 -29.62
C ASN A 473 -10.47 -1.67 -30.53
N ALA A 474 -11.03 -2.84 -30.84
CA ALA A 474 -10.35 -3.78 -31.70
C ALA A 474 -10.02 -3.17 -33.05
N PHE A 475 -10.96 -2.41 -33.63
CA PHE A 475 -10.75 -1.85 -34.96
C PHE A 475 -9.67 -0.76 -34.97
N LYS A 476 -9.30 -0.22 -33.81
CA LYS A 476 -8.20 0.74 -33.77
C LYS A 476 -6.91 0.13 -34.30
N TYR A 477 -6.73 -1.17 -34.11
CA TYR A 477 -5.52 -1.86 -34.53
C TYR A 477 -5.67 -2.58 -35.86
N ARG A 478 -6.77 -2.33 -36.57
CA ARG A 478 -7.05 -2.99 -37.85
C ARG A 478 -7.15 -1.96 -38.97
N LEU A 479 -6.46 -0.82 -38.80
CA LEU A 479 -6.41 0.21 -39.84
C LEU A 479 -5.34 -0.11 -40.88
N LYS A 480 -4.16 -0.50 -40.42
CA LYS A 480 -3.08 -0.93 -41.29
C LYS A 480 -2.46 -2.17 -40.67
N GLY A 481 -1.62 -2.86 -41.44
CA GLY A 481 -0.86 -3.96 -40.90
C GLY A 481 -1.41 -5.32 -41.31
N GLU A 482 -1.00 -6.33 -40.56
N GLU A 482 -1.01 -6.33 -40.53
CA GLU A 482 -1.28 -7.71 -40.97
CA GLU A 482 -1.25 -7.72 -40.88
C GLU A 482 -2.75 -8.07 -40.87
C GLU A 482 -2.74 -8.05 -40.87
N TYR A 483 -3.49 -7.47 -39.94
CA TYR A 483 -4.91 -7.79 -39.74
C TYR A 483 -5.80 -6.58 -40.02
N ALA A 484 -5.47 -5.83 -41.06
CA ALA A 484 -6.24 -4.65 -41.40
C ALA A 484 -7.58 -5.04 -42.04
N VAL A 485 -8.62 -4.30 -41.69
CA VAL A 485 -9.95 -4.47 -42.26
C VAL A 485 -10.24 -3.26 -43.13
N ASP A 486 -10.73 -3.50 -44.35
CA ASP A 486 -11.05 -2.41 -45.26
C ASP A 486 -12.20 -1.57 -44.71
N GLY A 487 -12.04 -0.26 -44.78
CA GLY A 487 -13.05 0.67 -44.29
C GLY A 487 -12.79 1.21 -42.90
N VAL A 488 -11.72 0.75 -42.22
CA VAL A 488 -11.45 1.22 -40.88
C VAL A 488 -10.93 2.66 -40.92
N ASP A 489 -10.26 3.04 -42.00
CA ASP A 489 -9.80 4.42 -42.14
C ASP A 489 -10.98 5.39 -42.16
N GLU A 490 -12.02 5.07 -42.93
CA GLU A 490 -13.24 5.88 -42.89
C GLU A 490 -13.94 5.77 -41.54
N LEU A 491 -13.87 4.60 -40.90
CA LEU A 491 -14.51 4.40 -39.61
C LEU A 491 -13.83 5.22 -38.52
N ILE A 492 -12.49 5.18 -38.48
CA ILE A 492 -11.75 5.98 -37.50
C ILE A 492 -11.98 7.47 -37.75
N GLN A 493 -12.01 7.87 -39.01
CA GLN A 493 -12.26 9.27 -39.35
C GLN A 493 -13.65 9.70 -38.90
N LYS A 494 -14.66 8.88 -39.17
CA LYS A 494 -16.01 9.18 -38.74
C LYS A 494 -16.11 9.25 -37.22
N VAL A 495 -15.44 8.34 -36.52
CA VAL A 495 -15.47 8.35 -35.07
C VAL A 495 -14.73 9.55 -34.51
N ASN A 496 -13.60 9.92 -35.12
CA ASN A 496 -12.87 11.10 -34.67
C ASN A 496 -13.68 12.38 -34.84
N ASP A 497 -14.36 12.52 -35.98
CA ASP A 497 -15.09 13.75 -36.25
C ASP A 497 -16.30 13.89 -35.33
N LYS A 498 -16.86 12.78 -34.86
CA LYS A 498 -18.04 12.82 -34.01
C LYS A 498 -17.68 12.95 -32.53
N HIS A 499 -16.40 12.87 -32.18
CA HIS A 499 -15.98 12.93 -30.79
C HIS A 499 -14.92 14.01 -30.56
N ASP A 500 -14.77 14.94 -31.51
CA ASP A 500 -13.77 16.00 -31.43
C ASP A 500 -12.37 15.44 -31.23
N HIS A 501 -12.11 14.30 -31.87
CA HIS A 501 -10.82 13.62 -31.83
C HIS A 501 -10.41 13.25 -30.41
N TYR A 502 -11.39 13.13 -29.52
CA TYR A 502 -11.20 12.71 -28.13
C TYR A 502 -10.28 13.68 -27.37
N ALA A 503 -10.35 14.96 -27.72
CA ALA A 503 -9.57 15.95 -26.99
C ALA A 503 -10.08 16.13 -25.56
N GLN A 504 -11.38 15.90 -25.33
CA GLN A 504 -11.96 16.13 -24.02
C GLN A 504 -11.39 15.18 -22.97
N VAL A 505 -11.25 13.89 -23.31
CA VAL A 505 -10.68 12.95 -22.34
C VAL A 505 -9.18 13.11 -22.26
N PHE A 506 -8.55 13.55 -23.35
CA PHE A 506 -7.13 13.92 -23.32
C PHE A 506 -6.89 15.07 -22.35
N VAL A 507 -7.82 16.04 -22.31
CA VAL A 507 -7.67 17.21 -21.47
C VAL A 507 -7.83 16.86 -20.00
N GLN A 508 -8.59 15.81 -19.69
CA GLN A 508 -8.73 15.41 -18.29
C GLN A 508 -7.39 15.03 -17.69
N ALA A 509 -6.57 14.29 -18.43
CA ALA A 509 -5.21 13.99 -17.96
C ALA A 509 -4.39 15.26 -17.84
N LEU A 510 -4.60 16.22 -18.75
CA LEU A 510 -3.92 17.51 -18.65
C LEU A 510 -4.31 18.24 -17.38
N SER A 511 -5.59 18.15 -16.99
CA SER A 511 -6.10 18.94 -15.87
C SER A 511 -5.69 18.39 -14.51
N ILE A 512 -5.37 17.10 -14.42
CA ILE A 512 -5.04 16.47 -13.14
C ILE A 512 -3.57 16.05 -13.10
N ARG A 513 -2.74 16.59 -14.00
CA ARG A 513 -1.34 16.16 -14.09
C ARG A 513 -0.59 16.42 -12.78
N ASN A 514 -0.91 17.50 -12.08
CA ASN A 514 -0.20 17.89 -10.87
C ASN A 514 -1.02 17.64 -9.61
N MET A 515 -2.13 16.93 -9.71
CA MET A 515 -2.99 16.65 -8.56
C MET A 515 -2.62 15.34 -7.91
N ASN A 516 -2.87 15.23 -6.61
CA ASN A 516 -2.86 13.95 -5.93
C ASN A 516 -4.24 13.31 -6.03
N SER A 517 -4.36 12.08 -5.51
CA SER A 517 -5.60 11.33 -5.69
C SER A 517 -6.80 12.03 -5.05
N ASP A 518 -6.60 12.67 -3.91
CA ASP A 518 -7.70 13.39 -3.26
C ASP A 518 -8.12 14.62 -4.05
N GLU A 519 -7.15 15.35 -4.61
CA GLU A 519 -7.49 16.52 -5.40
C GLU A 519 -8.20 16.12 -6.69
N ALA A 520 -7.80 15.01 -7.29
CA ALA A 520 -8.47 14.54 -8.50
C ALA A 520 -9.88 14.04 -8.20
N ALA A 521 -10.07 13.41 -7.03
CA ALA A 521 -11.40 12.96 -6.64
C ALA A 521 -12.37 14.12 -6.50
N GLU A 522 -11.91 15.22 -5.90
CA GLU A 522 -12.77 16.39 -5.76
C GLU A 522 -12.96 17.10 -7.10
N TRP A 523 -11.93 17.12 -7.93
CA TRP A 523 -12.06 17.72 -9.25
C TRP A 523 -13.04 16.95 -10.11
N ASP A 524 -13.04 15.61 -9.99
CA ASP A 524 -13.97 14.80 -10.76
C ASP A 524 -15.42 15.16 -10.45
N HIS A 525 -15.72 15.45 -9.18
CA HIS A 525 -17.07 15.73 -8.74
C HIS A 525 -17.35 17.22 -8.62
N SER A 526 -16.44 18.07 -9.09
CA SER A 526 -16.67 19.50 -9.16
C SER A 526 -17.49 19.90 -10.38
N ALA A 527 -17.83 18.95 -11.25
CA ALA A 527 -18.64 19.24 -12.42
C ALA A 527 -20.11 19.39 -12.05
N ARG A 528 -20.84 20.15 -12.87
CA ARG A 528 -22.27 20.31 -12.67
C ARG A 528 -22.99 18.97 -12.72
N ARG A 529 -22.56 18.08 -13.61
CA ARG A 529 -22.98 16.68 -13.63
C ARG A 529 -21.71 15.84 -13.76
N PHE A 530 -21.23 15.29 -12.66
CA PHE A 530 -20.09 14.40 -12.81
C PHE A 530 -20.55 13.07 -13.38
N SER A 531 -19.60 12.34 -13.97
CA SER A 531 -19.92 11.24 -14.87
C SER A 531 -20.84 10.21 -14.23
N PHE A 532 -20.52 9.75 -13.02
CA PHE A 532 -21.13 8.55 -12.48
C PHE A 532 -21.81 8.84 -11.14
N ASN A 533 -23.06 8.40 -11.02
CA ASN A 533 -23.78 8.34 -9.75
C ASN A 533 -24.02 9.73 -9.15
N ASP A 534 -24.33 10.71 -9.99
CA ASP A 534 -24.65 12.04 -9.53
C ASP A 534 -26.11 12.08 -9.07
N MET A 535 -26.30 12.22 -7.75
CA MET A 535 -27.62 12.20 -7.14
C MET A 535 -28.33 13.54 -7.20
N ARG A 536 -27.72 14.57 -7.76
CA ARG A 536 -28.38 15.85 -7.95
C ARG A 536 -29.31 15.87 -9.16
N HIS A 537 -29.25 14.84 -10.01
CA HIS A 537 -30.03 14.83 -11.24
C HIS A 537 -31.01 13.67 -11.23
N LYS A 538 -31.73 13.50 -10.13
CA LYS A 538 -32.71 12.44 -9.96
C LYS A 538 -34.09 12.98 -9.61
N GLU A 539 -34.17 13.84 -8.60
CA GLU A 539 -35.45 14.39 -8.16
C GLU A 539 -36.18 15.07 -9.31
N GLY A 540 -35.45 15.77 -10.18
CA GLY A 540 -36.07 16.47 -11.29
C GLY A 540 -36.72 15.57 -12.32
N TYR A 541 -36.53 14.25 -12.21
CA TYR A 541 -37.08 13.29 -13.15
C TYR A 541 -38.14 12.41 -12.49
N ARG A 542 -38.70 12.86 -11.36
CA ARG A 542 -39.72 12.11 -10.66
C ARG A 542 -41.01 12.01 -11.45
N ALA A 543 -41.45 13.13 -12.04
CA ALA A 543 -42.67 13.12 -12.83
C ALA A 543 -42.48 12.29 -14.10
N PHE A 544 -41.31 12.40 -14.73
CA PHE A 544 -41.02 11.56 -15.89
C PHE A 544 -41.06 10.08 -15.54
N LEU A 545 -40.59 9.73 -14.33
CA LEU A 545 -40.63 8.33 -13.90
C LEU A 545 -42.06 7.81 -13.84
N ASP A 546 -42.99 8.62 -13.33
CA ASP A 546 -44.40 8.22 -13.34
C ASP A 546 -44.91 8.02 -14.75
N THR A 547 -44.53 8.92 -15.66
CA THR A 547 -44.86 8.73 -17.07
C THR A 547 -44.23 7.45 -17.61
N TYR A 548 -43.00 7.16 -17.19
CA TYR A 548 -42.33 5.94 -17.63
C TYR A 548 -43.05 4.70 -17.14
N LEU A 549 -43.40 4.67 -15.84
CA LEU A 549 -44.05 3.50 -15.27
C LEU A 549 -45.38 3.23 -15.96
N LYS A 550 -46.14 4.28 -16.29
CA LYS A 550 -47.38 4.10 -17.01
C LYS A 550 -47.13 3.59 -18.43
N ALA A 551 -46.13 4.13 -19.11
CA ALA A 551 -45.82 3.68 -20.46
C ALA A 551 -45.37 2.21 -20.46
N TYR A 552 -44.64 1.80 -19.43
CA TYR A 552 -44.22 0.41 -19.33
C TYR A 552 -45.43 -0.52 -19.20
N ARG A 553 -46.38 -0.18 -18.33
CA ARG A 553 -47.55 -1.03 -18.13
C ARG A 553 -48.42 -1.10 -19.37
N GLN A 554 -48.49 -0.02 -20.15
CA GLN A 554 -49.26 -0.06 -21.38
C GLN A 554 -48.61 -0.99 -22.41
N VAL A 555 -47.28 -0.96 -22.51
CA VAL A 555 -46.59 -1.84 -23.44
C VAL A 555 -46.78 -3.30 -23.04
N GLU A 556 -46.70 -3.59 -21.75
CA GLU A 556 -46.80 -4.95 -21.25
C GLU A 556 -48.24 -5.38 -20.98
N ASN A 557 -49.22 -4.51 -21.22
CA ASN A 557 -50.64 -4.83 -21.04
C ASN A 557 -50.94 -5.29 -19.62
N ILE A 558 -50.42 -4.54 -18.65
CA ILE A 558 -50.58 -4.86 -17.23
C ILE A 558 -51.48 -3.81 -16.60
N SER A 559 -52.31 -4.24 -15.66
CA SER A 559 -53.07 -3.35 -14.79
C SER A 559 -52.47 -3.45 -13.39
N VAL A 560 -52.00 -2.32 -12.87
CA VAL A 560 -51.34 -2.26 -11.57
C VAL A 560 -52.03 -1.21 -10.72
N ASP A 561 -52.54 -1.62 -9.56
CA ASP A 561 -53.11 -0.68 -8.60
C ASP A 561 -51.95 -0.07 -7.82
N ASP A 562 -51.60 1.17 -8.16
CA ASP A 562 -50.56 1.91 -7.45
C ASP A 562 -51.13 2.96 -6.51
N THR A 563 -52.36 2.77 -6.05
CA THR A 563 -52.97 3.69 -5.10
C THR A 563 -52.70 3.32 -3.65
N VAL A 564 -52.75 2.02 -3.32
CA VAL A 564 -52.57 1.57 -1.94
C VAL A 564 -51.17 1.92 -1.46
N VAL A 565 -51.09 2.80 -0.46
CA VAL A 565 -49.81 3.28 0.04
C VAL A 565 -49.24 2.26 1.02
N ASP A 566 -47.97 1.93 0.84
CA ASP A 566 -47.28 0.94 1.67
C ASP A 566 -46.56 1.67 2.79
N GLU A 567 -47.32 1.97 3.86
CA GLU A 567 -46.74 2.69 4.99
C GLU A 567 -45.64 1.88 5.65
N GLU A 568 -45.77 0.56 5.64
CA GLU A 568 -44.72 -0.30 6.18
C GLU A 568 -43.42 -0.15 5.38
N TRP A 569 -43.53 -0.09 4.05
CA TRP A 569 -42.35 0.09 3.21
C TRP A 569 -41.74 1.47 3.41
N ASN A 570 -42.57 2.52 3.48
CA ASN A 570 -42.06 3.86 3.71
C ASN A 570 -41.28 3.94 5.02
N PHE A 571 -41.72 3.19 6.04
CA PHE A 571 -40.98 3.15 7.30
C PHE A 571 -39.61 2.51 7.12
N MET A 572 -39.53 1.45 6.30
CA MET A 572 -38.24 0.80 6.05
C MET A 572 -37.32 1.67 5.20
N VAL A 573 -37.90 2.45 4.28
CA VAL A 573 -37.08 3.35 3.46
C VAL A 573 -36.45 4.43 4.32
N LYS A 574 -37.21 4.97 5.28
CA LYS A 574 -36.67 5.97 6.18
C LYS A 574 -35.51 5.42 7.01
N GLU A 575 -35.67 4.21 7.52
CA GLU A 575 -34.58 3.57 8.28
C GLU A 575 -33.36 3.34 7.40
N ALA A 576 -33.58 2.97 6.14
CA ALA A 576 -32.49 2.64 5.23
C ALA A 576 -31.77 3.87 4.67
N CYS A 577 -32.42 5.02 4.67
CA CYS A 577 -31.88 6.24 4.05
C CYS A 577 -31.54 7.31 5.08
N GLN A 578 -31.07 6.89 6.26
CA GLN A 578 -30.69 7.84 7.29
C GLN A 578 -29.47 8.63 6.88
N VAL A 579 -28.46 7.96 6.31
CA VAL A 579 -27.26 8.66 5.86
C VAL A 579 -27.59 9.61 4.72
N ARG A 580 -28.43 9.17 3.79
CA ARG A 580 -28.85 10.04 2.69
C ARG A 580 -29.49 11.32 3.22
N ASP A 581 -30.40 11.19 4.19
CA ASP A 581 -31.08 12.34 4.75
C ASP A 581 -30.17 13.24 5.56
N LYS A 582 -28.97 12.76 5.92
CA LYS A 582 -28.01 13.58 6.64
C LYS A 582 -27.01 14.27 5.70
N VAL A 583 -26.62 13.61 4.61
CA VAL A 583 -25.59 14.17 3.74
C VAL A 583 -26.18 14.96 2.57
N ALA A 584 -27.32 14.55 2.03
CA ALA A 584 -27.92 15.28 0.91
C ALA A 584 -28.25 16.73 1.23
N PRO A 585 -28.73 17.10 2.42
CA PRO A 585 -28.91 18.53 2.71
C PRO A 585 -27.61 19.34 2.65
N ASN A 586 -26.44 18.70 2.69
CA ASN A 586 -25.18 19.41 2.58
C ASN A 586 -24.78 19.73 1.15
N ILE A 587 -25.54 19.27 0.15
CA ILE A 587 -25.25 19.64 -1.23
C ILE A 587 -25.50 21.14 -1.40
N GLU A 588 -24.48 21.86 -1.85
CA GLU A 588 -24.54 23.32 -1.95
C GLU A 588 -24.40 23.75 -3.39
N GLU A 589 -25.20 24.74 -3.77
CA GLU A 589 -25.07 25.33 -5.10
C GLU A 589 -23.76 26.11 -5.21
N LYS A 590 -23.14 26.03 -6.37
CA LYS A 590 -21.84 26.64 -6.61
C LYS A 590 -21.92 27.62 -7.77
N THR A 591 -21.01 28.58 -7.77
CA THR A 591 -20.91 29.55 -8.85
C THR A 591 -19.99 29.08 -9.98
N HIS A 592 -18.92 28.36 -9.65
CA HIS A 592 -18.00 27.81 -10.63
C HIS A 592 -17.97 26.29 -10.51
N TYR A 593 -17.86 25.62 -11.64
CA TYR A 593 -17.72 24.17 -11.70
C TYR A 593 -16.34 23.88 -12.30
N SER A 594 -15.37 23.61 -11.43
CA SER A 594 -13.97 23.55 -11.83
C SER A 594 -13.73 22.62 -13.00
N LYS A 595 -14.25 21.39 -12.94
CA LYS A 595 -14.02 20.42 -14.00
C LYS A 595 -14.53 20.94 -15.36
N ASP A 596 -15.74 21.52 -15.38
CA ASP A 596 -16.29 22.00 -16.64
C ASP A 596 -15.46 23.13 -17.23
N GLU A 597 -15.01 24.06 -16.38
CA GLU A 597 -14.23 25.18 -16.87
C GLU A 597 -12.83 24.74 -17.29
N ASP A 598 -12.23 23.81 -16.55
CA ASP A 598 -10.90 23.32 -16.91
C ASP A 598 -10.93 22.51 -18.20
N VAL A 599 -11.97 21.68 -18.39
CA VAL A 599 -12.06 20.86 -19.59
C VAL A 599 -12.37 21.73 -20.80
N ASN A 600 -13.25 22.71 -20.65
CA ASN A 600 -13.55 23.63 -21.74
C ASN A 600 -12.33 24.44 -22.13
N LYS A 601 -11.52 24.84 -21.15
CA LYS A 601 -10.30 25.61 -21.44
C LYS A 601 -9.29 24.75 -22.17
N GLY A 602 -9.08 23.50 -21.71
CA GLY A 602 -8.09 22.64 -22.34
C GLY A 602 -8.47 22.26 -23.76
N ILE A 603 -9.76 22.02 -24.00
CA ILE A 603 -10.22 21.68 -25.35
C ILE A 603 -9.91 22.82 -26.31
N ARG A 604 -10.06 24.07 -25.85
CA ARG A 604 -9.72 25.21 -26.68
C ARG A 604 -8.25 25.17 -27.07
N LEU A 605 -7.38 24.83 -26.11
CA LEU A 605 -5.95 24.76 -26.38
C LEU A 605 -5.62 23.62 -27.34
N ILE A 606 -6.17 22.43 -27.10
CA ILE A 606 -5.81 21.26 -27.91
C ILE A 606 -6.28 21.46 -29.34
N LEU A 607 -7.51 21.93 -29.53
CA LEU A 607 -8.03 22.14 -30.88
C LEU A 607 -7.33 23.28 -31.60
N SER A 608 -6.62 24.16 -30.86
CA SER A 608 -5.89 25.24 -31.49
C SER A 608 -4.51 24.83 -32.01
N ILE A 609 -3.94 23.76 -31.47
CA ILE A 609 -2.63 23.27 -31.90
C ILE A 609 -2.77 21.86 -32.43
N LEU A 610 -3.95 21.53 -32.96
CA LEU A 610 -4.26 20.15 -33.34
C LEU A 610 -3.27 19.60 -34.36
N ASP A 611 -2.92 20.39 -35.37
CA ASP A 611 -2.08 19.91 -36.45
C ASP A 611 -0.62 20.35 -36.32
N SER A 612 -0.27 21.04 -35.23
N SER A 612 -0.27 21.03 -35.22
CA SER A 612 1.10 21.46 -35.02
CA SER A 612 1.11 21.46 -35.03
C SER A 612 1.97 20.26 -34.68
C SER A 612 1.99 20.29 -34.64
N ASP A 613 3.21 20.28 -35.16
CA ASP A 613 4.19 19.26 -34.78
C ASP A 613 4.67 19.53 -33.35
N ILE A 614 4.88 18.44 -32.59
CA ILE A 614 5.26 18.58 -31.20
C ILE A 614 6.60 19.29 -31.07
N SER A 615 7.49 19.12 -32.04
CA SER A 615 8.78 19.81 -32.01
C SER A 615 8.63 21.31 -32.19
N SER A 616 7.55 21.77 -32.82
CA SER A 616 7.36 23.20 -33.12
C SER A 616 6.57 23.92 -32.03
N LEU A 617 6.79 23.57 -30.77
CA LEU A 617 6.04 24.18 -29.67
C LEU A 617 6.97 24.74 -28.60
N CYS A 636 -0.01 32.01 -20.03
CA CYS A 636 1.21 31.53 -20.67
C CYS A 636 1.87 30.41 -19.87
N LYS A 637 1.19 29.94 -18.82
CA LYS A 637 1.72 28.90 -17.94
C LYS A 637 0.99 27.58 -18.07
N PHE A 638 -0.35 27.59 -17.92
CA PHE A 638 -1.13 26.39 -18.22
C PHE A 638 -0.78 25.83 -19.59
N GLU A 639 -0.62 26.72 -20.58
CA GLU A 639 -0.16 26.29 -21.90
C GLU A 639 1.27 25.76 -21.87
N ALA A 640 2.12 26.30 -20.99
CA ALA A 640 3.51 25.87 -20.96
C ALA A 640 3.65 24.50 -20.32
N GLN A 641 2.97 24.27 -19.19
CA GLN A 641 2.99 22.96 -18.56
C GLN A 641 2.23 21.92 -19.37
N SER A 642 1.32 22.35 -20.24
CA SER A 642 0.61 21.42 -21.10
C SER A 642 1.47 21.02 -22.29
N ILE A 643 2.22 21.97 -22.84
CA ILE A 643 3.14 21.62 -23.93
C ILE A 643 4.25 20.73 -23.42
N GLU A 644 4.72 20.96 -22.19
CA GLU A 644 5.69 20.05 -21.59
C GLU A 644 5.09 18.67 -21.36
N PHE A 645 3.83 18.62 -20.91
CA PHE A 645 3.16 17.33 -20.74
C PHE A 645 2.99 16.64 -22.09
N ILE A 646 2.68 17.40 -23.14
CA ILE A 646 2.50 16.81 -24.46
C ILE A 646 3.83 16.30 -25.01
N ARG A 647 4.93 17.03 -24.74
CA ARG A 647 6.23 16.59 -25.22
C ARG A 647 6.68 15.31 -24.53
N ARG A 648 6.43 15.21 -23.22
CA ARG A 648 6.77 13.99 -22.48
C ARG A 648 5.96 12.78 -22.93
N LEU A 649 4.84 12.99 -23.61
CA LEU A 649 4.03 11.87 -24.08
C LEU A 649 4.73 11.06 -25.16
N LEU A 650 5.74 11.63 -25.82
CA LEU A 650 6.46 10.89 -26.84
C LEU A 650 7.36 9.81 -26.26
N GLN A 651 7.69 9.90 -24.97
CA GLN A 651 8.54 8.92 -24.30
C GLN A 651 7.94 8.61 -22.93
N PRO A 652 6.89 7.79 -22.90
CA PRO A 652 6.29 7.39 -21.61
C PRO A 652 7.24 6.50 -20.83
N LYS A 653 7.23 6.67 -19.50
CA LYS A 653 8.16 5.98 -18.62
C LYS A 653 7.57 4.72 -18.00
N ASN A 654 6.29 4.43 -18.25
CA ASN A 654 5.64 3.23 -17.74
C ASN A 654 5.13 2.37 -18.89
N TYR A 655 5.92 2.28 -19.95
CA TYR A 655 5.52 1.55 -21.15
C TYR A 655 5.88 0.08 -21.08
N GLU A 656 6.72 -0.32 -20.14
CA GLU A 656 7.22 -1.70 -20.09
C GLU A 656 6.13 -2.64 -19.64
N LEU A 657 5.88 -3.68 -20.44
CA LEU A 657 5.00 -4.79 -20.09
C LEU A 657 5.82 -6.07 -20.23
N LEU A 658 6.15 -6.68 -19.09
CA LEU A 658 7.14 -7.75 -19.07
C LEU A 658 6.66 -9.01 -19.81
N PHE A 659 5.36 -9.30 -19.75
CA PHE A 659 4.84 -10.51 -20.38
C PHE A 659 4.85 -10.46 -21.90
N ILE A 660 5.20 -9.31 -22.49
CA ILE A 660 5.28 -9.22 -23.94
C ILE A 660 6.62 -9.78 -24.44
N ARG A 661 7.64 -9.76 -23.61
CA ARG A 661 8.98 -10.12 -24.03
C ARG A 661 9.16 -11.62 -24.16
N GLU A 662 9.98 -12.00 -25.15
CA GLU A 662 10.47 -13.37 -25.25
C GLU A 662 11.78 -13.44 -24.47
N SER A 663 11.91 -14.45 -23.62
CA SER A 663 13.08 -14.54 -22.75
C SER A 663 14.28 -15.15 -23.50
N MET B 9 21.84 -27.88 43.28
CA MET B 9 22.00 -27.26 41.97
C MET B 9 21.65 -25.77 42.02
N LEU B 10 22.44 -24.97 41.31
CA LEU B 10 22.16 -23.54 41.21
C LEU B 10 20.79 -23.29 40.61
N GLU B 11 20.07 -22.34 41.19
CA GLU B 11 18.78 -21.95 40.64
C GLU B 11 18.94 -21.10 39.38
N VAL B 12 19.85 -20.13 39.42
CA VAL B 12 20.04 -19.18 38.34
C VAL B 12 21.54 -19.03 38.08
N CYS B 13 21.95 -19.11 36.82
CA CYS B 13 23.30 -18.75 36.43
C CYS B 13 23.23 -17.65 35.38
N ILE B 14 23.94 -16.54 35.64
CA ILE B 14 24.04 -15.42 34.71
C ILE B 14 25.42 -15.46 34.08
N ILE B 15 25.46 -15.60 32.76
CA ILE B 15 26.70 -15.61 32.00
C ILE B 15 26.86 -14.25 31.34
N GLY B 16 27.82 -13.47 31.80
CA GLY B 16 28.04 -12.13 31.30
C GLY B 16 27.49 -11.07 32.24
N PHE B 17 28.36 -10.20 32.73
CA PHE B 17 27.94 -9.07 33.57
C PHE B 17 28.65 -7.81 33.08
N GLY B 18 27.89 -6.89 32.50
CA GLY B 18 28.43 -5.61 32.10
C GLY B 18 27.48 -4.47 32.43
N PHE B 19 26.42 -4.38 31.65
CA PHE B 19 25.37 -3.38 31.82
C PHE B 19 23.97 -3.98 31.81
N SER B 20 23.71 -4.94 30.93
CA SER B 20 22.37 -5.48 30.76
C SER B 20 21.93 -6.30 31.97
N ALA B 21 22.85 -6.99 32.64
CA ALA B 21 22.51 -7.88 33.73
C ALA B 21 22.22 -7.17 35.04
N ILE B 22 22.58 -5.88 35.15
CA ILE B 22 22.44 -5.16 36.43
C ILE B 22 21.02 -5.22 36.99
N PRO B 23 19.96 -4.86 36.25
CA PRO B 23 18.62 -4.88 36.86
C PRO B 23 18.10 -6.27 37.19
N LEU B 24 18.55 -7.30 36.47
CA LEU B 24 18.13 -8.67 36.81
C LEU B 24 18.77 -9.13 38.10
N VAL B 25 20.06 -8.86 38.29
CA VAL B 25 20.73 -9.21 39.53
C VAL B 25 20.08 -8.50 40.72
N ARG B 26 19.60 -7.27 40.50
N ARG B 26 19.60 -7.28 40.50
CA ARG B 26 18.94 -6.53 41.57
CA ARG B 26 18.94 -6.53 41.57
C ARG B 26 17.64 -7.21 41.99
C ARG B 26 17.64 -7.21 41.99
N GLU B 27 16.86 -7.71 41.02
CA GLU B 27 15.60 -8.36 41.36
C GLU B 27 15.84 -9.73 41.97
N LEU B 28 16.87 -10.44 41.51
CA LEU B 28 17.19 -11.74 42.08
C LEU B 28 17.70 -11.60 43.51
N ALA B 29 18.48 -10.54 43.77
CA ALA B 29 18.93 -10.28 45.14
C ALA B 29 17.78 -9.86 46.04
N ARG B 30 16.79 -9.16 45.49
CA ARG B 30 15.65 -8.71 46.29
C ARG B 30 14.80 -9.89 46.75
N THR B 31 14.50 -10.82 45.84
CA THR B 31 13.75 -12.02 46.19
C THR B 31 14.64 -13.10 46.80
N GLN B 32 15.92 -12.80 47.03
CA GLN B 32 16.87 -13.77 47.59
C GLN B 32 16.85 -15.07 46.80
N THR B 33 16.77 -14.94 45.48
CA THR B 33 16.88 -16.10 44.61
C THR B 33 18.35 -16.49 44.49
N GLU B 34 18.62 -17.78 44.58
CA GLU B 34 19.99 -18.27 44.48
C GLU B 34 20.49 -18.09 43.06
N PHE B 35 21.53 -17.28 42.89
CA PHE B 35 22.10 -17.03 41.57
C PHE B 35 23.61 -16.93 41.67
N GLN B 36 24.26 -17.17 40.53
CA GLN B 36 25.70 -17.01 40.40
C GLN B 36 26.01 -16.37 39.06
N ILE B 37 26.97 -15.45 39.05
CA ILE B 37 27.39 -14.75 37.83
C ILE B 37 28.74 -15.31 37.40
N ILE B 38 28.88 -15.53 36.10
CA ILE B 38 30.15 -15.88 35.47
C ILE B 38 30.41 -14.86 34.37
N SER B 39 31.44 -14.03 34.55
CA SER B 39 31.82 -13.06 33.53
C SER B 39 33.33 -13.07 33.37
N ALA B 40 33.77 -12.84 32.13
CA ALA B 40 35.18 -12.99 31.79
C ALA B 40 36.02 -11.86 32.39
N GLU B 41 37.30 -12.16 32.58
CA GLU B 41 38.24 -11.17 33.12
C GLU B 41 38.54 -10.06 32.11
N SER B 42 38.46 -10.37 30.81
CA SER B 42 38.75 -9.38 29.78
C SER B 42 37.87 -8.15 29.92
N GLY B 43 36.59 -8.35 30.19
CA GLY B 43 35.67 -7.24 30.30
C GLY B 43 34.96 -6.96 28.99
N SER B 44 34.50 -5.72 28.86
CA SER B 44 33.71 -5.27 27.73
C SER B 44 34.47 -4.23 26.92
N VAL B 45 33.80 -3.68 25.91
CA VAL B 45 34.42 -2.65 25.07
C VAL B 45 34.69 -1.39 25.88
N TRP B 46 33.85 -1.10 26.89
CA TRP B 46 34.07 0.08 27.72
C TRP B 46 35.33 -0.05 28.56
N ASP B 47 35.70 -1.29 28.94
CA ASP B 47 36.96 -1.50 29.63
C ASP B 47 38.15 -1.23 28.72
N ARG B 48 38.09 -1.73 27.48
CA ARG B 48 39.16 -1.48 26.52
C ARG B 48 39.29 0.00 26.21
N LEU B 49 38.17 0.69 26.03
CA LEU B 49 38.21 2.13 25.74
C LEU B 49 38.70 2.93 26.93
N SER B 50 38.45 2.45 28.16
CA SER B 50 38.95 3.15 29.34
C SER B 50 40.46 3.01 29.45
N GLU B 51 40.99 1.80 29.22
CA GLU B 51 42.41 1.57 29.36
C GLU B 51 43.20 2.25 28.24
N SER B 52 42.58 2.46 27.08
CA SER B 52 43.22 3.17 25.99
C SER B 52 42.94 4.67 26.02
N GLY B 53 42.22 5.16 27.04
CA GLY B 53 41.89 6.57 27.15
C GLY B 53 41.00 7.08 26.03
N ARG B 54 40.09 6.23 25.54
CA ARG B 54 39.23 6.58 24.41
C ARG B 54 37.75 6.61 24.81
N LEU B 55 37.46 6.95 26.07
CA LEU B 55 36.09 7.23 26.49
C LEU B 55 35.76 8.70 26.33
N ASP B 56 36.24 9.31 25.26
CA ASP B 56 36.10 10.75 25.02
C ASP B 56 34.94 11.08 24.10
N PHE B 57 33.85 10.33 24.20
CA PHE B 57 32.64 10.58 23.43
C PHE B 57 31.44 10.56 24.36
N SER B 58 30.28 10.89 23.81
CA SER B 58 29.05 10.93 24.58
C SER B 58 28.04 9.93 24.00
N LEU B 59 26.99 9.68 24.76
CA LEU B 59 25.98 8.73 24.35
C LEU B 59 25.06 9.34 23.30
N VAL B 60 24.50 8.47 22.45
CA VAL B 60 23.55 8.90 21.42
C VAL B 60 22.15 8.80 22.00
N SER B 61 22.06 8.50 23.29
CA SER B 61 20.82 8.21 23.97
C SER B 61 20.70 9.07 25.22
N SER B 62 19.49 9.51 25.52
CA SER B 62 19.27 10.44 26.63
C SER B 62 19.46 9.75 27.98
N PHE B 63 19.80 10.57 28.98
CA PHE B 63 20.03 10.07 30.32
C PHE B 63 18.83 9.31 30.86
N GLN B 64 17.62 9.85 30.63
CA GLN B 64 16.40 9.25 31.19
C GLN B 64 16.08 7.88 30.59
N THR B 65 16.62 7.58 29.40
CA THR B 65 16.41 6.28 28.78
C THR B 65 17.66 5.40 28.83
N SER B 66 18.77 5.90 29.37
CA SER B 66 20.03 5.19 29.38
C SER B 66 20.48 4.74 30.76
N PHE B 67 19.88 5.25 31.83
CA PHE B 67 20.18 4.79 33.17
C PHE B 67 18.94 4.14 33.77
N TYR B 68 19.17 3.24 34.73
CA TYR B 68 18.09 2.44 35.28
C TYR B 68 17.27 3.24 36.29
N SER B 69 16.01 2.80 36.47
CA SER B 69 15.07 3.52 37.33
C SER B 69 15.62 3.73 38.73
N PHE B 70 16.24 2.70 39.31
CA PHE B 70 16.74 2.81 40.67
C PHE B 70 17.90 3.79 40.79
N ASP B 71 18.55 4.14 39.67
CA ASP B 71 19.49 5.26 39.65
C ASP B 71 18.78 6.58 39.37
N LEU B 72 17.78 6.57 38.49
CA LEU B 72 17.11 7.81 38.10
C LEU B 72 16.34 8.43 39.25
N VAL B 73 15.80 7.60 40.16
CA VAL B 73 15.05 8.14 41.29
C VAL B 73 15.95 8.95 42.21
N ARG B 74 17.27 8.78 42.11
N ARG B 74 17.27 8.80 42.11
CA ARG B 74 18.23 9.51 42.92
CA ARG B 74 18.22 9.54 42.93
C ARG B 74 18.95 10.61 42.16
C ARG B 74 18.97 10.62 42.16
N ASP B 75 19.34 10.36 40.91
CA ASP B 75 20.23 11.24 40.17
C ASP B 75 19.56 12.08 39.09
N TYR B 76 18.33 11.77 38.69
CA TYR B 76 17.71 12.54 37.63
C TYR B 76 17.36 13.95 38.13
N GLU B 77 17.81 14.96 37.40
CA GLU B 77 17.42 16.34 37.65
C GLU B 77 17.05 17.10 36.37
N LYS B 78 17.42 16.60 35.20
CA LYS B 78 17.12 17.24 33.93
C LYS B 78 17.45 16.26 32.82
N ASP B 79 16.88 16.52 31.64
CA ASP B 79 17.23 15.76 30.44
C ASP B 79 18.58 16.24 29.93
N TYR B 80 19.44 15.29 29.58
CA TYR B 80 20.72 15.60 28.96
C TYR B 80 21.28 14.31 28.38
N TYR B 81 22.38 14.44 27.64
CA TYR B 81 23.03 13.27 27.07
C TYR B 81 24.30 12.95 27.86
N PRO B 82 24.36 11.83 28.56
CA PRO B 82 25.55 11.52 29.35
C PRO B 82 26.76 11.22 28.47
N THR B 83 27.94 11.33 29.08
CA THR B 83 29.18 11.01 28.41
C THR B 83 29.45 9.51 28.50
N ALA B 84 30.37 9.03 27.66
CA ALA B 84 30.80 7.64 27.76
C ALA B 84 31.45 7.37 29.11
N LYS B 85 32.18 8.36 29.65
CA LYS B 85 32.82 8.18 30.96
C LYS B 85 31.78 8.03 32.06
N GLN B 86 30.70 8.82 32.03
CA GLN B 86 29.64 8.66 33.01
C GLN B 86 28.96 7.31 32.87
N PHE B 87 28.75 6.86 31.63
CA PHE B 87 28.13 5.56 31.40
C PHE B 87 29.00 4.43 31.96
N TYR B 88 30.31 4.48 31.70
CA TYR B 88 31.20 3.44 32.18
C TYR B 88 31.32 3.45 33.70
N GLU B 89 31.34 4.64 34.31
CA GLU B 89 31.42 4.74 35.76
C GLU B 89 30.22 4.11 36.45
N MET B 90 29.03 4.20 35.83
CA MET B 90 27.87 3.53 36.38
C MET B 90 27.99 2.01 36.26
N HIS B 91 28.58 1.54 35.16
CA HIS B 91 28.89 0.12 35.03
C HIS B 91 29.82 -0.34 36.14
N GLU B 92 30.87 0.45 36.41
CA GLU B 92 31.85 0.07 37.42
C GLU B 92 31.27 0.16 38.82
N ARG B 93 30.42 1.15 39.07
CA ARG B 93 29.81 1.28 40.40
C ARG B 93 28.94 0.08 40.72
N TRP B 94 28.22 -0.45 39.72
CA TRP B 94 27.38 -1.62 39.95
C TRP B 94 28.20 -2.91 39.99
N ARG B 95 29.25 -3.01 39.18
CA ARG B 95 30.11 -4.18 39.25
C ARG B 95 30.75 -4.32 40.62
N SER B 96 31.08 -3.20 41.25
CA SER B 96 31.64 -3.24 42.60
C SER B 96 30.62 -3.74 43.62
N VAL B 97 29.34 -3.44 43.40
CA VAL B 97 28.31 -3.91 44.33
C VAL B 97 28.16 -5.41 44.24
N TYR B 98 28.28 -5.99 43.04
CA TYR B 98 28.00 -7.39 42.80
C TYR B 98 29.25 -8.20 42.47
N GLU B 99 30.45 -7.66 42.68
CA GLU B 99 31.67 -8.40 42.33
C GLU B 99 31.81 -9.67 43.14
N GLU B 100 31.37 -9.66 44.40
CA GLU B 100 31.44 -10.86 45.23
C GLU B 100 30.58 -12.00 44.69
N LYS B 101 29.61 -11.70 43.83
CA LYS B 101 28.74 -12.71 43.24
C LYS B 101 29.19 -13.12 41.85
N ILE B 102 30.37 -12.66 41.41
CA ILE B 102 30.87 -12.91 40.06
C ILE B 102 32.06 -13.84 40.15
N ILE B 103 31.98 -14.97 39.44
CA ILE B 103 33.13 -15.83 39.22
C ILE B 103 33.79 -15.39 37.92
N ARG B 104 35.07 -15.05 37.98
CA ARG B 104 35.80 -14.57 36.81
C ARG B 104 36.28 -15.77 36.00
N ASP B 105 35.50 -16.13 34.99
CA ASP B 105 35.80 -17.26 34.12
C ASP B 105 35.04 -17.06 32.81
N PHE B 106 35.40 -17.84 31.80
CA PHE B 106 34.83 -17.72 30.47
C PHE B 106 34.03 -18.98 30.15
N VAL B 107 32.74 -18.81 29.90
CA VAL B 107 31.87 -19.94 29.57
C VAL B 107 32.08 -20.33 28.12
N THR B 108 32.37 -21.61 27.89
CA THR B 108 32.68 -22.11 26.56
C THR B 108 31.59 -22.98 25.95
N LYS B 109 30.76 -23.62 26.76
CA LYS B 109 29.71 -24.48 26.25
C LYS B 109 28.56 -24.55 27.24
N ILE B 110 27.34 -24.61 26.70
CA ILE B 110 26.13 -24.84 27.50
C ILE B 110 25.39 -26.02 26.90
N GLU B 111 25.20 -27.07 27.71
CA GLU B 111 24.40 -28.23 27.30
C GLU B 111 23.03 -28.10 27.95
N ASN B 112 22.00 -27.86 27.13
CA ASN B 112 20.66 -27.59 27.63
C ASN B 112 19.85 -28.88 27.60
N PHE B 113 19.15 -29.14 28.69
CA PHE B 113 18.28 -30.31 28.81
C PHE B 113 16.86 -29.84 29.07
N LYS B 114 16.00 -30.77 29.50
CA LYS B 114 14.59 -30.42 29.62
C LYS B 114 14.32 -29.44 30.76
N ASP B 115 15.16 -29.41 31.78
CA ASP B 115 14.88 -28.53 32.91
C ASP B 115 16.11 -27.77 33.38
N TYR B 116 17.28 -28.34 33.15
CA TYR B 116 18.54 -27.74 33.60
C TYR B 116 19.51 -27.60 32.44
N SER B 117 20.66 -26.99 32.74
CA SER B 117 21.72 -26.79 31.77
C SER B 117 23.07 -27.08 32.40
N LEU B 118 23.94 -27.74 31.64
CA LEU B 118 25.30 -28.03 32.06
C LEU B 118 26.23 -26.98 31.44
N ILE B 119 26.93 -26.23 32.28
CA ILE B 119 27.73 -25.09 31.84
C ILE B 119 29.21 -25.43 32.01
N SER B 120 29.97 -25.29 30.93
CA SER B 120 31.41 -25.52 30.93
C SER B 120 32.14 -24.19 30.83
N THR B 121 33.34 -24.13 31.41
CA THR B 121 34.13 -22.91 31.46
C THR B 121 35.53 -23.16 30.97
N ARG B 122 36.26 -22.07 30.73
CA ARG B 122 37.63 -22.15 30.23
C ARG B 122 38.57 -22.78 31.25
N SER B 123 38.34 -22.56 32.54
CA SER B 123 39.19 -23.15 33.57
C SER B 123 38.97 -24.65 33.72
N GLY B 124 37.91 -25.19 33.14
CA GLY B 124 37.59 -26.59 33.26
C GLY B 124 36.54 -26.91 34.32
N LYS B 125 36.18 -25.93 35.15
CA LYS B 125 35.16 -26.15 36.16
C LYS B 125 33.77 -26.11 35.53
N THR B 126 32.90 -27.00 36.00
CA THR B 126 31.57 -27.18 35.45
C THR B 126 30.52 -26.72 36.46
N TYR B 127 29.45 -26.12 35.95
CA TYR B 127 28.37 -25.61 36.78
C TYR B 127 27.03 -26.11 36.24
N GLU B 128 26.15 -26.50 37.15
CA GLU B 128 24.79 -26.89 36.81
C GLU B 128 23.82 -25.86 37.34
N ALA B 129 22.85 -25.49 36.52
CA ALA B 129 21.87 -24.48 36.90
C ALA B 129 20.55 -24.80 36.24
N LYS B 130 19.46 -24.52 36.95
CA LYS B 130 18.14 -24.72 36.36
C LYS B 130 17.82 -23.63 35.34
N HIS B 131 18.12 -22.38 35.67
CA HIS B 131 17.87 -21.25 34.79
C HIS B 131 19.19 -20.60 34.40
N VAL B 132 19.37 -20.35 33.10
CA VAL B 132 20.57 -19.73 32.56
C VAL B 132 20.17 -18.46 31.83
N VAL B 133 20.85 -17.36 32.14
CA VAL B 133 20.63 -16.07 31.50
C VAL B 133 21.93 -15.65 30.80
N LEU B 134 21.83 -15.31 29.53
CA LEU B 134 22.96 -14.82 28.77
C LEU B 134 22.85 -13.30 28.63
N ALA B 135 23.88 -12.60 29.11
CA ALA B 135 23.96 -11.15 28.97
C ALA B 135 25.39 -10.80 28.55
N THR B 136 25.83 -11.39 27.44
CA THR B 136 27.22 -11.34 26.99
C THR B 136 27.49 -10.24 25.96
N GLY B 137 26.47 -9.59 25.43
CA GLY B 137 26.67 -8.50 24.50
C GLY B 137 27.00 -8.96 23.09
N PHE B 138 27.67 -8.06 22.36
CA PHE B 138 27.92 -8.22 20.93
C PHE B 138 29.40 -8.05 20.61
N ASP B 139 29.84 -8.68 19.53
CA ASP B 139 31.15 -8.44 18.93
C ASP B 139 30.99 -7.51 17.72
N ARG B 140 31.82 -6.48 17.66
CA ARG B 140 31.83 -5.55 16.53
C ARG B 140 33.26 -5.24 16.15
N LEU B 141 33.60 -5.37 14.86
CA LEU B 141 34.94 -5.02 14.41
C LEU B 141 35.15 -3.50 14.44
N MET B 142 34.09 -2.73 14.18
CA MET B 142 34.20 -1.27 14.26
C MET B 142 34.66 -0.82 15.64
N ASN B 143 34.40 -1.63 16.68
CA ASN B 143 34.89 -1.31 18.00
C ASN B 143 36.41 -1.22 18.03
N THR B 144 37.08 -2.17 17.35
CA THR B 144 38.54 -2.17 17.32
C THR B 144 39.07 -1.04 16.43
N PHE B 145 38.37 -0.73 15.33
CA PHE B 145 38.76 0.39 14.50
C PHE B 145 38.71 1.70 15.29
N LEU B 146 37.64 1.90 16.06
CA LEU B 146 37.58 3.06 16.93
C LEU B 146 38.71 3.05 17.96
N SER B 147 39.09 1.86 18.44
CA SER B 147 40.09 1.75 19.49
C SER B 147 41.51 1.97 18.99
N ASN B 148 41.73 1.90 17.67
CA ASN B 148 43.07 2.05 17.11
C ASN B 148 43.15 3.24 16.15
N PHE B 149 42.17 4.12 16.19
CA PHE B 149 42.10 5.23 15.24
C PHE B 149 43.02 6.36 15.68
N ASP B 150 43.82 6.88 14.75
CA ASP B 150 44.71 8.01 15.01
C ASP B 150 43.95 9.29 14.67
N ASN B 151 43.54 10.01 15.71
CA ASN B 151 42.71 11.20 15.57
C ASN B 151 43.46 12.43 15.06
N HIS B 152 44.77 12.32 14.80
CA HIS B 152 45.56 13.46 14.36
C HIS B 152 45.72 13.52 12.84
N VAL B 153 45.14 12.56 12.10
CA VAL B 153 45.24 12.59 10.65
C VAL B 153 44.54 13.82 10.10
N SER B 154 45.17 14.49 9.14
CA SER B 154 44.73 15.78 8.67
C SER B 154 44.92 15.89 7.15
N ASN B 155 44.02 16.64 6.52
CA ASN B 155 44.11 16.98 5.10
C ASN B 155 44.11 15.73 4.22
N LYS B 156 43.27 14.76 4.56
CA LYS B 156 43.17 13.51 3.83
C LYS B 156 41.72 13.28 3.40
N THR B 157 41.53 12.29 2.54
CA THR B 157 40.22 11.92 2.03
C THR B 157 39.87 10.53 2.53
N PHE B 158 38.65 10.36 3.02
CA PHE B 158 38.18 9.10 3.58
C PHE B 158 36.95 8.63 2.83
N VAL B 159 36.88 7.33 2.56
CA VAL B 159 35.75 6.71 1.86
C VAL B 159 35.07 5.75 2.83
N PHE B 160 33.79 6.00 3.10
CA PHE B 160 32.97 5.14 3.95
C PHE B 160 31.97 4.40 3.08
N ASP B 161 31.88 3.08 3.25
CA ASP B 161 30.83 2.28 2.61
C ASP B 161 29.65 2.02 3.54
N THR B 162 29.77 2.35 4.82
CA THR B 162 28.68 2.21 5.77
C THR B 162 28.50 3.52 6.52
N MET B 163 27.26 3.80 6.90
CA MET B 163 26.94 4.92 7.76
C MET B 163 26.22 4.40 9.00
N GLY B 164 26.59 4.95 10.15
CA GLY B 164 26.01 4.51 11.41
C GLY B 164 26.50 5.42 12.51
N ASP B 165 26.09 5.08 13.73
CA ASP B 165 26.49 5.91 14.87
C ASP B 165 28.00 5.86 15.08
N SER B 166 28.64 4.72 14.79
CA SER B 166 30.09 4.62 14.93
C SER B 166 30.81 5.33 13.79
N ALA B 167 30.31 5.18 12.56
CA ALA B 167 30.89 5.91 11.44
C ALA B 167 30.70 7.41 11.59
N ASN B 168 29.52 7.84 12.05
CA ASN B 168 29.28 9.26 12.28
C ASN B 168 30.21 9.82 13.35
N LEU B 169 30.55 9.01 14.35
CA LEU B 169 31.51 9.43 15.36
C LEU B 169 32.90 9.59 14.76
N LEU B 170 33.30 8.67 13.87
CA LEU B 170 34.58 8.78 13.19
C LEU B 170 34.62 10.02 12.30
N ILE B 171 33.51 10.33 11.64
CA ILE B 171 33.45 11.52 10.80
C ILE B 171 33.54 12.77 11.68
N ALA B 172 32.93 12.75 12.86
CA ALA B 172 33.02 13.88 13.78
C ALA B 172 34.46 14.14 14.20
N LYS B 173 35.28 13.10 14.30
CA LYS B 173 36.69 13.27 14.64
C LYS B 173 37.54 13.65 13.45
N LEU B 174 37.07 13.39 12.23
CA LEU B 174 37.83 13.69 11.03
C LEU B 174 37.55 15.08 10.49
N ILE B 175 36.31 15.56 10.59
CA ILE B 175 35.93 16.87 10.05
C ILE B 175 36.86 18.00 10.52
N PRO B 176 37.17 18.14 11.81
CA PRO B 176 37.92 19.33 12.25
C PRO B 176 39.37 19.38 11.76
N ASN B 177 39.93 18.28 11.27
CA ASN B 177 41.31 18.27 10.78
C ASN B 177 41.39 18.42 9.26
N ASN B 178 40.37 19.03 8.66
CA ASN B 178 40.35 19.34 7.23
C ASN B 178 40.30 18.08 6.37
N ASN B 179 39.76 16.99 6.91
CA ASN B 179 39.61 15.75 6.17
C ASN B 179 38.31 15.75 5.38
N LYS B 180 38.38 15.27 4.14
CA LYS B 180 37.22 15.20 3.26
C LYS B 180 36.62 13.81 3.30
N ILE B 181 35.29 13.73 3.42
CA ILE B 181 34.58 12.48 3.64
C ILE B 181 33.70 12.20 2.43
N ILE B 182 33.89 11.03 1.83
CA ILE B 182 33.06 10.54 0.74
C ILE B 182 32.25 9.35 1.26
N LEU B 183 30.93 9.43 1.13
CA LEU B 183 30.03 8.36 1.53
C LEU B 183 29.48 7.66 0.30
N ARG B 184 29.96 6.45 0.02
CA ARG B 184 29.34 5.56 -0.96
C ARG B 184 28.15 4.92 -0.27
N THR B 185 26.95 5.44 -0.54
CA THR B 185 25.79 5.11 0.28
C THR B 185 24.63 4.67 -0.58
N ASN B 186 23.79 3.80 0.00
CA ASN B 186 22.46 3.49 -0.50
C ASN B 186 21.39 4.08 0.41
N GLY B 187 21.74 5.15 1.11
CA GLY B 187 20.83 5.85 1.99
C GLY B 187 21.09 5.54 3.46
N PHE B 188 20.61 6.44 4.32
CA PHE B 188 20.67 6.22 5.76
C PHE B 188 19.66 7.13 6.44
N THR B 189 19.21 6.70 7.62
CA THR B 189 18.23 7.45 8.41
C THR B 189 18.97 8.16 9.54
N ALA B 190 18.98 9.50 9.49
CA ALA B 190 19.61 10.32 10.52
C ALA B 190 18.57 11.22 11.16
N LEU B 191 18.61 11.32 12.48
CA LEU B 191 17.63 12.08 13.24
C LEU B 191 18.34 12.97 14.26
N ASP B 192 17.90 14.23 14.34
CA ASP B 192 18.35 15.11 15.42
C ASP B 192 18.08 14.46 16.76
N GLN B 193 19.13 14.31 17.57
CA GLN B 193 18.93 13.69 18.88
C GLN B 193 18.25 14.64 19.87
N GLU B 194 18.22 15.93 19.56
CA GLU B 194 17.48 16.90 20.34
C GLU B 194 16.86 17.90 19.39
N VAL B 195 15.60 18.26 19.65
CA VAL B 195 14.83 19.15 18.79
C VAL B 195 14.26 20.27 19.64
N GLN B 196 13.65 21.25 18.97
CA GLN B 196 12.95 22.34 19.64
C GLN B 196 11.45 22.16 19.48
N VAL B 197 10.72 22.39 20.57
CA VAL B 197 9.26 22.47 20.55
C VAL B 197 8.91 23.84 21.07
N LEU B 198 8.48 24.73 20.18
CA LEU B 198 8.29 26.15 20.51
C LEU B 198 9.52 26.72 21.18
N GLY B 199 10.70 26.40 20.63
CA GLY B 199 11.95 26.89 21.12
C GLY B 199 12.58 26.07 22.23
N LYS B 200 11.78 25.31 22.99
CA LYS B 200 12.30 24.57 24.13
C LYS B 200 12.96 23.28 23.67
N PRO B 201 14.09 22.90 24.27
CA PRO B 201 14.80 21.69 23.83
C PRO B 201 14.12 20.42 24.33
N PHE B 202 14.00 19.45 23.41
CA PHE B 202 13.43 18.14 23.71
C PHE B 202 14.30 17.08 23.08
N THR B 203 14.78 16.13 23.88
CA THR B 203 15.40 14.95 23.29
C THR B 203 14.34 14.14 22.55
N LEU B 204 14.74 13.52 21.44
CA LEU B 204 13.76 12.95 20.51
C LEU B 204 12.91 11.86 21.17
N ASP B 205 13.47 11.15 22.15
CA ASP B 205 12.73 10.10 22.84
C ASP B 205 11.53 10.65 23.62
N GLN B 206 11.51 11.96 23.86
CA GLN B 206 10.44 12.60 24.62
C GLN B 206 9.18 12.82 23.79
N LEU B 207 9.26 12.71 22.47
CA LEU B 207 8.18 13.11 21.57
C LEU B 207 7.65 11.95 20.75
N GLU B 208 7.73 10.73 21.29
CA GLU B 208 7.32 9.55 20.53
C GLU B 208 5.92 9.05 20.88
N SER B 209 5.40 9.42 22.07
CA SER B 209 4.05 9.12 22.56
C SER B 209 3.52 7.79 22.02
N PRO B 210 4.22 6.68 22.27
CA PRO B 210 3.91 5.44 21.52
C PRO B 210 2.51 4.90 21.72
N ASN B 211 1.89 5.12 22.88
CA ASN B 211 0.60 4.50 23.15
C ASN B 211 -0.51 5.04 22.25
N PHE B 212 -0.26 6.09 21.47
CA PHE B 212 -1.22 6.50 20.45
C PHE B 212 -1.36 5.49 19.32
N ARG B 213 -0.51 4.45 19.28
CA ARG B 213 -0.74 3.34 18.37
C ARG B 213 -2.01 2.58 18.70
N TYR B 214 -2.48 2.66 19.95
CA TYR B 214 -3.72 2.02 20.34
C TYR B 214 -4.95 2.73 19.79
N VAL B 215 -4.83 4.02 19.44
CA VAL B 215 -5.94 4.72 18.81
C VAL B 215 -6.12 4.20 17.38
N SER B 216 -5.07 4.29 16.58
CA SER B 216 -5.01 3.69 15.26
C SER B 216 -3.55 3.70 14.81
N SER B 217 -3.15 2.65 14.09
CA SER B 217 -1.80 2.62 13.53
C SER B 217 -1.61 3.70 12.47
N GLU B 218 -2.69 4.17 11.85
CA GLU B 218 -2.57 5.22 10.84
C GLU B 218 -2.27 6.57 11.48
N LEU B 219 -2.96 6.90 12.58
CA LEU B 219 -2.64 8.14 13.30
C LEU B 219 -1.20 8.14 13.79
N TYR B 220 -0.77 7.02 14.38
CA TYR B 220 0.60 6.98 14.90
C TYR B 220 1.63 6.96 13.79
N ASP B 221 1.29 6.41 12.63
CA ASP B 221 2.19 6.49 11.48
C ASP B 221 2.37 7.93 11.03
N ARG B 222 1.28 8.69 10.96
CA ARG B 222 1.37 10.12 10.64
C ARG B 222 2.08 10.89 11.73
N LEU B 223 2.15 10.34 12.94
CA LEU B 223 2.82 11.00 14.04
C LEU B 223 4.33 10.91 13.95
N MET B 224 4.87 9.95 13.19
CA MET B 224 6.27 9.59 13.33
C MET B 224 7.06 9.48 12.03
N MET B 225 6.41 9.14 10.92
CA MET B 225 7.13 8.59 9.79
C MET B 225 7.48 9.60 8.69
N SER B 226 6.94 10.81 8.74
CA SER B 226 7.32 11.80 7.73
C SER B 226 8.81 12.16 7.73
N PRO B 227 9.53 12.19 8.85
CA PRO B 227 10.99 12.43 8.78
C PRO B 227 11.80 11.25 8.29
N VAL B 228 11.19 10.07 8.15
CA VAL B 228 11.90 8.88 7.72
C VAL B 228 11.62 8.56 6.26
N TYR B 229 10.35 8.55 5.87
CA TYR B 229 9.92 8.30 4.49
C TYR B 229 9.81 9.61 3.73
N PRO B 230 10.16 9.62 2.43
CA PRO B 230 10.15 10.88 1.68
C PRO B 230 8.74 11.34 1.32
N ARG B 231 8.03 11.87 2.32
CA ARG B 231 6.63 12.21 2.18
C ARG B 231 6.36 13.69 1.93
N THR B 232 7.26 14.58 2.33
CA THR B 232 7.10 16.01 2.10
C THR B 232 7.93 16.46 0.91
N VAL B 233 7.41 17.44 0.19
CA VAL B 233 8.12 18.07 -0.92
C VAL B 233 8.82 19.33 -0.43
N ASN B 234 8.82 19.54 0.88
CA ASN B 234 9.44 20.74 1.44
C ASN B 234 10.91 20.77 1.11
N PRO B 235 11.40 21.82 0.42
CA PRO B 235 12.81 21.85 0.01
C PRO B 235 13.79 22.05 1.16
N ALA B 236 13.31 22.21 2.39
CA ALA B 236 14.18 22.44 3.53
C ALA B 236 14.65 21.15 4.21
N VAL B 237 14.05 20.01 3.87
CA VAL B 237 14.40 18.74 4.51
C VAL B 237 15.55 18.09 3.74
N SER B 238 16.42 17.40 4.48
CA SER B 238 17.65 16.88 3.89
C SER B 238 17.38 15.84 2.80
N TYR B 239 16.31 15.04 2.93
CA TYR B 239 16.09 14.03 1.90
C TYR B 239 15.55 14.59 0.60
N ASN B 240 15.21 15.88 0.56
CA ASN B 240 14.91 16.53 -0.72
C ASN B 240 16.12 17.25 -1.28
N GLN B 241 17.02 17.75 -0.43
CA GLN B 241 18.24 18.39 -0.90
C GLN B 241 19.31 17.37 -1.28
N PHE B 242 19.29 16.20 -0.63
CA PHE B 242 20.27 15.14 -0.87
C PHE B 242 19.53 13.82 -1.01
N PRO B 243 18.97 13.54 -2.20
CA PRO B 243 18.14 12.35 -2.36
C PRO B 243 18.90 11.04 -2.19
N LEU B 244 20.23 11.07 -2.16
CA LEU B 244 20.99 9.83 -1.94
C LEU B 244 20.94 9.34 -0.50
N ILE B 245 20.41 10.13 0.44
CA ILE B 245 20.19 9.61 1.80
C ILE B 245 18.95 8.75 1.89
N ARG B 246 18.12 8.73 0.86
CA ARG B 246 16.90 7.93 0.89
C ARG B 246 17.24 6.46 0.77
N ARG B 247 16.68 5.65 1.67
CA ARG B 247 16.84 4.21 1.63
C ARG B 247 15.67 3.58 0.90
N ASP B 248 15.88 2.33 0.48
CA ASP B 248 14.83 1.51 -0.10
C ASP B 248 14.10 0.83 1.06
N PHE B 249 12.86 1.23 1.31
CA PHE B 249 12.05 0.68 2.38
C PHE B 249 10.99 -0.29 1.88
N SER B 250 11.22 -0.90 0.72
CA SER B 250 10.28 -1.88 0.19
C SER B 250 10.22 -3.16 1.01
N TRP B 251 11.14 -3.35 1.95
CA TRP B 251 11.10 -4.53 2.81
C TRP B 251 10.01 -4.43 3.87
N VAL B 252 9.56 -3.22 4.20
CA VAL B 252 8.57 -3.03 5.25
C VAL B 252 7.24 -3.67 4.84
N ASP B 253 6.72 -4.55 5.69
CA ASP B 253 5.45 -5.21 5.43
C ASP B 253 4.52 -5.17 6.65
N SER B 254 4.85 -4.40 7.68
CA SER B 254 4.04 -4.32 8.88
C SER B 254 3.26 -3.02 8.92
N LYS B 255 2.12 -3.05 9.60
CA LYS B 255 1.32 -1.86 9.82
C LYS B 255 1.71 -1.14 11.11
N SER B 256 2.59 -1.73 11.91
CA SER B 256 3.12 -1.09 13.11
C SER B 256 4.34 -0.25 12.72
N SER B 257 4.20 1.07 12.78
N SER B 257 4.20 1.07 12.78
CA SER B 257 5.30 1.96 12.48
CA SER B 257 5.28 1.97 12.48
C SER B 257 5.64 2.79 13.71
C SER B 257 5.64 2.80 13.71
N PRO B 258 6.93 3.14 13.90
CA PRO B 258 8.10 2.77 13.08
C PRO B 258 8.36 1.27 13.13
N PRO B 259 8.71 0.69 11.99
CA PRO B 259 8.77 -0.77 11.90
C PRO B 259 9.93 -1.34 12.69
N ASN B 260 9.73 -2.54 13.22
CA ASN B 260 10.84 -3.32 13.73
C ASN B 260 11.85 -3.54 12.62
N GLY B 261 13.13 -3.34 12.92
CA GLY B 261 14.18 -3.45 11.93
C GLY B 261 14.66 -2.13 11.37
N LEU B 262 13.94 -1.05 11.63
CA LEU B 262 14.38 0.28 11.22
C LEU B 262 15.44 0.78 12.19
N ILE B 263 16.56 1.25 11.65
CA ILE B 263 17.64 1.82 12.44
C ILE B 263 17.81 3.28 12.05
N ALA B 264 18.25 4.09 13.02
CA ALA B 264 18.54 5.48 12.77
C ALA B 264 19.79 5.88 13.55
N ILE B 265 20.54 6.82 13.01
CA ILE B 265 21.64 7.43 13.74
C ILE B 265 21.12 8.71 14.37
N LYS B 266 21.51 8.94 15.62
CA LYS B 266 21.13 10.13 16.36
C LYS B 266 22.34 11.04 16.48
N TYR B 267 22.18 12.30 16.11
CA TYR B 267 23.31 13.21 16.05
C TYR B 267 22.93 14.55 16.64
N TRP B 268 23.96 15.30 17.04
CA TRP B 268 23.77 16.66 17.51
C TRP B 268 23.49 17.58 16.32
N PRO B 269 22.32 18.22 16.24
CA PRO B 269 22.17 19.32 15.30
C PRO B 269 22.97 20.52 15.77
N ILE B 270 23.56 21.25 14.82
CA ILE B 270 24.51 22.30 15.17
C ILE B 270 23.86 23.41 15.97
N ASP B 271 22.55 23.65 15.77
CA ASP B 271 21.89 24.70 16.53
C ASP B 271 21.71 24.29 18.00
N GLN B 272 21.38 23.02 18.26
CA GLN B 272 21.24 22.58 19.64
C GLN B 272 22.59 22.34 20.29
N TYR B 273 23.60 21.90 19.52
CA TYR B 273 24.96 21.83 20.04
C TYR B 273 25.45 23.21 20.45
N TYR B 274 25.14 24.23 19.63
CA TYR B 274 25.51 25.60 19.98
C TYR B 274 24.85 26.04 21.27
N TYR B 275 23.56 25.75 21.42
CA TYR B 275 22.81 26.16 22.60
C TYR B 275 23.44 25.63 23.89
N HIS B 276 23.92 24.38 23.86
CA HIS B 276 24.42 23.73 25.07
C HIS B 276 25.88 24.04 25.35
N PHE B 277 26.72 24.10 24.32
CA PHE B 277 28.16 24.00 24.52
C PHE B 277 28.95 25.22 24.07
N ASN B 278 28.29 26.28 23.60
CA ASN B 278 29.02 27.42 23.05
C ASN B 278 29.82 28.15 24.12
N ASP B 279 29.38 28.11 25.37
CA ASP B 279 29.99 28.90 26.43
C ASP B 279 31.21 28.24 27.06
N ASP B 280 31.52 27.00 26.70
CA ASP B 280 32.69 26.31 27.23
C ASP B 280 33.08 25.18 26.29
N LEU B 281 33.30 25.51 25.01
CA LEU B 281 33.46 24.50 23.96
C LEU B 281 34.59 23.53 24.29
N GLU B 282 35.77 24.06 24.61
CA GLU B 282 36.94 23.20 24.81
C GLU B 282 36.72 22.20 25.94
N ASN B 283 36.13 22.65 27.05
CA ASN B 283 35.83 21.73 28.15
C ASN B 283 34.78 20.70 27.73
N TYR B 284 33.74 21.14 27.03
CA TYR B 284 32.69 20.23 26.59
C TYR B 284 33.21 19.22 25.57
N ILE B 285 34.10 19.66 24.68
CA ILE B 285 34.69 18.74 23.71
C ILE B 285 35.55 17.70 24.42
N SER B 286 36.36 18.13 25.40
CA SER B 286 37.19 17.19 26.13
C SER B 286 36.36 16.20 26.93
N LYS B 287 35.17 16.62 27.40
CA LYS B 287 34.29 15.71 28.11
C LYS B 287 33.67 14.66 27.18
N GLY B 288 33.62 14.93 25.88
CA GLY B 288 33.12 13.96 24.93
C GLY B 288 31.94 14.44 24.11
N TYR B 289 31.59 15.72 24.23
CA TYR B 289 30.47 16.29 23.48
C TYR B 289 31.00 16.82 22.16
N LEU B 290 30.86 16.02 21.11
CA LEU B 290 31.42 16.33 19.81
C LEU B 290 30.32 16.65 18.82
N LEU B 291 30.52 17.69 18.03
CA LEU B 291 29.57 18.05 16.99
C LEU B 291 29.63 17.01 15.88
N ASN B 292 28.51 16.34 15.64
CA ASN B 292 28.42 15.28 14.65
C ASN B 292 27.23 15.53 13.74
N ASP B 293 27.02 16.79 13.37
CA ASP B 293 25.88 17.16 12.54
C ASP B 293 26.13 16.73 11.11
N ILE B 294 25.66 15.52 10.75
CA ILE B 294 25.81 15.01 9.39
C ILE B 294 25.06 15.91 8.40
N ALA B 295 23.97 16.54 8.84
CA ALA B 295 23.26 17.46 7.96
C ALA B 295 24.07 18.72 7.69
N MET B 296 24.84 19.18 8.68
CA MET B 296 25.73 20.31 8.47
C MET B 296 26.91 19.95 7.58
N TRP B 297 27.40 18.70 7.67
CA TRP B 297 28.51 18.28 6.83
C TRP B 297 28.09 18.19 5.37
N LEU B 298 26.85 17.75 5.11
CA LEU B 298 26.34 17.73 3.75
C LEU B 298 26.10 19.15 3.25
N HIS B 299 25.64 20.04 4.13
CA HIS B 299 25.38 21.43 3.75
C HIS B 299 26.68 22.12 3.32
N THR B 300 27.76 21.93 4.08
CA THR B 300 29.03 22.58 3.79
C THR B 300 29.89 21.82 2.81
N GLY B 301 29.52 20.59 2.47
CA GLY B 301 30.31 19.80 1.54
C GLY B 301 31.49 19.08 2.15
N LYS B 302 31.64 19.13 3.47
CA LYS B 302 32.73 18.40 4.12
C LYS B 302 32.50 16.90 4.05
N VAL B 303 31.24 16.48 3.95
CA VAL B 303 30.86 15.12 3.59
C VAL B 303 30.05 15.21 2.30
N ILE B 304 30.39 14.37 1.33
CA ILE B 304 29.58 14.27 0.11
C ILE B 304 29.05 12.85 0.00
N LEU B 305 27.87 12.73 -0.59
CA LEU B 305 27.25 11.45 -0.88
C LEU B 305 27.44 11.13 -2.36
N VAL B 306 27.92 9.92 -2.63
CA VAL B 306 28.10 9.46 -4.01
C VAL B 306 27.30 8.18 -4.20
N PRO B 307 26.88 7.85 -5.42
CA PRO B 307 26.16 6.59 -5.64
C PRO B 307 27.00 5.39 -5.21
N SER B 308 26.30 4.34 -4.76
CA SER B 308 26.97 3.18 -4.20
C SER B 308 27.85 2.46 -5.22
N ASP B 309 27.52 2.59 -6.51
CA ASP B 309 28.30 1.94 -7.57
C ASP B 309 29.52 2.75 -8.00
N THR B 310 29.84 3.84 -7.30
CA THR B 310 30.98 4.67 -7.66
C THR B 310 32.26 3.85 -7.64
N PRO B 311 33.04 3.81 -8.72
CA PRO B 311 34.14 2.85 -8.81
C PRO B 311 35.31 3.24 -7.92
N ILE B 312 35.84 2.26 -7.19
CA ILE B 312 37.01 2.42 -6.33
C ILE B 312 38.12 1.52 -6.86
N ASN B 313 39.31 2.09 -7.00
CA ASN B 313 40.52 1.34 -7.33
C ASN B 313 41.28 1.15 -6.02
N PHE B 314 41.16 -0.04 -5.42
CA PHE B 314 41.78 -0.29 -4.13
C PHE B 314 43.28 -0.48 -4.23
N ASP B 315 43.80 -0.81 -5.43
CA ASP B 315 45.25 -0.94 -5.59
C ASP B 315 45.90 0.44 -5.63
N LYS B 316 45.34 1.35 -6.42
CA LYS B 316 45.86 2.71 -6.51
C LYS B 316 45.28 3.64 -5.44
N LYS B 317 44.30 3.15 -4.67
CA LYS B 317 43.63 3.93 -3.63
C LYS B 317 43.08 5.24 -4.21
N THR B 318 42.24 5.07 -5.24
CA THR B 318 41.55 6.18 -5.88
C THR B 318 40.06 5.88 -5.96
N ILE B 319 39.26 6.94 -6.02
CA ILE B 319 37.84 6.83 -6.27
C ILE B 319 37.48 7.80 -7.39
N THR B 320 36.76 7.32 -8.39
CA THR B 320 36.48 8.07 -9.60
C THR B 320 35.06 8.62 -9.52
N TYR B 321 34.95 9.94 -9.39
CA TYR B 321 33.67 10.62 -9.29
C TYR B 321 33.80 12.01 -9.88
N ALA B 322 32.78 12.43 -10.62
CA ALA B 322 32.75 13.75 -11.26
C ALA B 322 33.92 13.93 -12.23
N GLY B 323 34.26 12.86 -12.94
CA GLY B 323 35.39 12.91 -13.85
C GLY B 323 36.73 13.09 -13.19
N ILE B 324 36.81 12.89 -11.88
CA ILE B 324 38.03 13.11 -11.11
C ILE B 324 38.44 11.79 -10.49
N GLU B 325 39.71 11.43 -10.63
CA GLU B 325 40.27 10.26 -9.96
C GLU B 325 40.85 10.73 -8.63
N ARG B 326 40.00 10.75 -7.61
CA ARG B 326 40.36 11.26 -6.30
C ARG B 326 41.07 10.17 -5.51
N SER B 327 42.33 10.41 -5.16
CA SER B 327 43.03 9.47 -4.28
C SER B 327 42.53 9.63 -2.85
N PHE B 328 42.40 8.52 -2.14
CA PHE B 328 41.93 8.54 -0.77
C PHE B 328 42.95 7.88 0.16
N HIS B 329 42.93 8.31 1.41
CA HIS B 329 43.87 7.85 2.42
C HIS B 329 43.42 6.56 3.10
N GLN B 330 42.12 6.41 3.34
CA GLN B 330 41.65 5.23 4.06
C GLN B 330 40.21 4.92 3.67
N TYR B 331 39.91 3.63 3.53
CA TYR B 331 38.58 3.14 3.25
C TYR B 331 38.02 2.49 4.51
N VAL B 332 36.79 2.85 4.87
CA VAL B 332 36.15 2.40 6.10
C VAL B 332 34.84 1.71 5.75
N LYS B 333 34.76 0.42 6.05
CA LYS B 333 33.53 -0.34 5.90
C LYS B 333 33.19 -0.96 7.25
N GLY B 334 32.06 -0.55 7.82
CA GLY B 334 31.62 -1.14 9.07
C GLY B 334 31.13 -2.56 8.89
N ASP B 335 31.11 -3.29 10.01
CA ASP B 335 30.72 -4.70 10.00
C ASP B 335 29.39 -4.86 10.73
N ALA B 336 28.90 -6.10 10.74
CA ALA B 336 27.65 -6.46 11.40
C ALA B 336 27.93 -7.03 12.77
N GLU B 337 27.30 -6.47 13.79
CA GLU B 337 27.42 -6.98 15.14
C GLU B 337 26.81 -8.37 15.25
N GLN B 338 27.51 -9.26 15.96
CA GLN B 338 26.98 -10.59 16.24
C GLN B 338 27.03 -10.83 17.75
N PRO B 339 26.01 -11.48 18.31
CA PRO B 339 26.00 -11.74 19.76
C PRO B 339 27.14 -12.65 20.18
N ARG B 340 27.72 -12.37 21.35
CA ARG B 340 28.80 -13.17 21.92
C ARG B 340 28.20 -14.45 22.53
N LEU B 341 27.76 -15.34 21.65
CA LEU B 341 27.13 -16.49 22.29
C LEU B 341 28.08 -17.67 22.37
N PRO B 342 28.16 -18.33 23.52
CA PRO B 342 28.91 -19.59 23.59
C PRO B 342 28.15 -20.70 22.86
N THR B 343 28.83 -21.84 22.71
CA THR B 343 28.17 -23.01 22.14
C THR B 343 27.04 -23.46 23.05
N ILE B 344 25.85 -23.60 22.47
CA ILE B 344 24.67 -24.06 23.19
C ILE B 344 24.14 -25.30 22.47
N LEU B 345 24.01 -26.40 23.20
CA LEU B 345 23.63 -27.68 22.62
C LEU B 345 22.22 -28.06 23.06
N ILE B 346 21.32 -28.21 22.10
CA ILE B 346 19.96 -28.64 22.38
C ILE B 346 19.98 -30.12 22.75
N ASN B 347 19.39 -30.45 23.91
CA ASN B 347 19.42 -31.80 24.46
C ASN B 347 20.86 -32.31 24.63
N GLY B 348 21.79 -31.37 24.80
CA GLY B 348 23.21 -31.71 24.87
C GLY B 348 23.81 -32.26 23.60
N GLU B 349 23.11 -32.15 22.46
CA GLU B 349 23.55 -32.76 21.21
C GLU B 349 23.61 -31.76 20.06
N THR B 350 22.50 -31.10 19.79
CA THR B 350 22.35 -30.32 18.55
C THR B 350 22.75 -28.87 18.79
N PRO B 351 23.71 -28.34 18.05
CA PRO B 351 24.10 -26.94 18.22
C PRO B 351 22.93 -26.00 17.96
N PHE B 352 22.68 -25.11 18.92
CA PHE B 352 21.63 -24.11 18.80
C PHE B 352 22.06 -22.97 17.90
N GLU B 353 21.15 -22.54 17.01
CA GLU B 353 21.41 -21.46 16.08
C GLU B 353 20.51 -20.28 16.42
N TYR B 354 21.13 -19.14 16.77
CA TYR B 354 20.37 -18.00 17.24
C TYR B 354 19.63 -17.31 16.09
N LEU B 355 18.36 -17.01 16.33
CA LEU B 355 17.55 -16.22 15.42
CA LEU B 355 17.53 -16.23 15.42
C LEU B 355 16.63 -15.34 16.26
N TYR B 356 16.64 -14.04 15.99
CA TYR B 356 15.85 -13.12 16.80
C TYR B 356 14.36 -13.41 16.69
N ARG B 357 13.87 -13.64 15.47
CA ARG B 357 12.45 -13.87 15.26
C ARG B 357 12.00 -15.25 15.75
N ASP B 358 12.92 -16.14 16.09
CA ASP B 358 12.57 -17.43 16.67
C ASP B 358 12.61 -17.41 18.20
N THR B 359 12.83 -16.24 18.79
CA THR B 359 12.71 -16.04 20.22
C THR B 359 11.47 -15.20 20.51
N PHE B 360 10.98 -15.28 21.74
CA PHE B 360 9.86 -14.47 22.18
C PHE B 360 10.41 -13.23 22.88
N MET B 361 10.08 -12.05 22.34
CA MET B 361 10.51 -10.76 22.84
C MET B 361 12.02 -10.62 22.88
N GLY B 362 12.73 -11.38 22.06
CA GLY B 362 14.18 -11.38 22.09
C GLY B 362 14.80 -12.03 23.31
N VAL B 363 13.99 -12.71 24.13
CA VAL B 363 14.41 -13.22 25.43
C VAL B 363 14.39 -14.73 25.47
N ILE B 364 13.30 -15.35 25.02
CA ILE B 364 13.07 -16.77 25.20
C ILE B 364 13.29 -17.52 23.88
N PRO B 365 14.44 -18.17 23.68
CA PRO B 365 14.59 -19.06 22.53
C PRO B 365 13.72 -20.30 22.71
N GLN B 366 12.86 -20.57 21.73
CA GLN B 366 11.90 -21.65 21.88
C GLN B 366 12.50 -23.02 21.60
N ARG B 367 13.75 -23.10 21.14
CA ARG B 367 14.41 -24.39 20.99
C ARG B 367 15.02 -24.88 22.30
N LEU B 368 15.20 -24.01 23.29
CA LEU B 368 15.85 -24.33 24.54
C LEU B 368 14.86 -24.27 25.69
N ASN B 369 15.29 -24.75 26.85
CA ASN B 369 14.48 -24.78 28.06
C ASN B 369 15.20 -24.03 29.17
N ASN B 370 14.51 -23.04 29.74
CA ASN B 370 15.01 -22.27 30.89
C ASN B 370 16.32 -21.55 30.56
N ILE B 371 16.48 -21.11 29.31
CA ILE B 371 17.58 -20.26 28.89
C ILE B 371 17.01 -18.96 28.37
N TYR B 372 17.53 -17.83 28.87
CA TYR B 372 16.98 -16.53 28.56
C TYR B 372 18.09 -15.61 28.04
N PHE B 373 17.74 -14.79 27.05
CA PHE B 373 18.68 -13.84 26.45
C PHE B 373 18.37 -12.44 26.96
N LEU B 374 19.39 -11.76 27.48
CA LEU B 374 19.23 -10.43 28.07
C LEU B 374 20.23 -9.48 27.42
N GLY B 375 19.72 -8.45 26.75
CA GLY B 375 20.56 -7.44 26.15
C GLY B 375 20.76 -7.55 24.65
N TYR B 376 20.00 -8.39 23.96
CA TYR B 376 20.14 -8.58 22.53
C TYR B 376 19.04 -7.89 21.72
N THR B 377 18.09 -7.25 22.39
CA THR B 377 17.13 -6.37 21.72
C THR B 377 17.69 -4.96 21.71
N ARG B 378 17.63 -4.29 20.56
N ARG B 378 17.64 -4.30 20.56
CA ARG B 378 18.18 -2.95 20.49
CA ARG B 378 18.18 -2.95 20.50
C ARG B 378 17.05 -1.93 20.39
C ARG B 378 17.06 -1.92 20.39
N PRO B 379 17.18 -0.78 21.06
CA PRO B 379 16.17 0.26 20.93
C PRO B 379 16.34 1.06 19.64
N PHE B 380 15.23 1.34 18.98
CA PHE B 380 15.27 2.21 17.80
C PHE B 380 15.76 3.60 18.17
N THR B 381 15.25 4.15 19.26
CA THR B 381 15.74 5.39 19.84
C THR B 381 15.88 5.19 21.35
N GLY B 382 16.65 6.07 21.97
CA GLY B 382 16.86 5.98 23.40
C GLY B 382 17.90 4.95 23.76
N GLY B 383 18.08 4.77 25.08
CA GLY B 383 19.12 3.91 25.59
C GLY B 383 18.71 2.46 25.71
N LEU B 384 19.73 1.61 25.85
CA LEU B 384 19.50 0.19 26.04
C LEU B 384 18.82 -0.09 27.38
N ALA B 385 19.00 0.81 28.37
CA ALA B 385 18.46 0.60 29.70
C ALA B 385 16.96 0.32 29.69
N ASN B 386 16.20 1.07 28.88
CA ASN B 386 14.76 0.83 28.79
C ASN B 386 14.47 -0.60 28.38
N ILE B 387 15.27 -1.15 27.46
CA ILE B 387 15.04 -2.51 26.99
C ILE B 387 15.46 -3.53 28.03
N THR B 388 16.69 -3.41 28.55
CA THR B 388 17.21 -4.43 29.46
C THR B 388 16.54 -4.38 30.83
N GLU B 389 16.05 -3.21 31.25
CA GLU B 389 15.33 -3.16 32.52
C GLU B 389 14.00 -3.90 32.43
N MET B 390 13.27 -3.72 31.32
CA MET B 390 12.01 -4.46 31.14
C MET B 390 12.27 -5.94 30.88
N GLN B 391 13.35 -6.26 30.15
CA GLN B 391 13.72 -7.66 29.95
C GLN B 391 14.06 -8.32 31.28
N SER B 392 14.74 -7.59 32.17
CA SER B 392 15.15 -8.17 33.44
C SER B 392 13.96 -8.47 34.34
N LEU B 393 12.93 -7.63 34.29
CA LEU B 393 11.71 -7.92 35.03
C LEU B 393 10.97 -9.11 34.43
N PHE B 394 10.98 -9.19 33.10
CA PHE B 394 10.35 -10.31 32.41
C PHE B 394 11.07 -11.62 32.75
N ILE B 395 12.40 -11.62 32.70
CA ILE B 395 13.17 -12.82 33.02
C ILE B 395 13.00 -13.20 34.49
N HIS B 396 13.05 -12.20 35.38
CA HIS B 396 12.93 -12.46 36.81
C HIS B 396 11.60 -13.11 37.15
N LYS B 397 10.51 -12.63 36.54
CA LYS B 397 9.20 -13.24 36.82
C LYS B 397 9.13 -14.66 36.28
N LEU B 398 9.73 -14.90 35.10
CA LEU B 398 9.76 -16.26 34.55
C LEU B 398 10.52 -17.20 35.47
N ILE B 399 11.57 -16.71 36.13
CA ILE B 399 12.43 -17.57 36.94
C ILE B 399 11.80 -17.86 38.28
N THR B 400 11.15 -16.86 38.89
CA THR B 400 10.69 -16.96 40.26
C THR B 400 9.24 -17.38 40.40
N GLN B 401 8.45 -17.30 39.32
CA GLN B 401 7.01 -17.63 39.38
C GLN B 401 6.67 -18.69 38.35
N PRO B 402 6.51 -19.95 38.77
CA PRO B 402 6.24 -21.01 37.79
C PRO B 402 4.91 -20.87 37.06
N GLN B 403 3.92 -20.21 37.67
N GLN B 403 3.92 -20.21 37.67
CA GLN B 403 2.65 -19.99 36.98
CA GLN B 403 2.66 -20.00 36.97
C GLN B 403 2.80 -19.00 35.84
C GLN B 403 2.82 -19.02 35.82
N PHE B 404 3.76 -18.08 35.95
CA PHE B 404 4.02 -17.14 34.85
C PHE B 404 4.90 -17.80 33.79
N HIS B 405 5.91 -18.57 34.23
CA HIS B 405 6.69 -19.38 33.30
C HIS B 405 5.78 -20.28 32.46
N GLN B 406 4.84 -20.96 33.12
CA GLN B 406 3.90 -21.82 32.40
C GLN B 406 3.01 -21.02 31.45
N LYS B 407 2.51 -19.88 31.92
CA LYS B 407 1.57 -19.10 31.11
C LYS B 407 2.23 -18.56 29.84
N ILE B 408 3.52 -18.27 29.89
CA ILE B 408 4.22 -17.75 28.71
C ILE B 408 4.62 -18.88 27.79
N HIS B 409 5.09 -20.01 28.34
CA HIS B 409 5.65 -21.10 27.55
C HIS B 409 4.59 -22.06 27.00
N GLN B 410 3.39 -22.08 27.59
CA GLN B 410 2.37 -23.03 27.16
C GLN B 410 2.00 -22.86 25.69
N ASN B 411 2.03 -21.62 25.19
CA ASN B 411 1.73 -21.32 23.78
C ASN B 411 2.84 -20.47 23.19
N LEU B 412 4.08 -20.76 23.57
CA LEU B 412 5.22 -19.93 23.16
C LEU B 412 5.30 -19.78 21.65
N SER B 413 5.20 -20.89 20.92
CA SER B 413 5.27 -20.83 19.46
C SER B 413 4.14 -19.99 18.88
N LYS B 414 2.96 -20.03 19.50
CA LYS B 414 1.85 -19.22 19.02
C LYS B 414 2.07 -17.74 19.32
N ARG B 415 2.70 -17.43 20.46
CA ARG B 415 3.03 -16.04 20.79
C ARG B 415 4.06 -15.48 19.83
N ILE B 416 5.06 -16.29 19.46
CA ILE B 416 6.10 -15.84 18.56
C ILE B 416 5.53 -15.62 17.16
N THR B 417 4.65 -16.52 16.71
CA THR B 417 4.02 -16.35 15.40
C THR B 417 3.16 -15.11 15.36
N ALA B 418 2.36 -14.87 16.41
CA ALA B 418 1.51 -13.68 16.44
C ALA B 418 2.35 -12.41 16.53
N TYR B 419 3.46 -12.45 17.28
CA TYR B 419 4.36 -11.30 17.35
C TYR B 419 4.98 -10.99 15.99
N ASN B 420 5.48 -12.02 15.31
CA ASN B 420 6.13 -11.82 14.03
C ASN B 420 5.13 -11.35 12.97
N GLN B 421 3.89 -11.87 13.02
CA GLN B 421 2.87 -11.38 12.10
C GLN B 421 2.56 -9.92 12.34
N HIS B 422 2.61 -9.49 13.60
CA HIS B 422 2.27 -8.10 13.93
C HIS B 422 3.38 -7.13 13.55
N TYR B 423 4.64 -7.50 13.81
CA TYR B 423 5.75 -6.56 13.68
C TYR B 423 6.58 -6.75 12.42
N TYR B 424 6.53 -7.91 11.77
CA TYR B 424 7.31 -8.13 10.56
C TYR B 424 6.48 -8.46 9.34
N GLY B 425 5.26 -8.96 9.50
CA GLY B 425 4.46 -9.33 8.35
C GLY B 425 5.10 -10.44 7.55
N ALA B 426 5.03 -10.32 6.23
CA ALA B 426 5.61 -11.29 5.31
C ALA B 426 7.05 -10.95 4.93
N ALA B 427 7.63 -9.92 5.55
CA ALA B 427 9.02 -9.58 5.27
C ALA B 427 9.93 -10.71 5.71
N LYS B 428 10.94 -10.99 4.90
CA LYS B 428 11.90 -12.03 5.23
C LYS B 428 12.80 -11.53 6.37
N PRO B 429 13.36 -12.46 7.16
CA PRO B 429 14.19 -12.04 8.29
C PRO B 429 15.37 -11.18 7.84
N ARG B 430 15.63 -10.12 8.59
CA ARG B 430 16.70 -9.18 8.30
C ARG B 430 17.68 -9.14 9.46
N LYS B 431 18.90 -8.67 9.19
CA LYS B 431 19.92 -8.61 10.22
C LYS B 431 19.62 -7.56 11.28
N HIS B 432 18.73 -6.62 11.00
CA HIS B 432 18.36 -5.59 11.97
C HIS B 432 17.05 -5.88 12.67
N ASP B 433 16.53 -7.12 12.58
CA ASP B 433 15.25 -7.45 13.18
C ASP B 433 15.20 -7.16 14.67
N HIS B 434 16.36 -7.22 15.34
CA HIS B 434 16.40 -7.03 16.79
C HIS B 434 16.19 -5.59 17.23
N THR B 435 15.98 -4.66 16.30
CA THR B 435 15.76 -3.26 16.65
C THR B 435 14.27 -3.00 16.75
N VAL B 436 13.84 -2.48 17.90
CA VAL B 436 12.41 -2.24 18.16
C VAL B 436 12.22 -0.82 18.66
N PRO B 437 11.08 -0.19 18.37
CA PRO B 437 10.75 1.08 19.04
C PRO B 437 10.64 0.86 20.54
N PHE B 438 11.37 1.66 21.31
CA PHE B 438 11.49 1.39 22.75
C PHE B 438 10.15 1.54 23.46
N GLY B 439 9.29 2.46 23.02
CA GLY B 439 7.99 2.62 23.63
C GLY B 439 7.04 1.48 23.33
N PHE B 440 7.27 0.76 22.23
CA PHE B 440 6.48 -0.44 21.97
C PHE B 440 6.97 -1.61 22.83
N TYR B 441 8.29 -1.79 22.93
CA TYR B 441 8.83 -2.96 23.63
C TYR B 441 8.54 -2.91 25.12
N THR B 442 8.79 -1.76 25.76
CA THR B 442 8.50 -1.66 27.20
C THR B 442 7.03 -1.88 27.48
N GLU B 443 6.15 -1.36 26.61
CA GLU B 443 4.72 -1.56 26.79
C GLU B 443 4.32 -3.01 26.56
N ASP B 444 4.92 -3.67 25.57
CA ASP B 444 4.67 -5.09 25.33
C ASP B 444 5.05 -5.92 26.54
N ILE B 445 6.23 -5.66 27.11
CA ILE B 445 6.68 -6.40 28.29
C ILE B 445 5.79 -6.09 29.49
N ALA B 446 5.38 -4.83 29.63
CA ALA B 446 4.52 -4.45 30.75
C ALA B 446 3.19 -5.18 30.71
N ARG B 447 2.60 -5.31 29.51
CA ARG B 447 1.33 -6.02 29.40
C ARG B 447 1.51 -7.53 29.61
N LEU B 448 2.66 -8.08 29.25
CA LEU B 448 2.93 -9.48 29.51
C LEU B 448 3.09 -9.75 31.00
N ILE B 449 3.75 -8.83 31.71
CA ILE B 449 3.99 -9.02 33.14
C ILE B 449 2.75 -8.64 33.96
N GLY B 450 2.00 -7.63 33.50
CA GLY B 450 0.88 -7.13 34.25
C GLY B 450 1.12 -5.84 34.99
N ILE B 451 2.23 -5.15 34.70
CA ILE B 451 2.53 -3.85 35.31
C ILE B 451 2.15 -2.71 34.38
N HIS B 452 1.34 -2.98 33.35
CA HIS B 452 0.87 -1.97 32.43
C HIS B 452 -0.25 -1.14 33.05
N TYR B 453 -0.62 -0.07 32.35
CA TYR B 453 -1.76 0.74 32.73
C TYR B 453 -2.91 0.48 31.77
N GLN B 454 -4.10 0.84 32.20
CA GLN B 454 -5.29 0.65 31.38
C GLN B 454 -5.84 2.01 30.98
N PRO B 455 -6.10 2.25 29.69
CA PRO B 455 -6.62 3.55 29.28
C PRO B 455 -8.02 3.82 29.79
N ASN B 456 -8.82 2.78 30.01
CA ASN B 456 -10.18 2.95 30.53
C ASN B 456 -10.20 3.35 31.99
N GLU B 457 -9.05 3.40 32.66
CA GLU B 457 -8.98 3.76 34.06
C GLU B 457 -8.51 5.21 34.28
N CYS B 458 -8.33 5.97 33.21
CA CYS B 458 -8.05 7.39 33.33
C CYS B 458 -9.31 8.15 33.73
N ARG B 459 -9.16 9.10 34.65
CA ARG B 459 -10.27 9.90 35.13
C ARG B 459 -10.22 11.35 34.65
N SER B 460 -9.04 11.94 34.63
CA SER B 460 -8.84 13.33 34.21
C SER B 460 -8.03 13.40 32.92
N VAL B 461 -7.96 14.62 32.36
CA VAL B 461 -7.08 14.86 31.22
C VAL B 461 -5.62 14.63 31.61
N ARG B 462 -5.27 14.95 32.86
CA ARG B 462 -3.91 14.69 33.33
C ARG B 462 -3.58 13.21 33.28
N ASP B 463 -4.57 12.35 33.55
CA ASP B 463 -4.36 10.91 33.46
C ASP B 463 -4.13 10.47 32.03
N LEU B 464 -4.88 11.03 31.08
CA LEU B 464 -4.69 10.68 29.68
C LEU B 464 -3.35 11.17 29.15
N LEU B 465 -2.86 12.29 29.69
CA LEU B 465 -1.52 12.75 29.32
C LEU B 465 -0.47 11.74 29.77
N PHE B 466 -0.60 11.25 31.00
CA PHE B 466 0.36 10.28 31.52
C PHE B 466 0.30 8.98 30.74
N TYR B 467 -0.91 8.50 30.44
CA TYR B 467 -1.02 7.23 29.72
C TYR B 467 -0.45 7.35 28.31
N TYR B 468 -0.91 8.34 27.55
CA TYR B 468 -0.60 8.38 26.13
C TYR B 468 0.70 9.12 25.81
N ALA B 469 0.97 10.24 26.49
CA ALA B 469 2.06 11.14 26.10
C ALA B 469 3.33 10.96 26.91
N PHE B 470 3.22 10.58 28.18
CA PHE B 470 4.41 10.32 28.99
C PHE B 470 5.20 9.18 28.38
N PRO B 471 6.51 9.34 28.17
CA PRO B 471 7.29 8.30 27.48
C PRO B 471 7.24 6.97 28.22
N ASN B 472 7.19 5.89 27.45
CA ASN B 472 7.12 4.55 28.02
C ASN B 472 8.49 4.09 28.48
N ASN B 473 9.15 4.90 29.30
CA ASN B 473 10.39 4.48 29.92
C ASN B 473 10.12 3.35 30.90
N ALA B 474 11.18 2.61 31.24
CA ALA B 474 11.05 1.50 32.17
C ALA B 474 10.49 1.96 33.51
N PHE B 475 10.93 3.12 34.02
CA PHE B 475 10.47 3.57 35.33
C PHE B 475 9.00 3.96 35.33
N LYS B 476 8.40 4.19 34.16
CA LYS B 476 6.98 4.49 34.12
C LYS B 476 6.14 3.36 34.67
N TYR B 477 6.59 2.12 34.51
CA TYR B 477 5.86 0.94 34.95
C TYR B 477 6.31 0.44 36.31
N ARG B 478 7.14 1.20 37.03
CA ARG B 478 7.65 0.79 38.33
C ARG B 478 7.19 1.71 39.44
N LEU B 479 6.04 2.37 39.24
CA LEU B 479 5.46 3.21 40.28
C LEU B 479 4.63 2.37 41.25
N LYS B 480 3.85 1.43 40.72
CA LYS B 480 3.03 0.55 41.55
C LYS B 480 3.18 -0.88 41.04
N GLY B 481 2.78 -1.83 41.88
CA GLY B 481 2.72 -3.21 41.45
C GLY B 481 3.87 -4.08 41.93
N GLU B 482 4.08 -5.15 41.17
N GLU B 482 4.09 -5.16 41.18
CA GLU B 482 5.03 -6.20 41.56
CA GLU B 482 5.04 -6.18 41.62
C GLU B 482 6.47 -5.70 41.54
C GLU B 482 6.48 -5.70 41.54
N TYR B 483 6.80 -4.80 40.62
CA TYR B 483 8.16 -4.31 40.43
C TYR B 483 8.27 -2.82 40.70
N ALA B 484 7.61 -2.36 41.76
CA ALA B 484 7.65 -0.94 42.11
C ALA B 484 9.00 -0.58 42.72
N VAL B 485 9.50 0.58 42.34
CA VAL B 485 10.76 1.12 42.86
C VAL B 485 10.43 2.35 43.70
N ASP B 486 11.02 2.42 44.88
CA ASP B 486 10.80 3.57 45.76
C ASP B 486 11.37 4.83 45.12
N GLY B 487 10.60 5.92 45.16
CA GLY B 487 11.03 7.17 44.59
C GLY B 487 10.51 7.46 43.20
N VAL B 488 9.78 6.53 42.58
CA VAL B 488 9.31 6.75 41.22
C VAL B 488 8.20 7.79 41.19
N ASP B 489 7.42 7.92 42.27
CA ASP B 489 6.38 8.94 42.31
C ASP B 489 6.98 10.34 42.20
N GLU B 490 8.05 10.62 42.94
CA GLU B 490 8.74 11.89 42.80
C GLU B 490 9.41 12.04 41.44
N LEU B 491 9.90 10.94 40.87
CA LEU B 491 10.55 10.99 39.57
C LEU B 491 9.55 11.34 38.47
N ILE B 492 8.39 10.68 38.48
CA ILE B 492 7.35 10.98 37.50
C ILE B 492 6.87 12.41 37.65
N GLN B 493 6.74 12.88 38.90
CA GLN B 493 6.31 14.26 39.15
C GLN B 493 7.32 15.26 38.61
N LYS B 494 8.61 15.04 38.89
CA LYS B 494 9.64 15.93 38.38
C LYS B 494 9.69 15.93 36.87
N VAL B 495 9.56 14.75 36.26
CA VAL B 495 9.59 14.67 34.79
C VAL B 495 8.35 15.34 34.20
N ASN B 496 7.20 15.20 34.84
CA ASN B 496 5.99 15.87 34.37
C ASN B 496 6.14 17.39 34.45
N ASP B 497 6.69 17.90 35.56
CA ASP B 497 6.77 19.34 35.75
C ASP B 497 7.72 20.01 34.77
N LYS B 498 8.75 19.28 34.32
CA LYS B 498 9.74 19.84 33.42
C LYS B 498 9.38 19.68 31.95
N HIS B 499 8.30 18.96 31.64
CA HIS B 499 7.92 18.70 30.25
C HIS B 499 6.49 19.14 29.95
N ASP B 500 5.93 20.01 30.80
CA ASP B 500 4.55 20.49 30.65
C ASP B 500 3.57 19.32 30.58
N HIS B 501 3.87 18.26 31.33
CA HIS B 501 3.05 17.05 31.39
C HIS B 501 2.88 16.41 30.02
N TYR B 502 3.82 16.69 29.11
CA TYR B 502 3.85 16.13 27.76
C TYR B 502 2.61 16.52 26.97
N ALA B 503 2.10 17.73 27.23
CA ALA B 503 0.97 18.24 26.47
C ALA B 503 1.35 18.55 25.03
N GLN B 504 2.63 18.87 24.78
CA GLN B 504 3.04 19.26 23.43
C GLN B 504 2.96 18.09 22.45
N VAL B 505 3.40 16.90 22.84
CA VAL B 505 3.31 15.76 21.94
C VAL B 505 1.88 15.22 21.90
N PHE B 506 1.13 15.39 23.00
CA PHE B 506 -0.29 15.06 23.01
C PHE B 506 -1.05 15.93 22.02
N VAL B 507 -0.69 17.21 21.94
CA VAL B 507 -1.38 18.15 21.06
C VAL B 507 -1.06 17.86 19.59
N GLN B 508 0.12 17.30 19.31
CA GLN B 508 0.45 16.93 17.94
C GLN B 508 -0.54 15.90 17.39
N ALA B 509 -0.86 14.89 18.20
CA ALA B 509 -1.87 13.92 17.80
C ALA B 509 -3.23 14.57 17.62
N LEU B 510 -3.53 15.57 18.46
CA LEU B 510 -4.76 16.33 18.30
C LEU B 510 -4.81 17.06 16.96
N SER B 511 -3.67 17.61 16.53
CA SER B 511 -3.63 18.48 15.36
C SER B 511 -3.71 17.72 14.05
N ILE B 512 -3.32 16.45 14.03
CA ILE B 512 -3.29 15.66 12.80
C ILE B 512 -4.34 14.54 12.81
N ARG B 513 -5.31 14.61 13.72
CA ARG B 513 -6.26 13.52 13.86
C ARG B 513 -7.07 13.30 12.59
N ASN B 514 -7.37 14.36 11.83
CA ASN B 514 -8.20 14.28 10.64
C ASN B 514 -7.40 14.45 9.35
N MET B 515 -6.08 14.41 9.42
CA MET B 515 -5.23 14.58 8.25
C MET B 515 -4.91 13.22 7.64
N ASN B 516 -4.63 13.23 6.34
CA ASN B 516 -4.03 12.06 5.71
C ASN B 516 -2.51 12.15 5.84
N SER B 517 -1.81 11.11 5.40
CA SER B 517 -0.36 11.04 5.60
C SER B 517 0.35 12.20 4.91
N ASP B 518 -0.12 12.60 3.73
CA ASP B 518 0.52 13.71 3.02
C ASP B 518 0.30 15.04 3.74
N GLU B 519 -0.91 15.27 4.26
CA GLU B 519 -1.18 16.52 4.97
C GLU B 519 -0.38 16.61 6.26
N ALA B 520 -0.22 15.48 6.96
CA ALA B 520 0.56 15.50 8.19
C ALA B 520 2.04 15.72 7.91
N ALA B 521 2.53 15.18 6.80
CA ALA B 521 3.92 15.40 6.42
C ALA B 521 4.20 16.88 6.16
N GLU B 522 3.27 17.57 5.49
CA GLU B 522 3.45 18.99 5.23
C GLU B 522 3.29 19.82 6.50
N TRP B 523 2.38 19.41 7.38
CA TRP B 523 2.22 20.09 8.66
C TRP B 523 3.46 19.92 9.53
N ASP B 524 4.09 18.74 9.48
CA ASP B 524 5.31 18.51 10.25
C ASP B 524 6.40 19.49 9.86
N HIS B 525 6.50 19.82 8.57
CA HIS B 525 7.56 20.68 8.06
C HIS B 525 7.11 22.12 7.89
N SER B 526 5.91 22.47 8.37
CA SER B 526 5.44 23.84 8.41
C SER B 526 5.97 24.62 9.60
N ALA B 527 6.72 23.97 10.50
CA ALA B 527 7.28 24.65 11.65
C ALA B 527 8.48 25.49 11.27
N ARG B 528 8.73 26.54 12.07
CA ARG B 528 9.91 27.38 11.85
C ARG B 528 11.18 26.55 11.90
N ARG B 529 11.24 25.59 12.82
CA ARG B 529 12.29 24.56 12.85
C ARG B 529 11.59 23.22 13.05
N PHE B 530 11.42 22.46 11.97
CA PHE B 530 10.84 21.14 12.17
C PHE B 530 11.89 20.21 12.78
N SER B 531 11.39 19.14 13.41
CA SER B 531 12.20 18.37 14.35
C SER B 531 13.51 17.88 13.74
N PHE B 532 13.45 17.29 12.54
CA PHE B 532 14.57 16.52 12.02
C PHE B 532 15.03 17.04 10.66
N ASN B 533 16.34 17.27 10.55
CA ASN B 533 17.01 17.49 9.27
C ASN B 533 16.53 18.76 8.57
N ASP B 534 16.34 19.82 9.36
CA ASP B 534 15.97 21.12 8.83
C ASP B 534 17.22 21.81 8.32
N MET B 535 17.33 21.97 7.01
CA MET B 535 18.50 22.56 6.38
C MET B 535 18.45 24.08 6.36
N ARG B 536 17.38 24.69 6.89
CA ARG B 536 17.33 26.14 7.02
C ARG B 536 18.12 26.65 8.23
N HIS B 537 18.58 25.75 9.10
CA HIS B 537 19.28 26.16 10.31
C HIS B 537 20.71 25.62 10.31
N LYS B 538 21.41 25.80 9.20
CA LYS B 538 22.78 25.37 9.04
C LYS B 538 23.71 26.50 8.63
N GLU B 539 23.34 27.26 7.59
CA GLU B 539 24.19 28.35 7.10
C GLU B 539 24.49 29.37 8.20
N GLY B 540 23.52 29.64 9.07
CA GLY B 540 23.74 30.61 10.13
C GLY B 540 24.76 30.19 11.17
N TYR B 541 25.28 28.96 11.09
CA TYR B 541 26.23 28.44 12.06
C TYR B 541 27.60 28.17 11.46
N ARG B 542 27.92 28.78 10.32
CA ARG B 542 29.23 28.59 9.72
C ARG B 542 30.32 29.19 10.60
N ALA B 543 30.10 30.40 11.12
CA ALA B 543 31.09 31.02 11.98
C ALA B 543 31.28 30.24 13.27
N PHE B 544 30.20 29.74 13.86
CA PHE B 544 30.34 28.88 15.03
C PHE B 544 31.11 27.61 14.69
N LEU B 545 30.88 27.05 13.50
CA LEU B 545 31.61 25.84 13.10
C LEU B 545 33.11 26.11 13.05
N ASP B 546 33.51 27.28 12.53
CA ASP B 546 34.92 27.65 12.54
C ASP B 546 35.44 27.75 13.97
N THR B 547 34.65 28.37 14.86
CA THR B 547 35.02 28.42 16.27
C THR B 547 35.13 27.02 16.86
N TYR B 548 34.23 26.12 16.46
CA TYR B 548 34.28 24.75 16.96
C TYR B 548 35.55 24.04 16.50
N LEU B 549 35.88 24.17 15.21
CA LEU B 549 37.05 23.48 14.68
C LEU B 549 38.33 23.96 15.36
N LYS B 550 38.42 25.26 15.65
CA LYS B 550 39.58 25.76 16.39
C LYS B 550 39.63 25.20 17.80
N ALA B 551 38.48 25.17 18.48
CA ALA B 551 38.44 24.62 19.83
C ALA B 551 38.77 23.14 19.84
N TYR B 552 38.30 22.40 18.82
CA TYR B 552 38.60 20.97 18.74
C TYR B 552 40.10 20.73 18.59
N ARG B 553 40.74 21.46 17.68
CA ARG B 553 42.17 21.25 17.43
C ARG B 553 43.01 21.62 18.65
N GLN B 554 42.56 22.60 19.44
CA GLN B 554 43.27 22.96 20.66
C GLN B 554 43.17 21.85 21.70
N VAL B 555 41.99 21.23 21.84
CA VAL B 555 41.81 20.16 22.80
C VAL B 555 42.67 18.95 22.42
N GLU B 556 42.73 18.62 21.14
CA GLU B 556 43.48 17.47 20.66
C GLU B 556 44.94 17.79 20.36
N ASN B 557 45.37 19.03 20.61
CA ASN B 557 46.76 19.45 20.41
C ASN B 557 47.22 19.22 18.98
N ILE B 558 46.38 19.62 18.03
CA ILE B 558 46.65 19.44 16.60
C ILE B 558 46.87 20.81 15.98
N SER B 559 47.82 20.88 15.05
CA SER B 559 48.00 22.04 14.19
C SER B 559 47.61 21.61 12.78
N VAL B 560 46.65 22.31 12.18
CA VAL B 560 46.08 21.93 10.90
C VAL B 560 46.25 23.10 9.94
N ASP B 561 46.95 22.85 8.83
CA ASP B 561 47.13 23.84 7.77
C ASP B 561 45.87 23.87 6.91
N ASP B 562 45.05 24.90 7.10
CA ASP B 562 43.90 25.14 6.25
C ASP B 562 44.13 26.28 5.26
N THR B 563 45.40 26.59 4.96
CA THR B 563 45.76 27.60 3.98
C THR B 563 45.91 27.00 2.58
N VAL B 564 45.38 25.82 2.35
CA VAL B 564 45.50 25.11 1.08
C VAL B 564 44.09 24.86 0.54
N VAL B 565 43.78 25.46 -0.60
CA VAL B 565 42.46 25.32 -1.19
C VAL B 565 42.40 24.01 -1.98
N ASP B 566 41.37 23.21 -1.72
CA ASP B 566 41.17 21.94 -2.42
C ASP B 566 40.13 22.17 -3.50
N GLU B 567 40.57 22.74 -4.63
CA GLU B 567 39.64 23.01 -5.73
C GLU B 567 39.11 21.72 -6.33
N GLU B 568 39.89 20.65 -6.30
CA GLU B 568 39.42 19.35 -6.78
C GLU B 568 38.22 18.88 -5.96
N TRP B 569 38.28 19.06 -4.64
CA TRP B 569 37.16 18.70 -3.79
C TRP B 569 35.95 19.61 -4.04
N ASN B 570 36.18 20.91 -4.19
CA ASN B 570 35.08 21.84 -4.46
C ASN B 570 34.34 21.46 -5.74
N PHE B 571 35.07 20.94 -6.74
CA PHE B 571 34.45 20.48 -7.97
C PHE B 571 33.56 19.27 -7.71
N MET B 572 34.00 18.36 -6.84
CA MET B 572 33.19 17.18 -6.52
C MET B 572 31.98 17.54 -5.67
N VAL B 573 32.10 18.55 -4.82
CA VAL B 573 30.96 19.00 -4.03
C VAL B 573 29.89 19.61 -4.92
N LYS B 574 30.31 20.38 -5.93
CA LYS B 574 29.36 20.95 -6.88
C LYS B 574 28.59 19.87 -7.62
N GLU B 575 29.29 18.84 -8.08
CA GLU B 575 28.64 17.72 -8.76
C GLU B 575 27.71 16.98 -7.80
N ALA B 576 28.10 16.83 -6.54
CA ALA B 576 27.32 16.05 -5.59
C ALA B 576 26.10 16.80 -5.07
N CYS B 577 26.11 18.12 -5.14
CA CYS B 577 25.05 18.94 -4.57
C CYS B 577 24.26 19.67 -5.64
N GLN B 578 24.08 19.05 -6.81
CA GLN B 578 23.32 19.69 -7.87
C GLN B 578 21.85 19.81 -7.50
N VAL B 579 21.28 18.75 -6.93
CA VAL B 579 19.88 18.81 -6.51
C VAL B 579 19.71 19.83 -5.39
N ARG B 580 20.65 19.87 -4.44
CA ARG B 580 20.60 20.84 -3.37
C ARG B 580 20.56 22.27 -3.92
N ASP B 581 21.44 22.57 -4.88
CA ASP B 581 21.48 23.90 -5.46
C ASP B 581 20.25 24.22 -6.31
N LYS B 582 19.45 23.21 -6.66
CA LYS B 582 18.21 23.47 -7.39
C LYS B 582 16.99 23.56 -6.47
N VAL B 583 16.98 22.82 -5.36
CA VAL B 583 15.79 22.82 -4.50
C VAL B 583 15.89 23.84 -3.37
N ALA B 584 17.09 24.09 -2.83
CA ALA B 584 17.23 25.07 -1.75
C ALA B 584 16.79 26.48 -2.13
N PRO B 585 17.03 26.98 -3.35
CA PRO B 585 16.46 28.29 -3.71
C PRO B 585 14.94 28.35 -3.64
N ASN B 586 14.26 27.21 -3.61
CA ASN B 586 12.80 27.18 -3.51
C ASN B 586 12.31 27.34 -2.07
N ILE B 587 13.23 27.39 -1.10
CA ILE B 587 12.82 27.62 0.29
C ILE B 587 12.28 29.04 0.41
N GLU B 588 11.08 29.17 0.93
CA GLU B 588 10.38 30.44 1.01
C GLU B 588 10.13 30.81 2.47
N GLU B 589 10.38 32.07 2.80
CA GLU B 589 10.03 32.59 4.12
C GLU B 589 8.51 32.70 4.21
N LYS B 590 7.96 32.38 5.38
CA LYS B 590 6.53 32.36 5.57
C LYS B 590 6.11 33.32 6.67
N THR B 591 4.85 33.74 6.62
CA THR B 591 4.27 34.60 7.63
C THR B 591 3.69 33.81 8.79
N HIS B 592 3.11 32.65 8.52
CA HIS B 592 2.60 31.77 9.55
C HIS B 592 3.30 30.42 9.46
N TYR B 593 3.55 29.82 10.62
CA TYR B 593 4.12 28.48 10.71
C TYR B 593 3.07 27.61 11.39
N SER B 594 2.29 26.90 10.56
CA SER B 594 1.07 26.24 11.02
C SER B 594 1.32 25.35 12.23
N LYS B 595 2.34 24.50 12.17
CA LYS B 595 2.62 23.61 13.29
C LYS B 595 2.88 24.39 14.57
N ASP B 596 3.66 25.46 14.49
CA ASP B 596 3.98 26.25 15.69
C ASP B 596 2.72 26.87 16.27
N GLU B 597 1.85 27.42 15.43
CA GLU B 597 0.63 28.05 15.92
C GLU B 597 -0.38 27.02 16.42
N ASP B 598 -0.44 25.86 15.76
CA ASP B 598 -1.37 24.82 16.20
C ASP B 598 -0.93 24.22 17.54
N VAL B 599 0.37 23.99 17.71
CA VAL B 599 0.86 23.39 18.95
C VAL B 599 0.78 24.39 20.09
N ASN B 600 1.11 25.65 19.84
CA ASN B 600 1.01 26.68 20.87
C ASN B 600 -0.44 26.86 21.33
N LYS B 601 -1.39 26.79 20.41
CA LYS B 601 -2.79 26.92 20.76
C LYS B 601 -3.26 25.70 21.56
N GLY B 602 -2.88 24.50 21.13
CA GLY B 602 -3.31 23.30 21.81
C GLY B 602 -2.76 23.16 23.22
N ILE B 603 -1.51 23.57 23.43
CA ILE B 603 -0.90 23.44 24.76
C ILE B 603 -1.67 24.26 25.78
N ARG B 604 -2.06 25.48 25.41
CA ARG B 604 -2.84 26.31 26.32
C ARG B 604 -4.20 25.68 26.63
N LEU B 605 -4.84 25.06 25.64
CA LEU B 605 -6.10 24.38 25.89
C LEU B 605 -5.93 23.22 26.87
N ILE B 606 -4.92 22.39 26.65
CA ILE B 606 -4.72 21.21 27.48
C ILE B 606 -4.35 21.61 28.90
N LEU B 607 -3.42 22.56 29.05
CA LEU B 607 -3.02 22.99 30.39
C LEU B 607 -4.13 23.72 31.12
N SER B 608 -5.15 24.20 30.39
CA SER B 608 -6.29 24.84 31.03
C SER B 608 -7.32 23.83 31.53
N ILE B 609 -7.31 22.61 30.99
CA ILE B 609 -8.26 21.57 31.40
C ILE B 609 -7.47 20.40 31.96
N LEU B 610 -6.30 20.69 32.52
CA LEU B 610 -5.38 19.66 32.98
C LEU B 610 -6.04 18.76 34.03
N ASP B 611 -6.73 19.37 34.99
CA ASP B 611 -7.35 18.65 36.09
C ASP B 611 -8.87 18.50 35.91
N SER B 612 -9.34 18.51 34.66
CA SER B 612 -10.75 18.34 34.39
C SER B 612 -11.08 16.88 34.15
N ASP B 613 -12.19 16.42 34.75
CA ASP B 613 -12.65 15.06 34.50
C ASP B 613 -13.17 14.95 33.08
N ILE B 614 -12.86 13.84 32.43
CA ILE B 614 -13.23 13.63 31.04
C ILE B 614 -14.75 13.53 30.88
N PHE B 638 -13.20 24.58 18.17
CA PHE B 638 -11.92 23.86 18.25
C PHE B 638 -11.82 23.11 19.58
N GLU B 639 -12.24 23.75 20.66
CA GLU B 639 -12.27 23.08 21.95
C GLU B 639 -13.25 21.90 21.96
N ALA B 640 -14.34 22.02 21.22
CA ALA B 640 -15.36 20.97 21.24
C ALA B 640 -14.89 19.76 20.44
N GLN B 641 -14.28 19.98 19.27
CA GLN B 641 -13.76 18.88 18.47
C GLN B 641 -12.53 18.24 19.11
N SER B 642 -11.84 18.95 19.99
CA SER B 642 -10.70 18.37 20.70
C SER B 642 -11.15 17.54 21.90
N ILE B 643 -12.19 17.98 22.60
CA ILE B 643 -12.73 17.20 23.72
C ILE B 643 -13.34 15.90 23.23
N GLU B 644 -13.93 15.90 22.03
CA GLU B 644 -14.44 14.66 21.45
C GLU B 644 -13.32 13.66 21.21
N PHE B 645 -12.17 14.14 20.73
CA PHE B 645 -11.01 13.26 20.55
C PHE B 645 -10.48 12.77 21.90
N ILE B 646 -10.53 13.63 22.92
CA ILE B 646 -10.03 13.24 24.25
C ILE B 646 -10.91 12.17 24.88
N ARG B 647 -12.23 12.25 24.67
CA ARG B 647 -13.11 11.24 25.25
C ARG B 647 -12.93 9.88 24.60
N ARG B 648 -12.75 9.85 23.28
CA ARG B 648 -12.55 8.58 22.59
C ARG B 648 -11.24 7.89 22.99
N LEU B 649 -10.31 8.63 23.62
CA LEU B 649 -9.07 8.03 24.08
C LEU B 649 -9.28 7.05 25.23
N LEU B 650 -10.43 7.13 25.92
CA LEU B 650 -10.72 6.19 27.00
C LEU B 650 -11.03 4.80 26.48
N GLN B 651 -11.40 4.67 25.20
CA GLN B 651 -11.72 3.37 24.60
C GLN B 651 -11.04 3.31 23.24
N PRO B 652 -9.73 3.07 23.22
CA PRO B 652 -9.02 2.93 21.94
C PRO B 652 -9.45 1.66 21.22
N LYS B 653 -9.53 1.75 19.89
CA LYS B 653 -10.02 0.66 19.05
C LYS B 653 -8.92 -0.22 18.49
N ASN B 654 -7.66 0.10 18.74
CA ASN B 654 -6.52 -0.68 18.26
C ASN B 654 -5.65 -1.15 19.42
N TYR B 655 -6.28 -1.56 20.52
CA TYR B 655 -5.57 -1.95 21.73
C TYR B 655 -5.12 -3.40 21.73
N GLU B 656 -5.66 -4.23 20.84
CA GLU B 656 -5.41 -5.67 20.88
C GLU B 656 -4.00 -6.01 20.42
N LEU B 657 -3.28 -6.77 21.24
CA LEU B 657 -1.98 -7.34 20.89
C LEU B 657 -2.07 -8.85 21.07
N LEU B 658 -2.06 -9.57 19.95
CA LEU B 658 -2.41 -10.99 19.97
C LEU B 658 -1.40 -11.84 20.73
N PHE B 659 -0.12 -11.49 20.67
CA PHE B 659 0.92 -12.27 21.32
C PHE B 659 0.90 -12.15 22.84
N ILE B 660 0.04 -11.31 23.40
CA ILE B 660 -0.07 -11.17 24.85
C ILE B 660 -0.91 -12.31 25.44
N ARG B 661 -1.82 -12.88 24.65
CA ARG B 661 -2.80 -13.83 25.15
C ARG B 661 -2.15 -15.19 25.41
N GLU B 662 -2.65 -15.86 26.44
CA GLU B 662 -2.25 -17.23 26.77
C GLU B 662 -3.07 -18.29 26.06
N SER B 663 -3.96 -17.90 25.15
CA SER B 663 -4.85 -18.85 24.49
C SER B 663 -4.14 -19.62 23.38
PA FAD C . -22.47 -18.71 -26.75
O1A FAD C . -23.35 -18.53 -25.57
O2A FAD C . -22.89 -17.90 -27.98
O5B FAD C . -22.36 -20.24 -27.07
C5B FAD C . -21.65 -20.71 -28.23
C4B FAD C . -22.29 -22.01 -28.69
O4B FAD C . -21.48 -23.13 -28.27
C3B FAD C . -23.70 -22.25 -28.17
O3B FAD C . -24.65 -22.24 -29.23
C2B FAD C . -23.61 -23.64 -27.49
O2B FAD C . -24.74 -24.44 -27.79
C1B FAD C . -22.36 -24.22 -28.11
N9A FAD C . -21.69 -25.23 -27.29
C8A FAD C . -21.40 -25.16 -25.95
N7A FAD C . -20.81 -26.23 -25.47
C5A FAD C . -20.69 -27.06 -26.57
C6A FAD C . -20.15 -28.35 -26.74
N6A FAD C . -19.60 -29.06 -25.75
N1A FAD C . -20.20 -28.90 -27.97
C2A FAD C . -20.75 -28.21 -28.97
N3A FAD C . -21.30 -26.98 -28.93
C4A FAD C . -21.23 -26.47 -27.70
N1 FAD C . -22.02 -9.20 -24.06
C2 FAD C . -21.85 -7.91 -24.47
O2 FAD C . -20.81 -7.55 -25.03
N3 FAD C . -22.85 -6.98 -24.25
C4 FAD C . -24.06 -7.22 -23.64
O4 FAD C . -24.88 -6.31 -23.50
C4X FAD C . -24.24 -8.59 -23.22
N5 FAD C . -25.36 -8.91 -22.64
C5X FAD C . -25.54 -10.22 -22.22
C6 FAD C . -26.73 -10.57 -21.60
C7 FAD C . -26.96 -11.88 -21.17
C7M FAD C . -28.26 -12.22 -20.49
C8 FAD C . -25.97 -12.85 -21.37
C8M FAD C . -26.18 -14.27 -20.91
C9 FAD C . -24.77 -12.50 -21.99
C9A FAD C . -24.55 -11.20 -22.42
N10 FAD C . -23.35 -10.82 -23.08
C10 FAD C . -23.16 -9.51 -23.47
C1' FAD C . -22.26 -11.79 -23.28
C2' FAD C . -22.13 -12.32 -24.70
O2' FAD C . -22.55 -11.36 -25.68
C3' FAD C . -22.94 -13.62 -24.84
O3' FAD C . -22.55 -14.50 -23.79
C4' FAD C . -22.74 -14.33 -26.18
O4' FAD C . -23.51 -15.53 -26.21
C5' FAD C . -21.28 -14.62 -26.48
O5' FAD C . -20.94 -15.91 -25.92
P FAD C . -20.19 -17.00 -26.78
O1P FAD C . -20.33 -16.80 -28.28
O2P FAD C . -18.78 -17.09 -26.31
O3P FAD C . -20.98 -18.33 -26.37
C10 UV3 D . -15.41 3.79 -17.40
C12 UV3 D . -14.53 3.91 -15.18
C14 UV3 D . -14.09 10.47 -16.01
O16 UV3 D . -15.27 10.77 -15.97
C02 UV3 D . -13.52 9.68 -17.25
C03 UV3 D . -14.39 8.41 -17.45
C04 UV3 D . -14.24 7.31 -16.44
C05 UV3 D . -13.73 7.44 -15.17
C07 UV3 D . -14.29 5.27 -15.35
C08 UV3 D . -14.62 5.92 -16.59
C09 UV3 D . -15.17 5.14 -17.59
C11 UV3 D . -15.08 3.15 -16.19
N01 UV3 D . -12.12 9.32 -16.92
N06 UV3 D . -13.75 6.21 -14.51
O15 UV3 D . -13.20 10.72 -15.15
BR13 UV3 D . -14.06 3.07 -13.51
C1 EDO E . 11.58 -8.98 -26.68
O1 EDO E . 11.98 -10.08 -25.86
C2 EDO E . 10.25 -9.30 -27.36
O2 EDO E . 10.43 -10.39 -28.28
C1 EDO F . 5.70 -11.64 -28.25
O1 EDO F . 6.83 -12.50 -28.07
C2 EDO F . 5.97 -10.68 -29.40
O2 EDO F . 6.53 -9.46 -28.89
C1 EDO G . -36.65 17.87 -15.75
O1 EDO G . -37.58 17.60 -16.79
C2 EDO G . -35.24 17.96 -16.32
O2 EDO G . -35.08 19.19 -17.05
C1 EDO H . -42.16 14.82 -17.46
O1 EDO H . -42.73 13.76 -18.25
C2 EDO H . -40.76 15.12 -18.00
O2 EDO H . -40.07 16.00 -17.10
C1 PGE I . -8.45 -0.61 -2.94
O1 PGE I . -7.03 -0.73 -3.04
C2 PGE I . -8.81 0.83 -2.60
O2 PGE I . -9.26 0.91 -1.27
C3 PGE I . -10.38 1.75 -1.08
C4 PGE I . -11.64 1.01 -1.50
O4 PGE I . -11.13 -1.56 0.58
C6 PGE I . -12.33 -0.89 0.95
C5 PGE I . -12.12 0.60 0.79
O3 PGE I . -12.61 1.03 -0.46
C1 EDO J . -16.85 2.50 -2.49
O1 EDO J . -17.22 2.68 -3.87
C2 EDO J . -16.15 1.15 -2.32
O2 EDO J . -15.57 1.05 -1.01
PA FAD K . 28.81 -5.98 27.79
O1A FAD K . 28.92 -4.62 28.37
O2A FAD K . 29.79 -6.26 26.64
O5B FAD K . 28.97 -7.06 28.92
C5B FAD K . 29.10 -8.46 28.61
C4B FAD K . 30.18 -9.03 29.48
O4B FAD K . 30.15 -10.48 29.42
C3B FAD K . 31.61 -8.61 29.11
O3B FAD K . 32.36 -8.30 30.27
C2B FAD K . 32.15 -9.84 28.38
O2B FAD K . 33.56 -9.97 28.52
C1B FAD K . 31.44 -10.97 29.13
N9A FAD K . 31.30 -12.21 28.38
C8A FAD K . 30.99 -12.35 27.05
N7A FAD K . 30.93 -13.59 26.64
C5A FAD K . 31.23 -14.32 27.78
C6A FAD K . 31.34 -15.71 28.01
N6A FAD K . 31.14 -16.64 27.07
N1A FAD K . 31.65 -16.11 29.26
C2A FAD K . 31.84 -15.19 30.21
N3A FAD K . 31.77 -13.86 30.10
C4A FAD K . 31.46 -13.48 28.85
N1 FAD K . 23.90 1.88 24.43
C2 FAD K . 23.10 2.94 24.78
O2 FAD K . 22.02 2.77 25.35
N3 FAD K . 23.52 4.23 24.49
C4 FAD K . 24.69 4.59 23.87
O4 FAD K . 24.95 5.77 23.67
C4X FAD K . 25.53 3.46 23.50
N5 FAD K . 26.66 3.71 22.91
C5X FAD K . 27.45 2.63 22.55
C6 FAD K . 28.67 2.88 21.92
C7 FAD K . 29.51 1.85 21.55
C7M FAD K . 30.81 2.15 20.86
C8 FAD K . 29.12 0.51 21.81
C8M FAD K . 30.01 -0.64 21.41
C9 FAD K . 27.92 0.26 22.44
C9A FAD K . 27.08 1.30 22.81
N10 FAD K . 25.85 1.08 23.48
C10 FAD K . 25.04 2.14 23.82
C1' FAD K . 25.38 -0.29 23.76
C2' FAD K . 25.55 -0.72 25.21
O2' FAD K . 25.56 0.40 26.10
C3' FAD K . 26.85 -1.51 25.35
O3' FAD K . 26.96 -2.40 24.25
C4' FAD K . 26.89 -2.35 26.63
O4' FAD K . 28.25 -2.65 26.96
C5' FAD K . 26.08 -3.62 26.50
O5' FAD K . 25.98 -4.24 27.79
P FAD K . 25.99 -5.81 27.94
O1P FAD K . 24.84 -6.39 27.10
O2P FAD K . 26.00 -6.21 29.36
O3P FAD K . 27.34 -6.24 27.24
C10 UV3 L . 11.72 9.69 17.40
C12 UV3 L . 10.99 9.34 15.17
C14 UV3 L . 7.62 15.06 15.63
O16 UV3 L . 6.77 14.79 14.71
C02 UV3 L . 7.43 14.13 16.90
C03 UV3 L . 8.78 13.41 17.17
C04 UV3 L . 9.17 12.31 16.23
C05 UV3 L . 8.71 12.15 14.93
C07 UV3 L . 10.16 10.46 15.26
C08 UV3 L . 10.11 11.23 16.46
C09 UV3 L . 10.91 10.82 17.52
C11 UV3 L . 11.77 8.95 16.22
N01 UV3 L . 6.36 13.15 16.56
N06 UV3 L . 9.31 11.03 14.34
O15 UV3 L . 8.48 15.90 15.60
BR13 UV3 L . 11.03 8.31 13.52
C1 PEG M . 6.54 2.92 2.91
O1 PEG M . 7.04 1.78 3.62
C2 PEG M . 7.64 3.88 2.59
O2 PEG M . 7.52 4.29 1.24
C3 PEG M . 8.47 5.29 0.86
C4 PEG M . 9.85 4.80 1.18
O4 PEG M . 10.83 5.48 0.41
C1 EDO N . 30.22 31.25 18.03
O1 EDO N . 30.98 31.17 19.23
C2 EDO N . 31.08 31.83 16.91
O2 EDO N . 30.89 33.24 16.82
C1 PEG O . 46.26 25.58 13.20
O1 PEG O . 47.20 25.89 14.22
C2 PEG O . 45.03 24.94 13.78
O2 PEG O . 43.89 25.75 13.52
C3 PEG O . 43.50 26.53 14.64
C4 PEG O . 43.17 25.64 15.79
O4 PEG O . 43.04 26.35 17.00
C1 PGE P . 13.57 16.22 -4.25
O1 PGE P . 14.92 16.50 -4.57
C2 PGE P . 12.79 17.52 -4.21
O2 PGE P . 11.42 17.26 -4.48
C3 PGE P . 10.68 16.86 -3.35
C4 PGE P . 10.14 15.46 -3.59
O4 PGE P . 9.41 11.38 -2.89
C6 PGE P . 9.31 12.75 -3.27
C5 PGE P . 9.88 13.61 -2.16
O3 PGE P . 9.55 14.96 -2.40
#